data_5T96
#
_entry.id   5T96
#
_cell.length_a   82.480
_cell.length_b   87.568
_cell.length_c   95.534
_cell.angle_alpha   97.140
_cell.angle_beta   113.500
_cell.angle_gamma   114.680
#
_symmetry.space_group_name_H-M   'P 1'
#
loop_
_entity.id
_entity.type
_entity.pdbx_description
1 polymer 'HE protein'
2 non-polymer 'MAGNESIUM ION'
3 non-polymer '4-O-acetyl-5-acetamido-3,5-dideoxy-L-glycero-alpha-D-galacto-non-2-ulopyranosonic acid'
4 non-polymer GLYCEROL
5 non-polymer 'FORMIC ACID'
6 water water
#
_entity_poly.entity_id   1
_entity_poly.type   'polypeptide(L)'
_entity_poly.pdbx_seq_one_letter_code
;RLCLRNYPDTTWIGDSRSDQSRVNPQSLDLVTEFKGVLQAKNGNGLLKQMSGRFPSDWYTPTTKYRILYLGTNDCTDGPT
DMIIPTSMTLDNAARELYLGACRGDVRVTPTFVGAAIVGLVGRTDAVTGFSVKVLTFSSPTIVVVGLNGMSGIYKVCIAA
TSGNVGGVKLINGCGYFNTPLRFDNFQGQIYVSDTFEVRGTKNKCVLLRSSSDTPLCSHIMRNVELDEYVDTPNTGGVYP
SDGFDSLHGSASVRTFLTDALTCPDIDWSRIDAASCEYDSCPKMVKDFDQTSLGNTDTLIMREVALHKEMISKLQRDITD
VKIRVDAIPPQLNQTMGRLVPR
;
_entity_poly.pdbx_strand_id   A,B,C,D,E,F
#
loop_
_chem_comp.id
_chem_comp.type
_chem_comp.name
_chem_comp.formula
79J D-saccharide, alpha linking '4-O-acetyl-5-acetamido-3,5-dideoxy-L-glycero-alpha-D-galacto-non-2-ulopyranosonic acid' 'C13 H21 N O10'
FMT non-polymer 'FORMIC ACID' 'C H2 O2'
GOL non-polymer GLYCEROL 'C3 H8 O3'
MG non-polymer 'MAGNESIUM ION' 'Mg 2'
#
# COMPACT_ATOMS: atom_id res chain seq x y z
N ARG A 1 7.99 -32.89 -13.58
CA ARG A 1 7.62 -33.67 -12.42
C ARG A 1 7.49 -32.79 -11.19
N LEU A 2 6.28 -32.65 -10.67
CA LEU A 2 6.05 -31.76 -9.54
C LEU A 2 6.44 -32.46 -8.24
N CYS A 3 7.22 -31.78 -7.43
CA CYS A 3 7.53 -32.23 -6.08
C CYS A 3 7.01 -31.20 -5.10
N LEU A 4 6.09 -31.62 -4.23
CA LEU A 4 5.53 -30.80 -3.17
C LEU A 4 6.33 -30.97 -1.89
N ARG A 5 6.50 -29.87 -1.16
CA ARG A 5 7.33 -29.89 0.04
C ARG A 5 6.63 -30.75 1.09
N ASN A 6 7.21 -31.88 1.39
CA ASN A 6 6.67 -32.83 2.36
C ASN A 6 7.64 -32.84 3.53
N TYR A 7 7.38 -31.97 4.52
CA TYR A 7 8.39 -31.61 5.50
C TYR A 7 7.71 -30.95 6.71
N PRO A 8 8.32 -31.04 7.90
CA PRO A 8 7.64 -30.58 9.14
C PRO A 8 7.40 -29.08 9.24
N ASP A 9 7.98 -28.27 8.35
CA ASP A 9 7.78 -26.82 8.36
C ASP A 9 6.68 -26.41 7.39
N THR A 10 5.81 -27.35 7.02
CA THR A 10 4.75 -27.14 6.04
C THR A 10 3.42 -27.55 6.63
N THR A 11 2.38 -26.76 6.39
CA THR A 11 1.02 -27.08 6.79
C THR A 11 0.15 -27.39 5.56
N TRP A 12 -0.51 -28.53 5.59
CA TRP A 12 -1.47 -28.90 4.55
C TRP A 12 -2.85 -28.44 4.99
N ILE A 13 -3.47 -27.57 4.20
CA ILE A 13 -4.73 -26.94 4.51
C ILE A 13 -5.77 -27.55 3.57
N GLY A 14 -6.68 -28.36 4.11
CA GLY A 14 -7.58 -29.16 3.28
C GLY A 14 -9.00 -29.25 3.81
N ASP A 15 -9.81 -30.04 3.10
CA ASP A 15 -11.20 -30.30 3.46
C ASP A 15 -11.36 -31.80 3.65
N SER A 16 -12.54 -32.38 3.39
CA SER A 16 -12.74 -33.80 3.64
C SER A 16 -11.74 -34.65 2.86
N ARG A 17 -11.35 -34.20 1.68
CA ARG A 17 -10.45 -34.98 0.85
C ARG A 17 -9.08 -35.14 1.47
N SER A 18 -8.75 -34.34 2.50
CA SER A 18 -7.49 -34.45 3.21
C SER A 18 -7.64 -34.73 4.68
N ASP A 19 -8.88 -34.95 5.16
CA ASP A 19 -9.17 -35.03 6.60
C ASP A 19 -8.91 -36.47 7.06
N GLN A 20 -7.63 -36.82 7.01
CA GLN A 20 -7.23 -38.20 7.22
C GLN A 20 -7.69 -38.70 8.57
N SER A 21 -7.81 -37.81 9.56
CA SER A 21 -8.10 -38.31 10.89
C SER A 21 -9.56 -38.68 11.06
N ARG A 22 -10.47 -38.15 10.24
CA ARG A 22 -11.89 -38.18 10.57
C ARG A 22 -12.80 -38.59 9.43
N VAL A 23 -12.26 -38.87 8.26
CA VAL A 23 -13.04 -39.15 7.05
C VAL A 23 -12.74 -40.57 6.60
N ASN A 24 -13.79 -41.28 6.17
CA ASN A 24 -13.61 -42.63 5.67
C ASN A 24 -12.53 -42.64 4.58
N PRO A 25 -11.55 -43.50 4.66
CA PRO A 25 -10.45 -43.48 3.68
C PRO A 25 -10.90 -43.55 2.22
N GLN A 26 -12.09 -44.09 1.98
CA GLN A 26 -12.59 -44.20 0.62
C GLN A 26 -12.83 -42.82 0.00
N SER A 27 -13.12 -41.81 0.82
CA SER A 27 -13.38 -40.45 0.38
C SER A 27 -12.13 -39.55 0.42
N LEU A 28 -10.97 -40.10 0.78
CA LEU A 28 -9.74 -39.32 0.81
C LEU A 28 -9.11 -39.25 -0.56
N ASP A 29 -8.55 -38.07 -0.86
CA ASP A 29 -7.62 -37.87 -1.96
C ASP A 29 -6.17 -37.87 -1.51
N LEU A 30 -5.90 -37.38 -0.30
CA LEU A 30 -4.58 -37.39 0.33
C LEU A 30 -4.43 -38.71 1.07
N VAL A 31 -3.78 -39.70 0.45
CA VAL A 31 -3.72 -41.04 1.02
C VAL A 31 -2.29 -41.46 1.30
N THR A 32 -1.37 -40.51 1.32
CA THR A 32 0.02 -40.74 1.68
C THR A 32 0.30 -39.95 2.96
N GLU A 33 1.28 -40.38 3.75
CA GLU A 33 1.54 -39.68 5.00
C GLU A 33 2.14 -38.30 4.72
N PHE A 34 1.62 -37.27 5.40
CA PHE A 34 2.16 -35.92 5.26
C PHE A 34 3.03 -35.60 6.47
N LYS A 35 4.31 -35.32 6.20
CA LYS A 35 5.30 -35.11 7.26
C LYS A 35 5.15 -33.77 7.95
N GLY A 36 4.35 -32.88 7.39
CA GLY A 36 4.04 -31.62 8.01
C GLY A 36 2.78 -31.68 8.83
N VAL A 37 2.28 -30.50 9.17
CA VAL A 37 1.08 -30.36 9.98
C VAL A 37 -0.13 -30.43 9.06
N LEU A 38 -1.09 -31.29 9.40
CA LEU A 38 -2.30 -31.45 8.61
C LEU A 38 -3.46 -30.74 9.29
N GLN A 39 -4.00 -29.71 8.63
CA GLN A 39 -5.23 -29.01 9.07
C GLN A 39 -6.29 -29.15 7.98
N ALA A 40 -7.12 -30.18 8.10
CA ALA A 40 -8.14 -30.47 7.10
C ALA A 40 -9.40 -30.95 7.79
N LYS A 41 -10.54 -30.36 7.43
CA LYS A 41 -11.82 -30.64 8.05
C LYS A 41 -12.89 -30.90 7.01
N ASN A 42 -13.55 -32.04 7.14
CA ASN A 42 -14.70 -32.38 6.31
C ASN A 42 -15.73 -31.26 6.30
N GLY A 43 -16.07 -30.76 5.10
CA GLY A 43 -17.05 -29.71 4.94
C GLY A 43 -16.54 -28.29 5.03
N ASN A 44 -15.29 -28.09 5.39
CA ASN A 44 -14.83 -26.74 5.71
C ASN A 44 -14.13 -26.07 4.52
N GLY A 45 -13.90 -24.78 4.67
CA GLY A 45 -13.26 -23.93 3.68
C GLY A 45 -12.86 -22.65 4.37
N LEU A 46 -12.20 -21.76 3.62
CA LEU A 46 -11.70 -20.52 4.25
C LEU A 46 -12.83 -19.53 4.52
N LEU A 47 -13.93 -19.61 3.76
CA LEU A 47 -15.16 -18.89 4.08
C LEU A 47 -16.00 -19.68 5.06
N LYS A 48 -16.14 -20.99 4.84
CA LYS A 48 -17.03 -21.79 5.67
C LYS A 48 -16.57 -21.87 7.10
N GLN A 49 -15.27 -21.68 7.33
CA GLN A 49 -14.77 -21.73 8.70
C GLN A 49 -15.40 -20.63 9.56
N MET A 50 -15.90 -19.57 8.94
CA MET A 50 -16.52 -18.45 9.65
C MET A 50 -18.02 -18.59 9.84
N SER A 51 -18.62 -19.67 9.32
CA SER A 51 -20.07 -19.82 9.37
C SER A 51 -20.59 -20.18 10.76
N GLY A 52 -19.79 -20.83 11.58
CA GLY A 52 -20.26 -21.41 12.83
C GLY A 52 -20.61 -22.88 12.78
N ARG A 53 -20.60 -23.50 11.61
CA ARG A 53 -20.89 -24.92 11.54
C ARG A 53 -19.81 -25.75 12.20
N PHE A 54 -18.57 -25.27 12.19
CA PHE A 54 -17.42 -26.04 12.65
C PHE A 54 -16.68 -25.15 13.65
N PRO A 55 -17.29 -24.90 14.81
CA PRO A 55 -16.78 -23.83 15.69
C PRO A 55 -15.38 -24.05 16.23
N SER A 56 -14.87 -25.28 16.25
CA SER A 56 -13.55 -25.59 16.74
C SER A 56 -12.52 -25.87 15.64
N ASP A 57 -12.87 -25.69 14.37
CA ASP A 57 -12.04 -26.14 13.25
C ASP A 57 -11.51 -25.00 12.38
N TRP A 58 -11.24 -23.84 12.95
CA TRP A 58 -10.59 -22.77 12.19
C TRP A 58 -9.18 -23.17 11.77
N TYR A 59 -8.78 -22.69 10.59
CA TYR A 59 -7.45 -22.94 10.08
C TYR A 59 -6.50 -21.95 10.72
N THR A 60 -5.39 -22.46 11.25
CA THR A 60 -4.43 -21.63 12.00
C THR A 60 -2.99 -22.08 11.69
N PRO A 61 -2.59 -22.05 10.42
CA PRO A 61 -1.19 -22.36 10.09
C PRO A 61 -0.24 -21.42 10.81
N THR A 62 0.85 -21.96 11.30
CA THR A 62 1.91 -21.16 11.87
C THR A 62 3.25 -21.42 11.24
N THR A 63 3.30 -22.23 10.21
CA THR A 63 4.55 -22.59 9.57
C THR A 63 4.89 -21.63 8.43
N LYS A 64 6.16 -21.62 8.09
CA LYS A 64 6.63 -20.85 6.96
C LYS A 64 5.91 -21.26 5.67
N TYR A 65 5.68 -22.57 5.46
CA TYR A 65 5.17 -23.08 4.19
C TYR A 65 3.78 -23.70 4.34
N ARG A 66 3.01 -23.64 3.27
CA ARG A 66 1.69 -24.22 3.23
C ARG A 66 1.44 -24.86 1.88
N ILE A 67 0.56 -25.85 1.88
CA ILE A 67 -0.03 -26.39 0.66
C ILE A 67 -1.54 -26.37 0.85
N LEU A 68 -2.26 -25.69 -0.04
CA LEU A 68 -3.71 -25.61 0.04
C LEU A 68 -4.33 -26.58 -0.94
N TYR A 69 -5.36 -27.30 -0.49
CA TYR A 69 -6.20 -28.13 -1.39
C TYR A 69 -7.64 -28.02 -0.87
N LEU A 70 -8.23 -26.84 -1.06
CA LEU A 70 -9.60 -26.62 -0.62
C LEU A 70 -10.22 -25.49 -1.44
N GLY A 71 -11.55 -25.39 -1.34
CA GLY A 71 -12.29 -24.38 -2.08
C GLY A 71 -13.69 -24.80 -2.47
N THR A 72 -13.87 -26.08 -2.79
CA THR A 72 -15.15 -26.56 -3.27
C THR A 72 -16.26 -26.24 -2.27
N ASN A 73 -15.99 -26.38 -0.97
CA ASN A 73 -17.05 -26.13 -0.01
C ASN A 73 -17.36 -24.64 0.06
N ASP A 74 -16.38 -23.79 -0.24
CA ASP A 74 -16.67 -22.37 -0.20
C ASP A 74 -17.66 -21.96 -1.27
N CYS A 75 -17.93 -22.82 -2.23
CA CYS A 75 -18.95 -22.50 -3.23
C CYS A 75 -20.37 -22.67 -2.69
N THR A 76 -20.56 -23.12 -1.43
CA THR A 76 -21.90 -23.09 -0.85
C THR A 76 -22.24 -21.73 -0.23
N ASP A 77 -21.27 -20.84 -0.09
CA ASP A 77 -21.57 -19.43 0.18
C ASP A 77 -22.20 -18.82 -1.07
N GLY A 78 -23.20 -17.98 -0.87
CA GLY A 78 -23.92 -17.39 -1.97
C GLY A 78 -24.39 -15.98 -1.68
N PRO A 79 -25.42 -15.53 -2.41
CA PRO A 79 -25.91 -14.16 -2.24
C PRO A 79 -26.26 -13.79 -0.82
N THR A 80 -26.76 -14.73 -0.03
CA THR A 80 -27.13 -14.40 1.35
C THR A 80 -25.94 -14.22 2.27
N ASP A 81 -24.74 -14.55 1.81
CA ASP A 81 -23.53 -14.34 2.59
C ASP A 81 -22.86 -13.01 2.29
N MET A 82 -23.42 -12.23 1.38
CA MET A 82 -22.93 -10.88 1.14
C MET A 82 -24.09 -9.93 0.99
N ILE A 83 -25.19 -10.19 1.72
CA ILE A 83 -26.42 -9.41 1.55
C ILE A 83 -26.52 -8.24 2.53
N ILE A 84 -25.81 -8.29 3.67
CA ILE A 84 -25.87 -7.14 4.57
C ILE A 84 -25.26 -5.92 3.88
N PRO A 85 -25.95 -4.79 3.84
CA PRO A 85 -25.39 -3.63 3.13
C PRO A 85 -24.00 -3.27 3.65
N THR A 86 -23.12 -2.95 2.71
CA THR A 86 -21.70 -2.62 2.86
C THR A 86 -20.82 -3.86 3.07
N SER A 87 -21.36 -5.07 3.10
CA SER A 87 -20.50 -6.24 3.19
C SER A 87 -19.58 -6.34 1.98
N MET A 88 -18.43 -7.01 2.17
CA MET A 88 -17.55 -7.33 1.04
C MET A 88 -18.25 -8.22 0.04
N THR A 89 -17.81 -8.18 -1.21
CA THR A 89 -18.24 -9.22 -2.12
C THR A 89 -17.53 -10.51 -1.75
N LEU A 90 -18.15 -11.61 -2.15
CA LEU A 90 -17.51 -12.90 -1.91
C LEU A 90 -16.20 -13.03 -2.69
N ASP A 91 -16.18 -12.51 -3.92
CA ASP A 91 -14.94 -12.47 -4.70
C ASP A 91 -13.82 -11.82 -3.88
N ASN A 92 -14.11 -10.66 -3.27
CA ASN A 92 -13.05 -9.95 -2.53
C ASN A 92 -12.74 -10.62 -1.19
N ALA A 93 -13.76 -11.12 -0.49
CA ALA A 93 -13.49 -11.79 0.79
C ALA A 93 -12.64 -13.04 0.57
N ALA A 94 -12.99 -13.83 -0.45
CA ALA A 94 -12.27 -15.07 -0.76
C ALA A 94 -10.82 -14.80 -1.17
N ARG A 95 -10.59 -13.76 -1.96
CA ARG A 95 -9.24 -13.39 -2.37
C ARG A 95 -8.39 -13.07 -1.15
N GLU A 96 -8.93 -12.27 -0.23
CA GLU A 96 -8.17 -11.93 0.97
C GLU A 96 -7.89 -13.15 1.84
N LEU A 97 -8.88 -14.03 2.00
CA LEU A 97 -8.70 -15.23 2.82
C LEU A 97 -7.71 -16.21 2.19
N TYR A 98 -7.81 -16.44 0.88
CA TYR A 98 -6.88 -17.36 0.25
C TYR A 98 -5.48 -16.79 0.21
N LEU A 99 -5.34 -15.47 0.05
CA LEU A 99 -4.03 -14.86 0.16
C LEU A 99 -3.45 -15.09 1.54
N GLY A 100 -4.28 -14.96 2.56
CA GLY A 100 -3.80 -15.09 3.93
C GLY A 100 -3.38 -16.50 4.29
N ALA A 101 -4.19 -17.50 3.92
CA ALA A 101 -3.78 -18.87 4.19
C ALA A 101 -2.53 -19.22 3.40
N CYS A 102 -2.40 -18.72 2.16
CA CYS A 102 -1.26 -19.05 1.32
C CYS A 102 0.02 -18.37 1.80
N ARG A 103 -0.01 -17.05 1.96
CA ARG A 103 1.16 -16.21 2.18
C ARG A 103 1.23 -15.57 3.56
N GLY A 104 0.15 -15.62 4.33
CA GLY A 104 -0.02 -14.74 5.44
C GLY A 104 0.59 -15.24 6.72
N ASP A 105 1.01 -14.27 7.54
CA ASP A 105 1.22 -14.47 8.96
C ASP A 105 -0.13 -14.22 9.60
N VAL A 106 -0.81 -15.28 9.99
CA VAL A 106 -2.23 -15.20 10.32
C VAL A 106 -2.47 -15.60 11.75
N ARG A 107 -3.61 -15.11 12.28
CA ARG A 107 -4.15 -15.53 13.57
C ARG A 107 -5.66 -15.63 13.47
N VAL A 108 -6.26 -16.38 14.40
CA VAL A 108 -7.70 -16.37 14.60
C VAL A 108 -7.98 -15.88 16.00
N THR A 109 -8.68 -14.75 16.11
CA THR A 109 -8.86 -14.07 17.38
C THR A 109 -10.30 -13.62 17.58
N PRO A 110 -10.68 -13.34 18.83
CA PRO A 110 -12.03 -12.83 19.09
C PRO A 110 -12.23 -11.46 18.45
N THR A 111 -13.38 -11.29 17.86
CA THR A 111 -13.75 -10.02 17.25
C THR A 111 -14.46 -9.15 18.27
N PHE A 112 -14.06 -7.88 18.36
CA PHE A 112 -14.74 -6.93 19.22
C PHE A 112 -16.20 -6.76 18.80
N VAL A 113 -17.10 -6.86 19.78
CA VAL A 113 -18.50 -6.49 19.60
C VAL A 113 -18.97 -5.74 20.85
N GLY A 114 -19.70 -4.65 20.64
CA GLY A 114 -20.24 -3.85 21.73
C GLY A 114 -21.49 -3.12 21.28
N ALA A 115 -22.01 -2.28 22.18
CA ALA A 115 -23.27 -1.60 21.93
C ALA A 115 -23.49 -0.54 23.03
N ALA A 116 -24.47 0.34 22.78
CA ALA A 116 -24.84 1.39 23.72
C ALA A 116 -25.62 0.85 24.91
N ILE A 117 -26.12 -0.40 24.82
CA ILE A 117 -26.72 -1.09 25.95
C ILE A 117 -26.06 -2.44 26.02
N VAL A 118 -26.22 -3.13 27.15
CA VAL A 118 -25.63 -4.46 27.32
C VAL A 118 -26.48 -5.45 26.55
N GLY A 119 -25.89 -6.17 25.62
CA GLY A 119 -26.65 -7.18 24.93
C GLY A 119 -26.68 -8.46 25.71
N LEU A 120 -27.73 -9.23 25.51
CA LEU A 120 -27.89 -10.52 26.17
C LEU A 120 -27.10 -11.59 25.39
N VAL A 121 -26.15 -12.25 26.05
CA VAL A 121 -25.36 -13.31 25.42
C VAL A 121 -26.08 -14.64 25.52
N GLY A 122 -26.24 -15.29 24.36
CA GLY A 122 -26.87 -16.59 24.30
C GLY A 122 -26.43 -17.31 23.05
N ARG A 123 -27.07 -18.45 22.79
CA ARG A 123 -26.83 -19.20 21.58
C ARG A 123 -28.19 -19.52 20.98
N THR A 124 -28.23 -19.63 19.65
CA THR A 124 -29.49 -19.93 18.98
C THR A 124 -29.19 -20.47 17.60
N ASP A 125 -30.13 -21.25 17.08
CA ASP A 125 -30.11 -21.65 15.68
C ASP A 125 -31.05 -20.79 14.84
N ALA A 126 -31.61 -19.72 15.43
CA ALA A 126 -32.60 -18.93 14.70
C ALA A 126 -31.98 -18.01 13.66
N VAL A 127 -30.70 -17.69 13.78
CA VAL A 127 -30.10 -16.74 12.86
C VAL A 127 -29.59 -17.46 11.62
N THR A 128 -28.94 -18.60 11.80
CA THR A 128 -28.33 -19.32 10.69
C THR A 128 -28.92 -20.68 10.43
N GLY A 129 -29.77 -21.20 11.31
CA GLY A 129 -30.23 -22.56 11.18
C GLY A 129 -29.46 -23.58 11.99
N PHE A 130 -28.28 -23.20 12.51
CA PHE A 130 -27.54 -24.06 13.42
C PHE A 130 -27.01 -23.18 14.57
N SER A 131 -26.56 -23.84 15.64
CA SER A 131 -26.32 -23.13 16.89
C SER A 131 -25.05 -22.29 16.80
N VAL A 132 -25.18 -20.99 17.07
CA VAL A 132 -24.06 -20.07 17.17
C VAL A 132 -24.31 -19.12 18.33
N LYS A 133 -23.24 -18.50 18.80
CA LYS A 133 -23.34 -17.44 19.80
C LYS A 133 -24.00 -16.21 19.18
N VAL A 134 -24.93 -15.60 19.93
CA VAL A 134 -25.49 -14.31 19.53
C VAL A 134 -25.60 -13.36 20.72
N LEU A 135 -25.68 -12.07 20.38
CA LEU A 135 -26.24 -11.07 21.27
C LEU A 135 -27.67 -10.80 20.87
N THR A 136 -28.56 -10.72 21.87
CA THR A 136 -29.95 -10.32 21.66
C THR A 136 -30.17 -8.93 22.24
N PHE A 137 -30.67 -8.02 21.40
CA PHE A 137 -31.03 -6.67 21.83
C PHE A 137 -32.53 -6.50 21.78
N SER A 138 -33.13 -6.18 22.93
CA SER A 138 -34.56 -6.06 23.10
C SER A 138 -35.12 -4.69 22.78
N SER A 139 -34.28 -3.69 22.59
CA SER A 139 -34.74 -2.36 22.19
C SER A 139 -33.74 -1.81 21.20
N PRO A 140 -34.12 -0.81 20.40
CA PRO A 140 -33.19 -0.37 19.35
C PRO A 140 -31.98 0.38 19.92
N THR A 141 -30.80 0.08 19.39
CA THR A 141 -29.59 0.60 20.00
C THR A 141 -28.50 0.70 18.93
N ILE A 142 -27.40 1.31 19.30
CA ILE A 142 -26.21 1.35 18.46
C ILE A 142 -25.42 0.08 18.75
N VAL A 143 -25.05 -0.63 17.70
CA VAL A 143 -24.24 -1.84 17.79
C VAL A 143 -22.95 -1.61 17.00
N VAL A 144 -21.81 -1.96 17.60
CA VAL A 144 -20.50 -1.76 16.98
C VAL A 144 -19.75 -3.07 16.91
N VAL A 145 -19.04 -3.28 15.79
CA VAL A 145 -18.27 -4.49 15.55
C VAL A 145 -16.93 -4.10 14.94
N GLY A 146 -15.86 -4.73 15.40
CA GLY A 146 -14.53 -4.47 14.89
C GLY A 146 -13.94 -3.18 15.40
N LEU A 147 -12.67 -2.97 15.10
CA LEU A 147 -11.89 -1.84 15.60
C LEU A 147 -11.06 -1.24 14.47
N ASN A 148 -10.98 0.10 14.45
CA ASN A 148 -10.09 0.81 13.55
C ASN A 148 -8.69 0.24 13.61
N GLY A 149 -8.07 0.10 12.45
CA GLY A 149 -6.72 -0.44 12.35
C GLY A 149 -6.65 -1.94 12.23
N MET A 150 -7.77 -2.64 12.33
CA MET A 150 -7.76 -4.08 12.22
C MET A 150 -7.28 -4.51 10.84
N SER A 151 -6.81 -5.75 10.77
CA SER A 151 -6.27 -6.31 9.53
C SER A 151 -6.70 -7.77 9.48
N GLY A 152 -7.86 -8.00 8.90
CA GLY A 152 -8.41 -9.33 8.83
C GLY A 152 -9.87 -9.29 8.40
N ILE A 153 -10.48 -10.46 8.43
CA ILE A 153 -11.85 -10.61 7.96
C ILE A 153 -12.66 -11.33 9.02
N TYR A 154 -13.89 -10.86 9.20
CA TYR A 154 -14.84 -11.49 10.09
C TYR A 154 -16.19 -11.56 9.39
N LYS A 155 -17.04 -12.47 9.85
CA LYS A 155 -18.39 -12.65 9.29
C LYS A 155 -19.43 -12.19 10.28
N VAL A 156 -20.50 -11.57 9.76
CA VAL A 156 -21.65 -11.15 10.54
C VAL A 156 -22.91 -11.77 9.97
N CYS A 157 -23.80 -12.24 10.84
CA CYS A 157 -25.13 -12.67 10.44
C CYS A 157 -26.15 -12.03 11.38
N ILE A 158 -27.26 -11.52 10.81
CA ILE A 158 -28.24 -10.82 11.64
C ILE A 158 -29.63 -11.39 11.40
N ALA A 159 -30.45 -11.35 12.47
CA ALA A 159 -31.89 -11.50 12.39
C ALA A 159 -32.44 -10.27 13.12
N ALA A 160 -32.55 -9.19 12.39
CA ALA A 160 -32.90 -7.90 12.97
C ALA A 160 -34.36 -7.59 12.64
N THR A 161 -35.05 -6.98 13.60
CA THR A 161 -36.38 -6.43 13.35
C THR A 161 -36.32 -4.95 13.05
N SER A 162 -35.20 -4.30 13.31
CA SER A 162 -34.98 -2.93 12.84
C SER A 162 -33.47 -2.70 12.79
N GLY A 163 -33.07 -1.71 12.04
CA GLY A 163 -31.69 -1.28 12.05
C GLY A 163 -31.23 -0.80 10.68
N ASN A 164 -30.16 -0.02 10.69
CA ASN A 164 -29.60 0.50 9.46
C ASN A 164 -28.10 0.64 9.65
N VAL A 165 -27.40 0.72 8.54
CA VAL A 165 -25.96 1.01 8.51
C VAL A 165 -25.80 2.29 7.70
N GLY A 166 -25.40 3.36 8.37
CA GLY A 166 -25.27 4.66 7.72
C GLY A 166 -26.53 5.15 7.06
N GLY A 167 -27.70 4.84 7.61
CA GLY A 167 -28.97 5.19 7.01
C GLY A 167 -29.53 4.22 5.99
N VAL A 168 -28.75 3.22 5.57
CA VAL A 168 -29.24 2.18 4.67
C VAL A 168 -29.87 1.08 5.50
N LYS A 169 -31.14 0.79 5.27
CA LYS A 169 -31.84 -0.20 6.04
C LYS A 169 -31.14 -1.54 5.91
N LEU A 170 -31.02 -2.24 7.03
CA LEU A 170 -30.36 -3.53 7.00
C LEU A 170 -31.23 -4.57 6.31
N ILE A 171 -30.57 -5.61 5.81
CA ILE A 171 -31.22 -6.77 5.20
C ILE A 171 -30.75 -8.00 5.95
N ASN A 172 -31.68 -8.85 6.37
CA ASN A 172 -31.27 -9.99 7.19
C ASN A 172 -30.54 -11.02 6.34
N GLY A 173 -29.54 -11.66 6.95
CA GLY A 173 -28.63 -12.51 6.20
C GLY A 173 -27.24 -12.25 6.73
N CYS A 174 -26.22 -12.43 5.90
CA CYS A 174 -24.84 -12.37 6.38
C CYS A 174 -24.00 -11.43 5.54
N GLY A 175 -22.81 -11.14 6.04
CA GLY A 175 -21.82 -10.41 5.27
C GLY A 175 -20.45 -10.59 5.85
N TYR A 176 -19.45 -10.36 5.00
CA TYR A 176 -18.05 -10.38 5.41
C TYR A 176 -17.53 -8.95 5.50
N PHE A 177 -16.72 -8.68 6.52
CA PHE A 177 -16.19 -7.34 6.72
C PHE A 177 -14.70 -7.42 7.07
N ASN A 178 -13.98 -6.41 6.61
CA ASN A 178 -12.58 -6.27 6.98
C ASN A 178 -12.32 -4.88 7.54
N THR A 179 -13.37 -4.18 7.96
CA THR A 179 -13.31 -2.88 8.60
C THR A 179 -14.31 -2.88 9.74
N PRO A 180 -14.17 -1.96 10.70
CA PRO A 180 -15.19 -1.86 11.75
C PRO A 180 -16.53 -1.46 11.17
N LEU A 181 -17.60 -1.83 11.87
CA LEU A 181 -18.91 -1.41 11.41
C LEU A 181 -19.73 -0.87 12.58
N ARG A 182 -20.75 -0.09 12.23
CA ARG A 182 -21.68 0.47 13.20
C ARG A 182 -23.08 0.31 12.64
N PHE A 183 -23.97 -0.33 13.42
CA PHE A 183 -25.40 -0.37 13.12
C PHE A 183 -26.15 0.58 14.05
N ASP A 184 -27.07 1.34 13.49
CA ASP A 184 -27.94 2.21 14.27
C ASP A 184 -29.34 1.64 14.30
N ASN A 185 -30.06 1.92 15.39
CA ASN A 185 -31.48 1.55 15.52
C ASN A 185 -31.65 0.04 15.46
N PHE A 186 -30.66 -0.69 15.95
CA PHE A 186 -30.61 -2.13 15.80
C PHE A 186 -31.39 -2.81 16.91
N GLN A 187 -32.30 -3.68 16.51
CA GLN A 187 -32.99 -4.55 17.45
C GLN A 187 -33.08 -5.93 16.86
N GLY A 188 -32.75 -6.93 17.67
CA GLY A 188 -32.77 -8.31 17.23
C GLY A 188 -31.52 -9.04 17.65
N GLN A 189 -31.12 -10.02 16.85
CA GLN A 189 -29.98 -10.86 17.18
C GLN A 189 -28.87 -10.68 16.17
N ILE A 190 -27.64 -10.73 16.67
CA ILE A 190 -26.44 -10.58 15.85
C ILE A 190 -25.42 -11.66 16.23
N TYR A 191 -24.95 -12.37 15.21
CA TYR A 191 -23.82 -13.30 15.26
C TYR A 191 -22.59 -12.64 14.64
N VAL A 192 -21.46 -12.76 15.32
CA VAL A 192 -20.19 -12.24 14.85
C VAL A 192 -19.14 -13.34 15.00
N SER A 193 -18.51 -13.74 13.89
CA SER A 193 -17.44 -14.73 13.98
C SER A 193 -16.15 -14.12 14.51
N ASP A 194 -15.25 -15.01 14.90
CA ASP A 194 -13.88 -14.63 15.15
C ASP A 194 -13.27 -14.01 13.89
N THR A 195 -12.17 -13.29 14.08
CA THR A 195 -11.43 -12.65 13.00
C THR A 195 -10.29 -13.54 12.53
N PHE A 196 -10.24 -13.77 11.21
CA PHE A 196 -9.09 -14.37 10.53
C PHE A 196 -8.17 -13.19 10.23
N GLU A 197 -7.19 -12.98 11.10
CA GLU A 197 -6.24 -11.88 10.97
C GLU A 197 -5.20 -12.22 9.91
N VAL A 198 -4.96 -11.27 9.00
CA VAL A 198 -3.92 -11.41 7.98
C VAL A 198 -3.00 -10.20 8.10
N ARG A 199 -1.77 -10.45 8.51
CA ARG A 199 -0.81 -9.38 8.76
C ARG A 199 0.23 -9.36 7.63
N GLY A 200 1.47 -9.66 7.91
CA GLY A 200 2.45 -9.73 6.84
C GLY A 200 2.14 -10.91 5.92
N THR A 201 2.74 -10.90 4.74
CA THR A 201 2.42 -11.92 3.73
C THR A 201 3.69 -12.43 3.03
N LYS A 202 4.72 -12.77 3.79
CA LYS A 202 5.94 -13.32 3.21
C LYS A 202 6.10 -14.81 3.49
N ASN A 203 5.05 -15.49 3.99
CA ASN A 203 5.09 -16.93 3.98
C ASN A 203 4.74 -17.41 2.56
N LYS A 204 4.84 -18.72 2.34
CA LYS A 204 4.81 -19.25 0.97
C LYS A 204 3.96 -20.50 0.86
N CYS A 205 3.31 -20.68 -0.31
CA CYS A 205 2.45 -21.83 -0.49
C CYS A 205 2.40 -22.30 -1.94
N VAL A 206 1.83 -23.49 -2.12
CA VAL A 206 1.21 -23.93 -3.35
C VAL A 206 -0.30 -23.98 -3.13
N LEU A 207 -1.06 -23.53 -4.12
CA LEU A 207 -2.51 -23.57 -4.07
C LEU A 207 -2.95 -24.58 -5.14
N LEU A 208 -3.29 -25.79 -4.68
CA LEU A 208 -3.78 -26.83 -5.57
C LEU A 208 -5.25 -26.61 -5.86
N ARG A 209 -5.61 -26.66 -7.12
CA ARG A 209 -7.01 -26.53 -7.52
C ARG A 209 -7.89 -27.49 -6.73
N SER A 210 -8.97 -26.96 -6.19
CA SER A 210 -10.05 -27.73 -5.58
C SER A 210 -11.25 -27.63 -6.51
N SER A 211 -11.63 -28.75 -7.12
CA SER A 211 -12.74 -28.76 -8.07
C SER A 211 -14.04 -29.22 -7.39
N SER A 212 -15.16 -28.68 -7.88
CA SER A 212 -16.49 -29.11 -7.46
C SER A 212 -17.10 -30.09 -8.47
N ASP A 213 -18.33 -30.53 -8.19
CA ASP A 213 -19.00 -31.41 -9.16
C ASP A 213 -19.71 -30.63 -10.24
N THR A 214 -19.73 -29.32 -10.14
CA THR A 214 -20.18 -28.41 -11.19
C THR A 214 -19.11 -27.35 -11.34
N PRO A 215 -19.23 -26.49 -12.34
CA PRO A 215 -18.25 -25.42 -12.50
C PRO A 215 -18.16 -24.58 -11.22
N LEU A 216 -16.95 -24.16 -10.91
CA LEU A 216 -16.70 -23.42 -9.67
C LEU A 216 -17.45 -22.09 -9.64
N CYS A 217 -17.91 -21.71 -8.46
CA CYS A 217 -18.40 -20.36 -8.25
C CYS A 217 -17.29 -19.35 -8.55
N SER A 218 -17.69 -18.10 -8.81
CA SER A 218 -16.73 -17.10 -9.27
C SER A 218 -15.65 -16.84 -8.22
N HIS A 219 -16.02 -16.80 -6.94
CA HIS A 219 -15.06 -16.36 -5.95
C HIS A 219 -13.98 -17.40 -5.69
N ILE A 220 -14.23 -18.67 -5.98
CA ILE A 220 -13.17 -19.68 -5.92
C ILE A 220 -12.49 -19.88 -7.27
N MET A 221 -13.25 -19.79 -8.38
CA MET A 221 -12.64 -19.84 -9.70
C MET A 221 -11.48 -18.85 -9.81
N ARG A 222 -11.63 -17.66 -9.25
CA ARG A 222 -10.61 -16.63 -9.34
C ARG A 222 -9.30 -16.99 -8.65
N ASN A 223 -9.23 -18.07 -7.85
CA ASN A 223 -7.94 -18.45 -7.30
C ASN A 223 -6.94 -18.79 -8.40
N VAL A 224 -7.43 -19.05 -9.61
CA VAL A 224 -6.55 -19.35 -10.73
C VAL A 224 -5.62 -18.19 -11.04
N GLU A 225 -5.97 -16.98 -10.58
CA GLU A 225 -5.20 -15.77 -10.84
C GLU A 225 -3.97 -15.66 -9.95
N LEU A 226 -3.86 -16.45 -8.90
CA LEU A 226 -2.73 -16.36 -7.99
C LEU A 226 -1.54 -17.11 -8.54
N ASP A 227 -0.34 -16.52 -8.41
CA ASP A 227 0.87 -17.16 -8.94
C ASP A 227 1.03 -18.58 -8.42
N GLU A 228 0.53 -18.86 -7.21
CA GLU A 228 0.74 -20.15 -6.56
C GLU A 228 -0.20 -21.25 -7.06
N TYR A 229 -1.17 -20.92 -7.90
CA TYR A 229 -2.16 -21.88 -8.35
C TYR A 229 -1.48 -22.98 -9.16
N VAL A 230 -1.86 -24.22 -8.88
CA VAL A 230 -1.42 -25.40 -9.63
C VAL A 230 -2.65 -26.24 -9.93
N ASP A 231 -2.85 -26.57 -11.21
CA ASP A 231 -3.97 -27.40 -11.63
C ASP A 231 -3.87 -28.80 -11.01
N THR A 232 -5.01 -29.38 -10.66
CA THR A 232 -5.13 -30.78 -10.28
C THR A 232 -6.10 -31.47 -11.25
N PRO A 233 -6.04 -32.81 -11.35
CA PRO A 233 -6.85 -33.52 -12.36
C PRO A 233 -8.33 -33.16 -12.31
N ASN A 234 -8.90 -32.87 -13.47
CA ASN A 234 -10.28 -32.43 -13.57
C ASN A 234 -10.76 -32.65 -14.98
N THR A 235 -12.08 -32.67 -15.14
CA THR A 235 -12.72 -32.90 -16.43
C THR A 235 -13.51 -31.63 -16.75
N GLY A 236 -12.97 -30.81 -17.64
CA GLY A 236 -13.59 -29.53 -17.95
C GLY A 236 -13.79 -28.65 -16.74
N GLY A 237 -12.89 -28.71 -15.76
CA GLY A 237 -13.02 -27.94 -14.55
C GLY A 237 -13.77 -28.61 -13.43
N VAL A 238 -14.36 -29.75 -13.69
CA VAL A 238 -15.16 -30.47 -12.72
C VAL A 238 -14.35 -31.64 -12.17
N TYR A 239 -14.67 -32.02 -10.94
CA TYR A 239 -13.99 -33.13 -10.29
C TYR A 239 -14.09 -34.39 -11.16
N PRO A 240 -13.01 -35.13 -11.33
CA PRO A 240 -13.08 -36.32 -12.21
C PRO A 240 -14.08 -37.33 -11.71
N SER A 241 -14.58 -38.15 -12.65
CA SER A 241 -15.58 -39.16 -12.35
C SER A 241 -14.97 -40.50 -12.00
N ASP A 242 -13.74 -40.53 -11.49
CA ASP A 242 -13.05 -41.78 -11.17
C ASP A 242 -12.88 -41.97 -9.67
N GLY A 243 -13.80 -41.44 -8.87
CA GLY A 243 -13.68 -41.49 -7.43
C GLY A 243 -14.74 -42.34 -6.76
N PHE A 244 -14.75 -42.27 -5.45
CA PHE A 244 -15.75 -42.98 -4.66
C PHE A 244 -17.14 -42.45 -4.96
N ASP A 245 -17.28 -41.13 -5.03
CA ASP A 245 -18.50 -40.50 -5.54
C ASP A 245 -18.06 -39.31 -6.40
N SER A 246 -19.05 -38.51 -6.83
CA SER A 246 -18.79 -37.43 -7.76
C SER A 246 -17.89 -36.36 -7.17
N LEU A 247 -17.60 -36.41 -5.85
CA LEU A 247 -16.86 -35.35 -5.20
C LEU A 247 -15.65 -35.81 -4.39
N HIS A 248 -15.38 -37.12 -4.26
CA HIS A 248 -14.34 -37.60 -3.35
C HIS A 248 -13.65 -38.85 -3.91
N GLY A 249 -12.37 -38.99 -3.55
CA GLY A 249 -11.68 -40.25 -3.71
C GLY A 249 -11.16 -40.52 -5.10
N SER A 250 -11.04 -39.48 -5.93
CA SER A 250 -10.64 -39.62 -7.32
C SER A 250 -9.33 -40.40 -7.42
N ALA A 251 -9.34 -41.48 -8.20
CA ALA A 251 -8.12 -42.26 -8.39
C ALA A 251 -7.01 -41.40 -8.96
N SER A 252 -7.33 -40.56 -9.95
CA SER A 252 -6.31 -39.74 -10.61
C SER A 252 -5.84 -38.61 -9.69
N VAL A 253 -6.73 -38.05 -8.88
CA VAL A 253 -6.23 -37.04 -7.93
C VAL A 253 -5.31 -37.70 -6.92
N ARG A 254 -5.68 -38.88 -6.41
CA ARG A 254 -4.84 -39.58 -5.44
C ARG A 254 -3.43 -39.80 -5.99
N THR A 255 -3.35 -40.26 -7.24
CA THR A 255 -2.05 -40.54 -7.88
C THR A 255 -1.24 -39.26 -8.04
N PHE A 256 -1.86 -38.19 -8.54
CA PHE A 256 -1.21 -36.88 -8.64
C PHE A 256 -0.63 -36.44 -7.29
N LEU A 257 -1.42 -36.52 -6.23
CA LEU A 257 -0.94 -36.03 -4.94
C LEU A 257 0.15 -36.94 -4.38
N THR A 258 -0.03 -38.26 -4.45
CA THR A 258 0.95 -39.17 -3.88
C THR A 258 2.29 -39.05 -4.59
N ASP A 259 2.27 -39.01 -5.92
CA ASP A 259 3.51 -38.85 -6.68
C ASP A 259 4.24 -37.57 -6.27
N ALA A 260 3.53 -36.46 -6.20
CA ALA A 260 4.18 -35.19 -5.85
C ALA A 260 4.70 -35.14 -4.41
N LEU A 261 4.16 -35.92 -3.50
CA LEU A 261 4.60 -35.89 -2.11
C LEU A 261 5.66 -36.94 -1.79
N THR A 262 6.03 -37.80 -2.74
CA THR A 262 6.99 -38.86 -2.49
C THR A 262 8.18 -38.80 -3.45
N CYS A 263 8.55 -37.62 -3.92
CA CYS A 263 9.81 -37.48 -4.64
C CYS A 263 10.95 -37.97 -3.75
N PRO A 264 11.80 -38.88 -4.21
CA PRO A 264 12.84 -39.42 -3.33
C PRO A 264 14.00 -38.46 -3.13
N ASP A 265 14.52 -38.44 -1.90
CA ASP A 265 15.84 -37.87 -1.62
C ASP A 265 15.93 -36.38 -1.94
N ILE A 266 14.85 -35.64 -1.68
CA ILE A 266 14.89 -34.19 -1.80
C ILE A 266 15.33 -33.61 -0.46
N ASP A 267 16.31 -32.72 -0.50
CA ASP A 267 16.79 -32.04 0.71
C ASP A 267 16.01 -30.72 0.83
N TRP A 268 14.81 -30.82 1.38
CA TRP A 268 13.96 -29.65 1.48
C TRP A 268 14.60 -28.53 2.29
N SER A 269 15.55 -28.82 3.17
CA SER A 269 16.19 -27.78 3.94
C SER A 269 16.95 -26.79 3.07
N ARG A 270 17.30 -27.17 1.83
CA ARG A 270 18.16 -26.35 1.00
C ARG A 270 17.40 -25.48 0.01
N ILE A 271 16.07 -25.49 0.02
CA ILE A 271 15.29 -24.67 -0.91
C ILE A 271 14.20 -23.94 -0.15
N ASP A 272 14.09 -22.63 -0.39
CA ASP A 272 13.07 -21.79 0.24
C ASP A 272 11.84 -21.74 -0.68
N ALA A 273 11.11 -22.85 -0.69
CA ALA A 273 9.94 -22.97 -1.54
C ALA A 273 9.08 -24.12 -1.05
N ALA A 274 7.79 -24.00 -1.36
CA ALA A 274 6.81 -25.05 -1.05
C ALA A 274 6.70 -26.10 -2.15
N SER A 275 7.45 -25.94 -3.24
CA SER A 275 7.56 -26.95 -4.30
C SER A 275 8.76 -26.65 -5.18
N CYS A 276 9.08 -27.63 -6.02
CA CYS A 276 10.13 -27.51 -7.03
C CYS A 276 9.91 -28.59 -8.06
N GLU A 277 10.44 -28.36 -9.26
CA GLU A 277 10.46 -29.39 -10.29
C GLU A 277 11.62 -30.35 -10.03
N TYR A 278 11.32 -31.64 -10.17
CA TYR A 278 12.22 -32.68 -9.65
C TYR A 278 13.67 -32.45 -10.07
N ASP A 279 13.90 -32.19 -11.37
CA ASP A 279 15.28 -32.08 -11.85
C ASP A 279 16.00 -30.92 -11.20
N SER A 280 15.26 -29.89 -10.82
CA SER A 280 15.79 -28.72 -10.13
C SER A 280 15.78 -28.83 -8.60
N CYS A 281 15.07 -29.77 -8.00
CA CYS A 281 15.04 -29.82 -6.55
C CYS A 281 16.43 -30.16 -6.00
N PRO A 282 16.84 -29.57 -4.87
CA PRO A 282 18.10 -30.00 -4.24
C PRO A 282 18.04 -31.42 -3.72
N LYS A 283 19.08 -32.20 -3.97
CA LYS A 283 19.10 -33.62 -3.60
C LYS A 283 19.92 -33.83 -2.32
N MET A 284 19.50 -34.82 -1.53
CA MET A 284 20.26 -35.21 -0.33
C MET A 284 21.67 -35.63 -0.72
N VAL A 285 22.66 -35.20 0.06
CA VAL A 285 24.03 -35.69 -0.12
C VAL A 285 24.17 -37.00 0.64
N LYS A 286 24.84 -37.97 0.03
CA LYS A 286 25.01 -39.30 0.61
C LYS A 286 26.47 -39.51 1.04
N ASP A 287 26.69 -40.49 1.92
CA ASP A 287 28.06 -40.82 2.31
C ASP A 287 28.89 -41.23 1.10
N PHE A 288 30.13 -40.78 1.04
CA PHE A 288 31.04 -41.20 -0.02
C PHE A 288 31.47 -42.64 0.22
N ASP A 289 31.39 -43.47 -0.81
CA ASP A 289 31.82 -44.87 -0.71
C ASP A 289 33.25 -44.98 -1.22
N GLN A 290 34.19 -45.24 -0.29
CA GLN A 290 35.60 -45.32 -0.65
C GLN A 290 36.04 -46.74 -1.03
N THR A 291 35.11 -47.67 -1.19
CA THR A 291 35.52 -49.06 -1.40
C THR A 291 36.38 -49.22 -2.65
N SER A 292 36.01 -48.59 -3.77
CA SER A 292 36.77 -48.76 -5.00
C SER A 292 38.18 -48.22 -4.88
N LEU A 293 38.32 -47.02 -4.32
CA LEU A 293 39.64 -46.44 -4.16
C LEU A 293 40.53 -47.32 -3.28
N GLY A 294 39.96 -47.89 -2.22
CA GLY A 294 40.74 -48.75 -1.35
C GLY A 294 41.16 -50.03 -2.03
N ASN A 295 40.24 -50.62 -2.81
CA ASN A 295 40.58 -51.83 -3.56
C ASN A 295 41.72 -51.53 -4.54
N THR A 296 41.70 -50.35 -5.16
CA THR A 296 42.79 -49.99 -6.07
C THR A 296 44.12 -49.83 -5.32
N ASP A 297 44.13 -49.12 -4.19
CA ASP A 297 45.34 -49.03 -3.37
C ASP A 297 45.86 -50.41 -2.98
N THR A 298 44.97 -51.29 -2.53
CA THR A 298 45.38 -52.62 -2.09
C THR A 298 46.00 -53.41 -3.22
N LEU A 299 45.38 -53.34 -4.39
CA LEU A 299 45.92 -54.06 -5.54
C LEU A 299 47.27 -53.49 -5.95
N ILE A 300 47.40 -52.17 -5.96
CA ILE A 300 48.68 -51.58 -6.28
C ILE A 300 49.74 -52.02 -5.26
N MET A 301 49.41 -51.96 -3.97
CA MET A 301 50.37 -52.38 -2.95
C MET A 301 50.77 -53.83 -3.14
N ARG A 302 49.81 -54.68 -3.53
CA ARG A 302 50.13 -56.08 -3.84
C ARG A 302 51.17 -56.17 -4.93
N GLU A 303 50.96 -55.46 -6.05
CA GLU A 303 51.88 -55.61 -7.18
C GLU A 303 53.24 -55.01 -6.86
N VAL A 304 53.28 -53.91 -6.12
CA VAL A 304 54.55 -53.32 -5.73
C VAL A 304 55.32 -54.30 -4.82
N ALA A 305 54.63 -54.97 -3.90
CA ALA A 305 55.28 -55.99 -3.09
C ALA A 305 55.86 -57.10 -3.98
N LEU A 306 55.10 -57.55 -4.97
CA LEU A 306 55.60 -58.54 -5.91
C LEU A 306 56.86 -58.04 -6.60
N HIS A 307 56.85 -56.78 -7.04
CA HIS A 307 58.03 -56.22 -7.68
C HIS A 307 59.20 -56.17 -6.71
N LYS A 308 58.97 -55.71 -5.49
CA LYS A 308 60.04 -55.74 -4.48
C LYS A 308 60.67 -57.13 -4.40
N GLU A 309 59.82 -58.17 -4.36
CA GLU A 309 60.33 -59.54 -4.29
C GLU A 309 61.12 -59.91 -5.53
N MET A 310 60.58 -59.57 -6.72
CA MET A 310 61.26 -59.94 -7.96
C MET A 310 62.59 -59.22 -8.09
N ILE A 311 62.63 -57.94 -7.69
CA ILE A 311 63.86 -57.17 -7.82
C ILE A 311 64.98 -57.81 -7.01
N SER A 312 64.69 -58.18 -5.75
CA SER A 312 65.74 -58.74 -4.91
C SER A 312 66.24 -60.08 -5.47
N LYS A 313 65.34 -60.88 -6.04
CA LYS A 313 65.75 -62.17 -6.59
C LYS A 313 66.59 -61.99 -7.84
N LEU A 314 66.21 -61.05 -8.71
CA LEU A 314 67.05 -60.74 -9.86
C LEU A 314 68.41 -60.17 -9.43
N GLN A 315 68.43 -59.38 -8.35
CA GLN A 315 69.72 -58.92 -7.81
C GLN A 315 70.60 -60.09 -7.40
N ARG A 316 70.03 -61.08 -6.72
CA ARG A 316 70.81 -62.27 -6.36
C ARG A 316 71.19 -63.07 -7.59
N ASP A 317 70.26 -63.20 -8.55
CA ASP A 317 70.57 -63.93 -9.78
C ASP A 317 71.72 -63.27 -10.53
N ILE A 318 71.72 -61.94 -10.65
CA ILE A 318 72.82 -61.25 -11.33
C ILE A 318 74.12 -61.49 -10.59
N THR A 319 74.08 -61.40 -9.26
CA THR A 319 75.25 -61.76 -8.45
C THR A 319 75.70 -63.18 -8.72
N ASP A 320 74.75 -64.13 -8.82
CA ASP A 320 75.11 -65.51 -9.10
C ASP A 320 75.91 -65.64 -10.40
N VAL A 321 75.49 -64.93 -11.45
CA VAL A 321 76.18 -65.04 -12.74
C VAL A 321 77.52 -64.31 -12.70
N LYS A 322 77.59 -63.14 -12.05
CA LYS A 322 78.85 -62.39 -12.03
C LYS A 322 79.92 -63.15 -11.26
N ILE A 323 79.55 -63.75 -10.13
CA ILE A 323 80.44 -64.68 -9.44
C ILE A 323 80.98 -65.71 -10.43
N ARG A 324 80.10 -66.25 -11.27
CA ARG A 324 80.53 -67.24 -12.25
C ARG A 324 81.41 -66.62 -13.32
N VAL A 325 81.06 -65.42 -13.78
CA VAL A 325 81.82 -64.77 -14.86
C VAL A 325 83.32 -64.73 -14.53
N ARG B 1 18.99 -48.94 21.84
CA ARG B 1 19.25 -47.63 22.45
C ARG B 1 18.24 -46.61 21.96
N LEU B 2 17.50 -46.00 22.89
CA LEU B 2 16.45 -45.06 22.54
C LEU B 2 17.01 -43.70 22.20
N CYS B 3 16.57 -43.14 21.08
CA CYS B 3 16.91 -41.77 20.73
C CYS B 3 15.62 -40.98 20.56
N LEU B 4 15.48 -39.94 21.38
CA LEU B 4 14.35 -39.02 21.34
C LEU B 4 14.68 -37.85 20.42
N ARG B 5 13.69 -37.44 19.62
CA ARG B 5 13.87 -36.35 18.69
C ARG B 5 14.23 -35.04 19.37
N ASN B 6 15.47 -34.58 19.23
CA ASN B 6 15.95 -33.37 19.89
C ASN B 6 16.22 -32.35 18.78
N TYR B 7 15.21 -31.57 18.44
CA TYR B 7 15.21 -30.85 17.17
C TYR B 7 14.18 -29.71 17.23
N PRO B 8 14.37 -28.63 16.46
CA PRO B 8 13.49 -27.45 16.62
C PRO B 8 12.03 -27.67 16.22
N ASP B 9 11.70 -28.79 15.58
CA ASP B 9 10.32 -29.07 15.19
C ASP B 9 9.60 -29.93 16.23
N THR B 10 10.12 -29.99 17.45
CA THR B 10 9.58 -30.83 18.51
C THR B 10 9.30 -29.96 19.74
N THR B 11 8.16 -30.22 20.42
CA THR B 11 7.81 -29.55 21.67
C THR B 11 7.90 -30.54 22.82
N TRP B 12 8.63 -30.17 23.87
CA TRP B 12 8.70 -30.96 25.09
C TRP B 12 7.62 -30.47 26.04
N ILE B 13 6.71 -31.35 26.41
CA ILE B 13 5.51 -30.99 27.19
C ILE B 13 5.70 -31.58 28.59
N GLY B 14 5.92 -30.72 29.61
CA GLY B 14 6.37 -31.18 30.91
C GLY B 14 5.80 -30.40 32.06
N ASP B 15 6.28 -30.77 33.26
CA ASP B 15 5.91 -30.17 34.55
C ASP B 15 7.18 -29.68 35.24
N SER B 16 7.24 -29.69 36.59
CA SER B 16 8.39 -29.08 37.27
C SER B 16 9.68 -29.75 36.85
N ARG B 17 9.63 -31.06 36.63
CA ARG B 17 10.84 -31.79 36.34
C ARG B 17 11.48 -31.35 35.04
N SER B 18 10.75 -30.63 34.17
CA SER B 18 11.33 -30.12 32.93
C SER B 18 11.28 -28.60 32.83
N ASP B 19 10.84 -27.90 33.89
CA ASP B 19 10.58 -26.46 33.84
C ASP B 19 11.89 -25.72 34.09
N GLN B 20 12.80 -25.87 33.11
CA GLN B 20 14.19 -25.43 33.25
C GLN B 20 14.31 -23.94 33.55
N SER B 21 13.39 -23.12 33.04
CA SER B 21 13.57 -21.69 33.26
C SER B 21 13.07 -21.20 34.61
N ARG B 22 12.31 -21.98 35.37
CA ARG B 22 11.63 -21.47 36.56
C ARG B 22 11.80 -22.36 37.80
N VAL B 23 12.48 -23.49 37.69
CA VAL B 23 12.60 -24.45 38.79
C VAL B 23 14.09 -24.60 39.09
N ASN B 24 14.42 -24.66 40.37
CA ASN B 24 15.82 -24.85 40.77
C ASN B 24 16.38 -26.13 40.16
N PRO B 25 17.61 -26.10 39.61
CA PRO B 25 18.15 -27.32 38.98
C PRO B 25 18.16 -28.57 39.85
N GLN B 26 18.23 -28.43 41.17
CA GLN B 26 18.24 -29.63 42.02
C GLN B 26 16.96 -30.44 41.87
N SER B 27 15.90 -29.82 41.35
CA SER B 27 14.62 -30.50 41.21
C SER B 27 14.30 -30.91 39.76
N LEU B 28 15.19 -30.63 38.81
CA LEU B 28 14.96 -30.98 37.40
C LEU B 28 15.38 -32.42 37.09
N ASP B 29 14.62 -33.06 36.19
CA ASP B 29 15.02 -34.31 35.54
C ASP B 29 15.56 -34.10 34.13
N LEU B 30 15.04 -33.08 33.45
CA LEU B 30 15.57 -32.67 32.14
C LEU B 30 16.70 -31.68 32.39
N VAL B 31 17.92 -32.17 32.39
CA VAL B 31 19.09 -31.37 32.72
C VAL B 31 20.03 -31.23 31.53
N THR B 32 19.53 -31.55 30.35
CA THR B 32 20.28 -31.34 29.13
C THR B 32 19.49 -30.35 28.28
N GLU B 33 20.18 -29.65 27.39
CA GLU B 33 19.54 -28.63 26.59
C GLU B 33 18.60 -29.29 25.57
N PHE B 34 17.37 -28.78 25.46
CA PHE B 34 16.39 -29.28 24.50
C PHE B 34 16.34 -28.34 23.30
N LYS B 35 16.70 -28.84 22.11
CA LYS B 35 16.77 -27.97 20.95
C LYS B 35 15.42 -27.58 20.41
N GLY B 36 14.35 -28.22 20.88
CA GLY B 36 13.01 -27.83 20.49
C GLY B 36 12.40 -26.82 21.46
N VAL B 37 11.09 -26.65 21.33
CA VAL B 37 10.33 -25.75 22.16
C VAL B 37 9.97 -26.45 23.45
N LEU B 38 10.26 -25.80 24.57
CA LEU B 38 10.02 -26.34 25.90
C LEU B 38 8.78 -25.66 26.48
N GLN B 39 7.74 -26.45 26.74
CA GLN B 39 6.53 -25.99 27.42
C GLN B 39 6.38 -26.83 28.67
N ALA B 40 6.94 -26.37 29.78
CA ALA B 40 6.91 -27.15 31.00
C ALA B 40 6.68 -26.21 32.18
N LYS B 41 5.69 -26.51 33.01
CA LYS B 41 5.28 -25.63 34.10
C LYS B 41 5.21 -26.44 35.39
N ASN B 42 5.91 -25.98 36.41
CA ASN B 42 5.84 -26.55 37.75
C ASN B 42 4.39 -26.67 38.25
N GLY B 43 4.00 -27.89 38.64
CA GLY B 43 2.70 -28.16 39.16
C GLY B 43 1.63 -28.45 38.13
N ASN B 44 1.91 -28.31 36.84
CA ASN B 44 0.86 -28.37 35.83
C ASN B 44 0.73 -29.77 35.22
N GLY B 45 -0.33 -29.93 34.44
CA GLY B 45 -0.66 -31.17 33.78
C GLY B 45 -1.73 -30.90 32.75
N LEU B 46 -2.12 -31.92 32.00
CA LEU B 46 -3.10 -31.67 30.94
C LEU B 46 -4.53 -31.49 31.48
N LEU B 47 -4.82 -32.09 32.65
CA LEU B 47 -6.04 -31.76 33.38
C LEU B 47 -5.87 -30.50 34.20
N LYS B 48 -4.75 -30.39 34.94
CA LYS B 48 -4.61 -29.25 35.84
C LYS B 48 -4.53 -27.93 35.08
N GLN B 49 -4.06 -27.96 33.84
CA GLN B 49 -4.02 -26.71 33.08
C GLN B 49 -5.41 -26.09 32.94
N MET B 50 -6.48 -26.88 33.12
CA MET B 50 -7.84 -26.37 33.00
C MET B 50 -8.41 -25.87 34.30
N SER B 51 -7.66 -26.02 35.40
CA SER B 51 -8.18 -25.74 36.73
C SER B 51 -8.32 -24.25 37.00
N GLY B 52 -7.54 -23.43 36.34
CA GLY B 52 -7.42 -22.04 36.67
C GLY B 52 -6.25 -21.72 37.59
N ARG B 53 -5.54 -22.72 38.09
CA ARG B 53 -4.41 -22.40 38.94
C ARG B 53 -3.27 -21.71 38.18
N PHE B 54 -3.14 -21.97 36.89
CA PHE B 54 -2.01 -21.49 36.10
C PHE B 54 -2.61 -20.84 34.85
N PRO B 55 -3.27 -19.70 35.01
CA PRO B 55 -4.14 -19.19 33.94
C PRO B 55 -3.39 -18.82 32.67
N SER B 56 -2.06 -18.62 32.72
CA SER B 56 -1.26 -18.26 31.57
C SER B 56 -0.41 -19.40 31.02
N ASP B 57 -0.54 -20.61 31.57
CA ASP B 57 0.41 -21.69 31.26
C ASP B 57 -0.26 -22.88 30.58
N TRP B 58 -1.28 -22.61 29.77
CA TRP B 58 -1.86 -23.67 28.98
C TRP B 58 -0.82 -24.21 28.00
N TYR B 59 -0.93 -25.51 27.72
CA TYR B 59 -0.05 -26.18 26.76
C TYR B 59 -0.60 -25.95 25.37
N THR B 60 0.26 -25.47 24.47
CA THR B 60 -0.20 -25.06 23.13
C THR B 60 0.84 -25.43 22.08
N PRO B 61 1.18 -26.71 21.97
CA PRO B 61 2.14 -27.12 20.93
C PRO B 61 1.59 -26.80 19.57
N THR B 62 2.46 -26.31 18.71
CA THR B 62 2.09 -26.09 17.33
C THR B 62 3.02 -26.81 16.36
N THR B 63 3.97 -27.61 16.85
CA THR B 63 4.92 -28.36 16.04
C THR B 63 4.38 -29.75 15.67
N LYS B 64 4.96 -30.29 14.60
CA LYS B 64 4.63 -31.64 14.15
C LYS B 64 4.88 -32.69 15.24
N TYR B 65 5.97 -32.56 16.00
CA TYR B 65 6.40 -33.58 16.94
C TYR B 65 6.31 -33.07 18.37
N ARG B 66 6.10 -34.02 19.29
CA ARG B 66 6.01 -33.74 20.70
C ARG B 66 6.69 -34.84 21.50
N ILE B 67 7.21 -34.48 22.67
CA ILE B 67 7.59 -35.46 23.68
C ILE B 67 6.92 -35.05 24.97
N LEU B 68 6.13 -35.95 25.55
CA LEU B 68 5.43 -35.69 26.81
C LEU B 68 6.17 -36.37 27.95
N TYR B 69 6.37 -35.63 29.04
CA TYR B 69 6.86 -36.18 30.31
C TYR B 69 6.08 -35.52 31.45
N LEU B 70 4.80 -35.87 31.56
CA LEU B 70 3.95 -35.30 32.59
C LEU B 70 2.76 -36.21 32.87
N GLY B 71 2.09 -35.93 33.99
CA GLY B 71 0.92 -36.69 34.42
C GLY B 71 0.81 -36.80 35.93
N THR B 72 1.94 -36.84 36.63
CA THR B 72 1.89 -36.97 38.08
C THR B 72 0.99 -35.91 38.73
N ASN B 73 1.01 -34.66 38.24
CA ASN B 73 0.20 -33.63 38.86
C ASN B 73 -1.29 -33.82 38.57
N ASP B 74 -1.62 -34.49 37.46
CA ASP B 74 -3.02 -34.70 37.13
C ASP B 74 -3.69 -35.66 38.09
N CYS B 75 -2.91 -36.36 38.92
CA CYS B 75 -3.53 -37.21 39.91
C CYS B 75 -4.10 -36.43 41.09
N THR B 76 -3.96 -35.11 41.11
CA THR B 76 -4.70 -34.38 42.14
C THR B 76 -6.15 -34.09 41.73
N ASP B 77 -6.52 -34.31 40.47
CA ASP B 77 -7.94 -34.35 40.13
C ASP B 77 -8.58 -35.59 40.73
N GLY B 78 -9.79 -35.46 41.27
CA GLY B 78 -10.46 -36.59 41.90
C GLY B 78 -11.97 -36.60 41.71
N PRO B 79 -12.68 -37.31 42.59
CA PRO B 79 -14.14 -37.38 42.45
C PRO B 79 -14.82 -36.02 42.30
N THR B 80 -14.34 -34.99 42.99
CA THR B 80 -15.02 -33.69 42.87
C THR B 80 -14.76 -33.00 41.54
N ASP B 81 -13.82 -33.51 40.73
CA ASP B 81 -13.60 -32.99 39.39
C ASP B 81 -14.45 -33.67 38.32
N MET B 82 -15.25 -34.66 38.68
CA MET B 82 -16.17 -35.32 37.76
C MET B 82 -17.53 -35.52 38.43
N ILE B 83 -17.89 -34.60 39.33
CA ILE B 83 -19.11 -34.77 40.11
C ILE B 83 -20.32 -34.05 39.50
N ILE B 84 -20.13 -33.05 38.64
CA ILE B 84 -21.32 -32.46 38.02
C ILE B 84 -22.03 -33.52 37.19
N PRO B 85 -23.33 -33.75 37.36
CA PRO B 85 -24.01 -34.77 36.57
C PRO B 85 -23.80 -34.53 35.09
N THR B 86 -23.56 -35.64 34.36
CA THR B 86 -23.24 -35.77 32.93
C THR B 86 -21.80 -35.44 32.64
N SER B 87 -20.99 -35.11 33.63
CA SER B 87 -19.57 -34.92 33.38
C SER B 87 -18.94 -36.17 32.76
N MET B 88 -17.90 -35.96 31.96
CA MET B 88 -17.03 -37.05 31.57
C MET B 88 -16.38 -37.64 32.82
N THR B 89 -15.99 -38.92 32.74
CA THR B 89 -15.12 -39.48 33.77
C THR B 89 -13.71 -38.91 33.57
N LEU B 90 -12.92 -38.96 34.63
CA LEU B 90 -11.53 -38.52 34.53
C LEU B 90 -10.74 -39.43 33.59
N ASP B 91 -11.02 -40.74 33.61
CA ASP B 91 -10.37 -41.65 32.65
C ASP B 91 -10.55 -41.15 31.22
N ASN B 92 -11.79 -40.83 30.81
CA ASN B 92 -12.04 -40.45 29.42
C ASN B 92 -11.54 -39.03 29.12
N ALA B 93 -11.67 -38.09 30.06
CA ALA B 93 -11.18 -36.73 29.82
C ALA B 93 -9.67 -36.73 29.63
N ALA B 94 -8.95 -37.43 30.51
CA ALA B 94 -7.50 -37.52 30.37
C ALA B 94 -7.11 -38.24 29.09
N ARG B 95 -7.84 -39.29 28.70
CA ARG B 95 -7.49 -39.99 27.45
C ARG B 95 -7.57 -39.02 26.28
N GLU B 96 -8.63 -38.22 26.23
CA GLU B 96 -8.81 -37.27 25.14
C GLU B 96 -7.72 -36.18 25.18
N LEU B 97 -7.37 -35.71 26.37
CA LEU B 97 -6.33 -34.70 26.49
C LEU B 97 -4.96 -35.24 26.13
N TYR B 98 -4.59 -36.43 26.63
CA TYR B 98 -3.27 -36.93 26.33
C TYR B 98 -3.16 -37.29 24.85
N LEU B 99 -4.24 -37.80 24.25
CA LEU B 99 -4.24 -38.02 22.80
C LEU B 99 -4.07 -36.71 22.04
N GLY B 100 -4.75 -35.66 22.48
CA GLY B 100 -4.65 -34.38 21.78
C GLY B 100 -3.25 -33.78 21.89
N ALA B 101 -2.64 -33.83 23.08
CA ALA B 101 -1.30 -33.28 23.18
C ALA B 101 -0.31 -34.08 22.36
N CYS B 102 -0.50 -35.40 22.34
CA CYS B 102 0.41 -36.31 21.65
C CYS B 102 0.25 -36.21 20.13
N ARG B 103 -0.98 -36.35 19.64
CA ARG B 103 -1.22 -36.49 18.21
C ARG B 103 -1.93 -35.31 17.59
N GLY B 104 -2.46 -34.40 18.40
CA GLY B 104 -3.48 -33.49 17.94
C GLY B 104 -2.96 -32.22 17.30
N ASP B 105 -3.77 -31.72 16.37
CA ASP B 105 -3.72 -30.33 15.95
C ASP B 105 -4.60 -29.56 16.92
N VAL B 106 -4.00 -28.88 17.90
CA VAL B 106 -4.72 -28.36 19.05
C VAL B 106 -4.68 -26.83 19.10
N ARG B 107 -5.69 -26.27 19.78
CA ARG B 107 -5.74 -24.86 20.13
C ARG B 107 -6.30 -24.74 21.53
N VAL B 108 -6.10 -23.57 22.12
CA VAL B 108 -6.76 -23.19 23.37
C VAL B 108 -7.54 -21.91 23.10
N THR B 109 -8.86 -21.96 23.23
CA THR B 109 -9.72 -20.87 22.80
C THR B 109 -10.80 -20.60 23.84
N PRO B 110 -11.40 -19.41 23.82
CA PRO B 110 -12.49 -19.13 24.76
C PRO B 110 -13.70 -20.01 24.52
N THR B 111 -14.29 -20.47 25.61
CA THR B 111 -15.46 -21.32 25.55
C THR B 111 -16.71 -20.45 25.58
N PHE B 112 -17.66 -20.74 24.71
CA PHE B 112 -18.92 -20.00 24.74
C PHE B 112 -19.64 -20.26 26.04
N VAL B 113 -20.15 -19.19 26.63
CA VAL B 113 -21.07 -19.32 27.75
C VAL B 113 -22.11 -18.21 27.66
N GLY B 114 -23.37 -18.53 27.92
CA GLY B 114 -24.43 -17.55 27.88
C GLY B 114 -25.54 -17.93 28.83
N ALA B 115 -26.60 -17.13 28.80
CA ALA B 115 -27.70 -17.32 29.75
C ALA B 115 -28.89 -16.50 29.31
N ALA B 116 -30.05 -16.79 29.92
CA ALA B 116 -31.30 -16.10 29.61
C ALA B 116 -31.39 -14.73 30.25
N ILE B 117 -30.51 -14.44 31.23
CA ILE B 117 -30.34 -13.12 31.80
C ILE B 117 -28.84 -12.80 31.74
N VAL B 118 -28.52 -11.52 31.95
CA VAL B 118 -27.15 -11.06 31.94
C VAL B 118 -26.49 -11.45 33.25
N GLY B 119 -25.41 -12.19 33.15
CA GLY B 119 -24.66 -12.59 34.32
C GLY B 119 -23.59 -11.57 34.65
N LEU B 120 -23.25 -11.51 35.93
CA LEU B 120 -22.23 -10.60 36.44
C LEU B 120 -20.87 -11.24 36.33
N VAL B 121 -19.95 -10.61 35.60
CA VAL B 121 -18.59 -11.11 35.44
C VAL B 121 -17.73 -10.60 36.59
N GLY B 122 -17.06 -11.53 37.25
CA GLY B 122 -16.14 -11.21 38.33
C GLY B 122 -15.12 -12.31 38.49
N ARG B 123 -14.35 -12.23 39.56
CA ARG B 123 -13.43 -13.31 39.92
C ARG B 123 -13.63 -13.64 41.39
N THR B 124 -13.40 -14.89 41.77
CA THR B 124 -13.60 -15.24 43.16
C THR B 124 -12.83 -16.52 43.46
N ASP B 125 -12.53 -16.72 44.74
CA ASP B 125 -12.01 -18.00 45.18
C ASP B 125 -13.08 -18.86 45.83
N ALA B 126 -14.34 -18.43 45.79
CA ALA B 126 -15.41 -19.16 46.47
C ALA B 126 -15.82 -20.44 45.74
N VAL B 127 -15.54 -20.56 44.44
CA VAL B 127 -15.99 -21.75 43.70
C VAL B 127 -14.98 -22.89 43.83
N THR B 128 -13.68 -22.59 43.72
CA THR B 128 -12.63 -23.59 43.70
C THR B 128 -11.64 -23.47 44.84
N GLY B 129 -11.68 -22.40 45.62
CA GLY B 129 -10.66 -22.20 46.61
C GLY B 129 -9.48 -21.36 46.14
N PHE B 130 -9.49 -20.93 44.90
CA PHE B 130 -8.49 -20.01 44.39
C PHE B 130 -9.17 -19.18 43.31
N SER B 131 -8.50 -18.10 42.89
CA SER B 131 -9.16 -17.06 42.14
C SER B 131 -9.34 -17.46 40.67
N VAL B 132 -10.59 -17.46 40.22
CA VAL B 132 -10.87 -17.69 38.79
C VAL B 132 -11.98 -16.75 38.36
N LYS B 133 -12.08 -16.57 37.03
CA LYS B 133 -13.19 -15.85 36.45
C LYS B 133 -14.48 -16.62 36.67
N VAL B 134 -15.54 -15.90 37.08
CA VAL B 134 -16.86 -16.50 37.19
C VAL B 134 -17.92 -15.56 36.67
N LEU B 135 -19.06 -16.16 36.33
CA LEU B 135 -20.33 -15.46 36.20
C LEU B 135 -21.14 -15.74 37.46
N THR B 136 -21.73 -14.70 38.00
CA THR B 136 -22.67 -14.80 39.12
C THR B 136 -24.07 -14.53 38.63
N PHE B 137 -24.98 -15.45 38.89
CA PHE B 137 -26.41 -15.27 38.60
C PHE B 137 -27.14 -15.21 39.94
N SER B 138 -27.79 -14.07 40.21
CA SER B 138 -28.45 -13.90 41.49
C SER B 138 -29.92 -14.31 41.46
N SER B 139 -30.44 -14.69 40.31
CA SER B 139 -31.77 -15.28 40.23
C SER B 139 -31.67 -16.47 39.28
N PRO B 140 -32.62 -17.41 39.38
CA PRO B 140 -32.48 -18.65 38.61
C PRO B 140 -32.74 -18.44 37.13
N THR B 141 -31.91 -19.06 36.30
CA THR B 141 -31.98 -18.80 34.87
C THR B 141 -31.48 -20.03 34.10
N ILE B 142 -31.65 -19.96 32.79
CA ILE B 142 -31.07 -20.91 31.85
C ILE B 142 -29.64 -20.48 31.56
N VAL B 143 -28.70 -21.41 31.76
CA VAL B 143 -27.27 -21.20 31.49
C VAL B 143 -26.85 -22.18 30.40
N VAL B 144 -26.11 -21.67 29.39
CA VAL B 144 -25.67 -22.49 28.26
C VAL B 144 -24.15 -22.37 28.13
N VAL B 145 -23.50 -23.50 27.86
CA VAL B 145 -22.04 -23.57 27.71
C VAL B 145 -21.74 -24.41 26.49
N GLY B 146 -20.76 -23.97 25.69
CA GLY B 146 -20.35 -24.70 24.51
C GLY B 146 -21.32 -24.60 23.34
N LEU B 147 -20.92 -25.14 22.17
CA LEU B 147 -21.69 -25.06 20.95
C LEU B 147 -21.72 -26.41 20.21
N ASN B 148 -22.89 -26.74 19.64
CA ASN B 148 -22.99 -27.92 18.78
C ASN B 148 -21.87 -27.91 17.77
N GLY B 149 -21.27 -29.07 17.53
CA GLY B 149 -20.20 -29.19 16.56
C GLY B 149 -18.82 -28.95 17.09
N MET B 150 -18.69 -28.52 18.34
CA MET B 150 -17.38 -28.27 18.94
C MET B 150 -16.57 -29.56 18.99
N SER B 151 -15.26 -29.41 19.05
CA SER B 151 -14.34 -30.55 19.06
C SER B 151 -13.24 -30.23 20.06
N GLY B 152 -13.48 -30.59 21.33
CA GLY B 152 -12.53 -30.24 22.36
C GLY B 152 -13.12 -30.47 23.73
N ILE B 153 -12.36 -30.10 24.74
CA ILE B 153 -12.73 -30.39 26.12
C ILE B 153 -12.59 -29.12 26.94
N TYR B 154 -13.56 -28.90 27.83
CA TYR B 154 -13.48 -27.76 28.74
C TYR B 154 -13.92 -28.23 30.11
N LYS B 155 -13.54 -27.45 31.13
CA LYS B 155 -13.87 -27.75 32.51
C LYS B 155 -14.88 -26.74 33.04
N VAL B 156 -15.85 -27.22 33.83
CA VAL B 156 -16.84 -26.39 34.47
C VAL B 156 -16.76 -26.61 35.96
N CYS B 157 -16.86 -25.52 36.74
CA CYS B 157 -16.98 -25.62 38.20
C CYS B 157 -18.10 -24.71 38.65
N ILE B 158 -18.93 -25.20 39.57
CA ILE B 158 -20.11 -24.45 40.00
C ILE B 158 -20.19 -24.37 41.51
N ALA B 159 -20.75 -23.26 41.99
CA ALA B 159 -21.20 -23.13 43.36
C ALA B 159 -22.64 -22.63 43.21
N ALA B 160 -23.56 -23.58 43.10
CA ALA B 160 -24.97 -23.28 42.81
C ALA B 160 -25.83 -23.51 44.04
N THR B 161 -26.82 -22.64 44.21
CA THR B 161 -27.87 -22.85 45.22
C THR B 161 -29.13 -23.43 44.62
N SER B 162 -29.26 -23.44 43.31
CA SER B 162 -30.31 -24.17 42.64
C SER B 162 -29.82 -24.46 41.23
N GLY B 163 -30.42 -25.47 40.62
CA GLY B 163 -30.16 -25.77 39.23
C GLY B 163 -30.22 -27.26 38.94
N ASN B 164 -30.40 -27.58 37.67
CA ASN B 164 -30.45 -28.97 37.23
C ASN B 164 -29.95 -29.05 35.79
N VAL B 165 -29.59 -30.28 35.39
CA VAL B 165 -29.23 -30.56 34.00
C VAL B 165 -30.18 -31.63 33.50
N GLY B 166 -31.05 -31.26 32.55
CA GLY B 166 -32.05 -32.20 32.07
C GLY B 166 -32.93 -32.75 33.17
N GLY B 167 -33.21 -31.95 34.20
CA GLY B 167 -34.00 -32.42 35.30
C GLY B 167 -33.23 -33.10 36.42
N VAL B 168 -31.96 -33.39 36.22
CA VAL B 168 -31.11 -33.96 37.28
C VAL B 168 -30.51 -32.81 38.10
N LYS B 169 -30.76 -32.84 39.41
CA LYS B 169 -30.27 -31.79 40.30
C LYS B 169 -28.76 -31.65 40.20
N LEU B 170 -28.26 -30.41 40.13
CA LEU B 170 -26.82 -30.22 40.05
C LEU B 170 -26.18 -30.51 41.40
N ILE B 171 -24.90 -30.88 41.37
CA ILE B 171 -24.08 -31.12 42.55
C ILE B 171 -22.87 -30.21 42.45
N ASN B 172 -22.56 -29.48 43.54
CA ASN B 172 -21.49 -28.51 43.47
C ASN B 172 -20.14 -29.18 43.39
N GLY B 173 -19.25 -28.57 42.61
CA GLY B 173 -18.00 -29.20 42.24
C GLY B 173 -17.70 -28.94 40.78
N CYS B 174 -16.98 -29.86 40.14
CA CYS B 174 -16.51 -29.60 38.78
C CYS B 174 -16.85 -30.77 37.87
N GLY B 175 -16.69 -30.55 36.58
CA GLY B 175 -16.77 -31.65 35.63
C GLY B 175 -16.10 -31.26 34.35
N TYR B 176 -15.76 -32.25 33.56
CA TYR B 176 -15.18 -32.05 32.26
C TYR B 176 -16.22 -32.40 31.20
N PHE B 177 -16.24 -31.62 30.13
CA PHE B 177 -17.24 -31.77 29.08
C PHE B 177 -16.63 -31.63 27.70
N ASN B 178 -17.15 -32.38 26.75
CA ASN B 178 -16.74 -32.21 25.36
C ASN B 178 -17.93 -32.06 24.43
N THR B 179 -19.07 -31.66 24.97
CA THR B 179 -20.28 -31.34 24.25
C THR B 179 -20.86 -30.10 24.91
N PRO B 180 -21.73 -29.39 24.21
CA PRO B 180 -22.43 -28.27 24.86
C PRO B 180 -23.30 -28.77 25.99
N LEU B 181 -23.59 -27.89 26.93
CA LEU B 181 -24.48 -28.26 28.01
C LEU B 181 -25.47 -27.13 28.28
N ARG B 182 -26.56 -27.48 28.96
CA ARG B 182 -27.59 -26.54 29.35
C ARG B 182 -27.99 -26.84 30.80
N PHE B 183 -27.93 -25.81 31.65
CA PHE B 183 -28.44 -25.86 33.02
C PHE B 183 -29.74 -25.07 33.09
N ASP B 184 -30.74 -25.64 33.77
CA ASP B 184 -31.99 -24.92 34.02
C ASP B 184 -32.10 -24.55 35.49
N ASN B 185 -32.82 -23.45 35.76
CA ASN B 185 -33.10 -23.05 37.15
C ASN B 185 -31.82 -22.75 37.92
N PHE B 186 -30.79 -22.27 37.21
CA PHE B 186 -29.46 -22.10 37.81
C PHE B 186 -29.34 -20.77 38.54
N GLN B 187 -28.90 -20.82 39.77
CA GLN B 187 -28.56 -19.63 40.53
C GLN B 187 -27.27 -19.90 41.29
N GLY B 188 -26.35 -18.95 41.24
CA GLY B 188 -25.06 -19.15 41.87
C GLY B 188 -23.95 -18.72 40.94
N GLN B 189 -22.77 -19.31 41.09
CA GLN B 189 -21.58 -18.93 40.33
C GLN B 189 -21.09 -20.08 39.47
N ILE B 190 -20.59 -19.75 38.28
CA ILE B 190 -20.10 -20.76 37.36
C ILE B 190 -18.77 -20.32 36.78
N TYR B 191 -17.79 -21.21 36.86
CA TYR B 191 -16.50 -21.09 36.19
C TYR B 191 -16.50 -21.98 34.98
N VAL B 192 -16.02 -21.47 33.86
CA VAL B 192 -15.85 -22.25 32.66
C VAL B 192 -14.44 -22.01 32.14
N SER B 193 -13.66 -23.08 32.01
CA SER B 193 -12.32 -22.94 31.46
C SER B 193 -12.38 -22.72 29.96
N ASP B 194 -11.26 -22.24 29.40
CA ASP B 194 -11.09 -22.26 27.97
C ASP B 194 -11.18 -23.70 27.45
N THR B 195 -11.37 -23.84 26.14
CA THR B 195 -11.47 -25.14 25.50
C THR B 195 -10.10 -25.57 24.98
N PHE B 196 -9.69 -26.77 25.33
CA PHE B 196 -8.55 -27.42 24.69
C PHE B 196 -9.11 -28.09 23.44
N GLU B 197 -9.00 -27.42 22.30
CA GLU B 197 -9.53 -27.94 21.05
C GLU B 197 -8.60 -29.02 20.49
N VAL B 198 -9.19 -30.14 20.05
CA VAL B 198 -8.47 -31.21 19.39
C VAL B 198 -9.18 -31.48 18.06
N ARG B 199 -8.49 -31.20 16.96
CA ARG B 199 -9.09 -31.31 15.64
C ARG B 199 -8.49 -32.53 14.97
N GLY B 200 -7.67 -32.36 13.94
CA GLY B 200 -7.01 -33.51 13.36
C GLY B 200 -6.01 -34.11 14.33
N THR B 201 -5.57 -35.34 14.04
CA THR B 201 -4.74 -36.10 14.96
C THR B 201 -3.63 -36.81 14.21
N LYS B 202 -2.96 -36.11 13.29
CA LYS B 202 -1.84 -36.66 12.53
C LYS B 202 -0.47 -36.11 12.93
N ASN B 203 -0.39 -35.40 14.04
CA ASN B 203 0.92 -35.12 14.61
C ASN B 203 1.40 -36.34 15.41
N LYS B 204 2.66 -36.31 15.86
CA LYS B 204 3.32 -37.49 16.43
C LYS B 204 4.04 -37.17 17.73
N CYS B 205 4.08 -38.14 18.65
CA CYS B 205 4.75 -37.90 19.91
C CYS B 205 5.38 -39.18 20.45
N VAL B 206 6.21 -39.01 21.46
CA VAL B 206 6.53 -40.04 22.44
C VAL B 206 5.88 -39.61 23.74
N LEU B 207 5.33 -40.56 24.49
CA LEU B 207 4.73 -40.32 25.79
C LEU B 207 5.58 -41.03 26.85
N LEU B 208 6.44 -40.28 27.54
CA LEU B 208 7.28 -40.85 28.60
C LEU B 208 6.48 -40.94 29.89
N ARG B 209 6.51 -42.10 30.51
CA ARG B 209 5.90 -42.29 31.83
C ARG B 209 6.32 -41.19 32.80
N SER B 210 5.33 -40.63 33.44
CA SER B 210 5.48 -39.68 34.53
C SER B 210 5.01 -40.43 35.77
N SER B 211 5.92 -40.71 36.68
CA SER B 211 5.63 -41.45 37.90
C SER B 211 5.38 -40.49 39.06
N SER B 212 4.51 -40.91 39.98
CA SER B 212 4.28 -40.21 41.23
C SER B 212 5.05 -40.91 42.36
N ASP B 213 4.99 -40.34 43.56
CA ASP B 213 5.59 -41.01 44.72
C ASP B 213 4.61 -41.97 45.38
N THR B 214 3.39 -42.04 44.87
CA THR B 214 2.41 -43.07 45.21
C THR B 214 1.93 -43.65 43.90
N PRO B 215 1.24 -44.79 43.92
CA PRO B 215 0.76 -45.39 42.67
C PRO B 215 -0.10 -44.40 41.88
N LEU B 216 0.02 -44.45 40.56
CA LEU B 216 -0.70 -43.51 39.73
C LEU B 216 -2.22 -43.67 39.87
N CYS B 217 -2.91 -42.55 39.84
CA CYS B 217 -4.36 -42.58 39.71
C CYS B 217 -4.74 -43.29 38.41
N SER B 218 -5.97 -43.78 38.35
CA SER B 218 -6.37 -44.60 37.19
C SER B 218 -6.29 -43.80 35.89
N HIS B 219 -6.64 -42.52 35.92
CA HIS B 219 -6.75 -41.79 34.66
C HIS B 219 -5.41 -41.47 34.03
N ILE B 220 -4.31 -41.47 34.80
CA ILE B 220 -2.99 -41.32 34.23
C ILE B 220 -2.35 -42.69 34.04
N MET B 221 -2.68 -43.63 34.92
CA MET B 221 -2.17 -44.99 34.75
C MET B 221 -2.54 -45.54 33.36
N ARG B 222 -3.75 -45.28 32.88
CA ARG B 222 -4.19 -45.80 31.59
C ARG B 222 -3.38 -45.26 30.40
N ASN B 223 -2.50 -44.28 30.60
CA ASN B 223 -1.69 -43.83 29.47
C ASN B 223 -0.75 -44.93 28.98
N VAL B 224 -0.53 -45.97 29.80
CA VAL B 224 0.25 -47.12 29.38
C VAL B 224 -0.39 -47.80 28.19
N GLU B 225 -1.70 -47.61 28.00
CA GLU B 225 -2.40 -48.29 26.92
C GLU B 225 -2.13 -47.64 25.55
N LEU B 226 -1.55 -46.44 25.51
CA LEU B 226 -1.30 -45.75 24.25
C LEU B 226 -0.02 -46.24 23.56
N ASP B 227 -0.08 -46.37 22.22
CA ASP B 227 1.08 -46.87 21.48
C ASP B 227 2.36 -46.10 21.76
N GLU B 228 2.24 -44.81 22.04
CA GLU B 228 3.42 -43.96 22.20
C GLU B 228 4.07 -44.09 23.60
N TYR B 229 3.48 -44.84 24.51
CA TYR B 229 3.98 -44.90 25.89
C TYR B 229 5.37 -45.51 25.92
N VAL B 230 6.26 -44.91 26.70
CA VAL B 230 7.60 -45.42 26.93
C VAL B 230 7.90 -45.35 28.43
N ASP B 231 8.31 -46.49 28.99
CA ASP B 231 8.63 -46.57 30.40
C ASP B 231 9.83 -45.68 30.73
N THR B 232 9.79 -45.08 31.91
CA THR B 232 10.92 -44.37 32.48
C THR B 232 11.28 -44.97 33.84
N PRO B 233 12.51 -44.77 34.31
CA PRO B 233 12.95 -45.44 35.55
C PRO B 233 11.97 -45.23 36.70
N ASN B 234 11.63 -46.34 37.36
CA ASN B 234 10.68 -46.29 38.46
C ASN B 234 10.90 -47.52 39.31
N THR B 235 10.40 -47.47 40.54
CA THR B 235 10.57 -48.55 41.51
C THR B 235 9.18 -49.04 41.87
N GLY B 236 8.80 -50.20 41.34
CA GLY B 236 7.47 -50.70 41.58
C GLY B 236 6.38 -49.74 41.17
N GLY B 237 6.62 -48.95 40.12
CA GLY B 237 5.66 -47.99 39.64
C GLY B 237 5.77 -46.60 40.24
N VAL B 238 6.59 -46.40 41.28
CA VAL B 238 6.71 -45.10 41.92
C VAL B 238 8.05 -44.47 41.57
N TYR B 239 8.05 -43.15 41.63
CA TYR B 239 9.23 -42.36 41.32
C TYR B 239 10.43 -42.86 42.13
N PRO B 240 11.61 -43.00 41.52
CA PRO B 240 12.76 -43.53 42.26
C PRO B 240 13.21 -42.67 43.43
N SER B 241 13.88 -43.34 44.37
CA SER B 241 14.35 -42.73 45.61
C SER B 241 15.77 -42.18 45.51
N ASP B 242 16.25 -41.92 44.31
CA ASP B 242 17.62 -41.44 44.10
C ASP B 242 17.67 -39.98 43.69
N GLY B 243 16.68 -39.18 44.12
CA GLY B 243 16.56 -37.80 43.71
C GLY B 243 16.75 -36.81 44.86
N PHE B 244 16.44 -35.55 44.56
CA PHE B 244 16.48 -34.49 45.58
C PHE B 244 15.40 -34.70 46.64
N ASP B 245 14.17 -35.03 46.23
CA ASP B 245 13.12 -35.42 47.17
C ASP B 245 12.34 -36.57 46.52
N SER B 246 11.21 -36.94 47.14
CA SER B 246 10.47 -38.10 46.68
C SER B 246 9.86 -37.93 45.31
N LEU B 247 9.84 -36.71 44.78
CA LEU B 247 9.16 -36.42 43.52
C LEU B 247 10.02 -35.77 42.45
N HIS B 248 11.29 -35.45 42.74
CA HIS B 248 12.10 -34.66 41.80
C HIS B 248 13.57 -35.05 41.86
N GLY B 249 14.22 -34.89 40.71
CA GLY B 249 15.68 -34.91 40.61
C GLY B 249 16.32 -36.27 40.53
N SER B 250 15.56 -37.30 40.16
CA SER B 250 16.07 -38.66 40.17
C SER B 250 17.33 -38.80 39.33
N ALA B 251 18.40 -39.31 39.95
CA ALA B 251 19.64 -39.51 39.21
C ALA B 251 19.41 -40.42 38.00
N SER B 252 18.67 -41.51 38.19
CA SER B 252 18.49 -42.48 37.11
C SER B 252 17.58 -41.95 36.01
N VAL B 253 16.55 -41.18 36.37
CA VAL B 253 15.71 -40.59 35.33
C VAL B 253 16.53 -39.58 34.53
N ARG B 254 17.35 -38.79 35.22
CA ARG B 254 18.19 -37.82 34.52
C ARG B 254 19.05 -38.51 33.47
N THR B 255 19.69 -39.60 33.86
CA THR B 255 20.59 -40.30 32.93
C THR B 255 19.82 -40.89 31.77
N PHE B 256 18.62 -41.41 32.05
CA PHE B 256 17.79 -41.96 31.01
C PHE B 256 17.39 -40.88 29.99
N LEU B 257 17.01 -39.70 30.48
CA LEU B 257 16.57 -38.66 29.56
C LEU B 257 17.76 -38.07 28.81
N THR B 258 18.84 -37.79 29.54
CA THR B 258 20.01 -37.19 28.89
C THR B 258 20.56 -38.12 27.81
N ASP B 259 20.69 -39.42 28.12
CA ASP B 259 21.17 -40.38 27.15
C ASP B 259 20.30 -40.39 25.90
N ALA B 260 18.98 -40.45 26.09
CA ALA B 260 18.09 -40.52 24.95
C ALA B 260 18.09 -39.23 24.12
N LEU B 261 18.44 -38.08 24.69
CA LEU B 261 18.42 -36.80 23.97
C LEU B 261 19.77 -36.42 23.36
N THR B 262 20.81 -37.20 23.60
CA THR B 262 22.14 -36.85 23.12
C THR B 262 22.71 -37.94 22.22
N CYS B 263 21.87 -38.69 21.53
CA CYS B 263 22.38 -39.60 20.50
C CYS B 263 23.19 -38.82 19.48
N PRO B 264 24.41 -39.22 19.16
CA PRO B 264 25.24 -38.40 18.27
C PRO B 264 24.84 -38.53 16.80
N ASP B 265 24.80 -37.38 16.13
CA ASP B 265 24.83 -37.34 14.66
C ASP B 265 23.62 -38.02 14.05
N ILE B 266 22.46 -37.83 14.64
CA ILE B 266 21.21 -38.30 14.06
C ILE B 266 20.73 -37.20 13.13
N ASP B 267 20.36 -37.58 11.90
CA ASP B 267 19.77 -36.61 10.97
C ASP B 267 18.24 -36.65 11.10
N TRP B 268 17.72 -35.92 12.09
CA TRP B 268 16.29 -35.98 12.36
C TRP B 268 15.46 -35.53 11.16
N SER B 269 16.05 -34.76 10.25
CA SER B 269 15.32 -34.30 9.07
C SER B 269 14.91 -35.45 8.15
N ARG B 270 15.55 -36.60 8.28
CA ARG B 270 15.27 -37.72 7.40
C ARG B 270 14.38 -38.80 8.03
N ILE B 271 13.80 -38.57 9.21
CA ILE B 271 12.87 -39.56 9.75
C ILE B 271 11.62 -38.85 10.23
N ASP B 272 10.46 -39.35 9.82
CA ASP B 272 9.18 -38.78 10.25
C ASP B 272 8.73 -39.51 11.51
N ALA B 273 9.44 -39.21 12.60
CA ALA B 273 9.20 -39.85 13.89
C ALA B 273 9.76 -39.00 15.02
N ALA B 274 9.16 -39.15 16.20
CA ALA B 274 9.60 -38.49 17.42
C ALA B 274 10.66 -39.28 18.17
N SER B 275 11.01 -40.48 17.70
CA SER B 275 12.08 -41.28 18.26
C SER B 275 12.48 -42.34 17.25
N CYS B 276 13.62 -42.97 17.50
CA CYS B 276 14.12 -44.13 16.75
C CYS B 276 15.12 -44.86 17.61
N GLU B 277 15.29 -46.16 17.32
CA GLU B 277 16.35 -46.92 17.94
C GLU B 277 17.64 -46.56 17.23
N TYR B 278 18.71 -46.36 18.01
CA TYR B 278 19.91 -45.71 17.50
C TYR B 278 20.40 -46.34 16.21
N ASP B 279 20.52 -47.67 16.18
CA ASP B 279 21.06 -48.33 15.01
C ASP B 279 20.21 -48.08 13.78
N SER B 280 18.91 -47.88 13.95
CA SER B 280 18.01 -47.60 12.84
C SER B 280 17.87 -46.11 12.51
N CYS B 281 18.35 -45.22 13.37
CA CYS B 281 18.21 -43.79 13.09
C CYS B 281 19.01 -43.40 11.84
N PRO B 282 18.49 -42.51 11.00
CA PRO B 282 19.32 -41.97 9.91
C PRO B 282 20.46 -41.14 10.49
N LYS B 283 21.66 -41.35 9.96
CA LYS B 283 22.84 -40.68 10.48
C LYS B 283 23.22 -39.51 9.58
N MET B 284 23.77 -38.46 10.22
CA MET B 284 24.29 -37.32 9.48
C MET B 284 25.34 -37.76 8.48
N VAL B 285 25.31 -37.20 7.27
CA VAL B 285 26.41 -37.39 6.31
C VAL B 285 27.48 -36.39 6.66
N LYS B 286 28.72 -36.84 6.76
CA LYS B 286 29.83 -35.95 7.09
C LYS B 286 30.75 -35.79 5.88
N ASP B 287 31.53 -34.71 5.89
CA ASP B 287 32.51 -34.52 4.85
C ASP B 287 33.48 -35.68 4.84
N PHE B 288 33.83 -36.13 3.65
CA PHE B 288 34.81 -37.20 3.53
C PHE B 288 36.20 -36.63 3.77
N ASP B 289 36.94 -37.25 4.67
CA ASP B 289 38.33 -36.90 4.93
C ASP B 289 39.20 -37.84 4.12
N GLN B 290 39.89 -37.30 3.14
CA GLN B 290 40.70 -38.12 2.25
C GLN B 290 42.17 -38.26 2.69
N THR B 291 42.49 -37.86 3.93
CA THR B 291 43.89 -37.82 4.37
C THR B 291 44.53 -39.20 4.29
N SER B 292 43.83 -40.23 4.77
CA SER B 292 44.40 -41.58 4.80
C SER B 292 44.61 -42.11 3.38
N LEU B 293 43.65 -41.88 2.49
CA LEU B 293 43.86 -42.28 1.11
C LEU B 293 45.04 -41.53 0.50
N GLY B 294 45.18 -40.24 0.82
CA GLY B 294 46.31 -39.48 0.32
C GLY B 294 47.64 -39.97 0.90
N ASN B 295 47.64 -40.31 2.19
CA ASN B 295 48.85 -40.88 2.79
C ASN B 295 49.27 -42.17 2.09
N THR B 296 48.29 -43.03 1.79
CA THR B 296 48.59 -44.32 1.15
C THR B 296 49.18 -44.13 -0.24
N ASP B 297 48.61 -43.22 -1.04
CA ASP B 297 49.21 -42.89 -2.33
C ASP B 297 50.66 -42.45 -2.16
N THR B 298 50.94 -41.58 -1.19
CA THR B 298 52.30 -41.05 -1.06
C THR B 298 53.28 -42.15 -0.65
N LEU B 299 52.88 -43.02 0.29
CA LEU B 299 53.72 -44.15 0.65
C LEU B 299 54.00 -45.03 -0.55
N ILE B 300 52.98 -45.27 -1.37
CA ILE B 300 53.19 -46.09 -2.57
C ILE B 300 54.15 -45.39 -3.52
N MET B 301 53.97 -44.09 -3.74
CA MET B 301 54.85 -43.36 -4.67
C MET B 301 56.31 -43.38 -4.21
N ARG B 302 56.55 -43.27 -2.92
CA ARG B 302 57.93 -43.33 -2.42
C ARG B 302 58.55 -44.68 -2.79
N GLU B 303 57.82 -45.78 -2.60
CA GLU B 303 58.43 -47.09 -2.83
C GLU B 303 58.64 -47.34 -4.33
N VAL B 304 57.66 -46.94 -5.16
CA VAL B 304 57.80 -47.06 -6.61
C VAL B 304 58.98 -46.24 -7.12
N ALA B 305 59.16 -45.03 -6.59
CA ALA B 305 60.32 -44.22 -6.97
C ALA B 305 61.61 -44.97 -6.67
N LEU B 306 61.70 -45.58 -5.48
CA LEU B 306 62.87 -46.38 -5.16
C LEU B 306 63.06 -47.48 -6.20
N HIS B 307 61.97 -48.15 -6.57
CA HIS B 307 62.03 -49.24 -7.54
C HIS B 307 62.59 -48.78 -8.87
N LYS B 308 62.22 -47.56 -9.32
CA LYS B 308 62.71 -47.07 -10.61
C LYS B 308 64.23 -47.08 -10.65
N GLU B 309 64.87 -46.61 -9.58
CA GLU B 309 66.32 -46.54 -9.57
C GLU B 309 66.96 -47.89 -9.26
N MET B 310 66.33 -48.71 -8.41
CA MET B 310 66.82 -50.08 -8.22
C MET B 310 66.83 -50.82 -9.54
N ILE B 311 65.76 -50.69 -10.32
CA ILE B 311 65.71 -51.33 -11.63
C ILE B 311 66.80 -50.77 -12.54
N SER B 312 66.95 -49.45 -12.56
CA SER B 312 68.00 -48.84 -13.36
C SER B 312 69.38 -49.43 -13.03
N LYS B 313 69.68 -49.65 -11.74
CA LYS B 313 70.99 -50.16 -11.37
C LYS B 313 71.15 -51.62 -11.79
N LEU B 314 70.09 -52.41 -11.68
CA LEU B 314 70.18 -53.80 -12.14
C LEU B 314 70.36 -53.86 -13.66
N GLN B 315 69.74 -52.93 -14.41
CA GLN B 315 69.94 -52.92 -15.85
C GLN B 315 71.41 -52.66 -16.21
N ARG B 316 72.05 -51.72 -15.53
CA ARG B 316 73.45 -51.47 -15.80
C ARG B 316 74.32 -52.65 -15.35
N ASP B 317 73.98 -53.28 -14.22
CA ASP B 317 74.74 -54.44 -13.75
C ASP B 317 74.67 -55.59 -14.76
N ILE B 318 73.46 -55.92 -15.23
CA ILE B 318 73.33 -56.97 -16.25
C ILE B 318 74.18 -56.63 -17.47
N THR B 319 74.00 -55.42 -18.01
CA THR B 319 74.68 -55.04 -19.23
C THR B 319 76.20 -55.20 -19.10
N ASP B 320 76.74 -54.86 -17.93
CA ASP B 320 78.14 -55.15 -17.63
C ASP B 320 78.44 -56.63 -17.89
N VAL B 321 77.65 -57.51 -17.29
CA VAL B 321 77.86 -58.95 -17.45
C VAL B 321 77.79 -59.36 -18.91
N LYS B 322 76.73 -58.93 -19.61
CA LYS B 322 76.59 -59.23 -21.03
C LYS B 322 77.83 -58.79 -21.80
N ILE B 323 78.26 -57.54 -21.61
CA ILE B 323 79.43 -57.04 -22.29
C ILE B 323 80.65 -57.89 -21.95
N ARG B 324 80.83 -58.22 -20.67
CA ARG B 324 81.99 -59.01 -20.25
C ARG B 324 81.94 -60.41 -20.85
N VAL B 325 80.76 -61.05 -20.80
CA VAL B 325 80.62 -62.39 -21.36
C VAL B 325 80.95 -62.39 -22.85
N ASP B 326 80.44 -61.38 -23.58
CA ASP B 326 80.69 -61.29 -25.01
C ASP B 326 82.16 -61.41 -25.38
N ALA B 327 83.06 -61.07 -24.47
CA ALA B 327 84.50 -61.09 -24.76
C ALA B 327 85.13 -62.46 -24.53
N ILE B 328 84.41 -63.40 -23.93
CA ILE B 328 84.90 -64.77 -23.80
C ILE B 328 85.27 -65.25 -25.19
N PRO B 329 86.50 -65.68 -25.42
CA PRO B 329 86.86 -66.27 -26.70
C PRO B 329 85.98 -67.48 -26.98
N PRO B 330 85.58 -67.70 -28.24
CA PRO B 330 84.77 -68.87 -28.56
C PRO B 330 85.59 -70.17 -28.53
N ARG C 1 32.97 -12.16 11.30
CA ARG C 1 31.83 -12.15 10.38
C ARG C 1 30.61 -12.82 11.01
N LEU C 2 29.58 -12.01 11.21
CA LEU C 2 28.35 -12.47 11.83
C LEU C 2 27.48 -13.20 10.81
N CYS C 3 26.96 -14.37 11.19
CA CYS C 3 25.95 -15.06 10.41
C CYS C 3 24.70 -15.20 11.25
N LEU C 4 23.59 -14.64 10.76
CA LEU C 4 22.28 -14.75 11.39
C LEU C 4 21.50 -15.95 10.85
N ARG C 5 20.78 -16.62 11.74
CA ARG C 5 20.01 -17.79 11.33
C ARG C 5 18.93 -17.40 10.34
N ASN C 6 19.03 -17.92 9.12
CA ASN C 6 18.10 -17.61 8.05
C ASN C 6 17.46 -18.93 7.64
N TYR C 7 16.36 -19.28 8.31
CA TYR C 7 15.92 -20.66 8.30
C TYR C 7 14.46 -20.68 8.73
N PRO C 8 13.68 -21.69 8.31
CA PRO C 8 12.23 -21.66 8.57
C PRO C 8 11.84 -21.78 10.05
N ASP C 9 12.78 -22.10 10.96
CA ASP C 9 12.49 -22.22 12.39
C ASP C 9 12.82 -20.96 13.15
N THR C 10 12.90 -19.85 12.45
CA THR C 10 13.29 -18.56 12.96
C THR C 10 12.21 -17.53 12.63
N THR C 11 11.88 -16.69 13.61
CA THR C 11 10.96 -15.57 13.40
C THR C 11 11.72 -14.26 13.51
N TRP C 12 11.57 -13.43 12.49
CA TRP C 12 12.10 -12.07 12.48
C TRP C 12 11.03 -11.11 12.99
N ILE C 13 11.33 -10.44 14.07
CA ILE C 13 10.39 -9.62 14.82
C ILE C 13 10.83 -8.18 14.58
N GLY C 14 10.04 -7.42 13.81
CA GLY C 14 10.46 -6.13 13.32
C GLY C 14 9.36 -5.08 13.27
N ASP C 15 9.76 -3.93 12.76
CA ASP C 15 8.90 -2.76 12.58
C ASP C 15 8.90 -2.36 11.11
N SER C 16 8.69 -1.07 10.78
CA SER C 16 8.55 -0.73 9.37
C SER C 16 9.78 -1.13 8.56
N ARG C 17 10.97 -1.06 9.17
CA ARG C 17 12.22 -1.35 8.47
C ARG C 17 12.30 -2.79 8.01
N SER C 18 11.43 -3.67 8.53
CA SER C 18 11.39 -5.07 8.14
C SER C 18 10.03 -5.47 7.58
N ASP C 19 9.08 -4.53 7.43
CA ASP C 19 7.68 -4.82 7.04
C ASP C 19 7.60 -4.93 5.52
N GLN C 20 8.23 -6.01 5.01
CA GLN C 20 8.42 -6.19 3.57
C GLN C 20 7.11 -6.24 2.81
N SER C 21 6.05 -6.76 3.43
CA SER C 21 4.82 -6.88 2.65
C SER C 21 4.01 -5.60 2.59
N ARG C 22 4.26 -4.60 3.43
CA ARG C 22 3.36 -3.45 3.51
C ARG C 22 4.07 -2.10 3.42
N VAL C 23 5.39 -2.07 3.31
CA VAL C 23 6.14 -0.83 3.32
C VAL C 23 6.92 -0.75 2.01
N ASN C 24 6.99 0.45 1.41
CA ASN C 24 7.73 0.63 0.17
C ASN C 24 9.18 0.18 0.34
N PRO C 25 9.72 -0.59 -0.59
CA PRO C 25 11.10 -1.10 -0.42
C PRO C 25 12.13 -0.04 -0.09
N GLN C 26 11.92 1.22 -0.49
CA GLN C 26 12.90 2.25 -0.20
C GLN C 26 13.05 2.53 1.31
N SER C 27 12.07 2.14 2.11
CA SER C 27 12.12 2.37 3.55
C SER C 27 12.54 1.13 4.33
N LEU C 28 12.82 0.03 3.64
CA LEU C 28 13.22 -1.21 4.29
C LEU C 28 14.72 -1.21 4.59
N ASP C 29 15.08 -1.83 5.70
CA ASP C 29 16.45 -2.21 5.99
C ASP C 29 16.66 -3.69 5.74
N LEU C 30 15.61 -4.49 5.92
CA LEU C 30 15.60 -5.90 5.56
C LEU C 30 15.16 -6.02 4.10
N VAL C 31 16.14 -6.07 3.20
CA VAL C 31 15.89 -6.04 1.77
C VAL C 31 16.30 -7.34 1.11
N THR C 32 16.52 -8.37 1.90
CA THR C 32 16.81 -9.70 1.38
C THR C 32 15.72 -10.63 1.89
N GLU C 33 15.54 -11.73 1.17
CA GLU C 33 14.46 -12.65 1.50
C GLU C 33 14.79 -13.36 2.80
N PHE C 34 13.81 -13.44 3.69
CA PHE C 34 14.00 -14.12 4.97
C PHE C 34 13.32 -15.48 4.90
N LYS C 35 14.08 -16.55 5.06
CA LYS C 35 13.52 -17.88 4.91
C LYS C 35 12.64 -18.29 6.09
N GLY C 36 12.66 -17.55 7.19
CA GLY C 36 11.81 -17.82 8.31
C GLY C 36 10.51 -17.01 8.25
N VAL C 37 9.83 -16.97 9.39
CA VAL C 37 8.55 -16.26 9.50
C VAL C 37 8.83 -14.80 9.80
N LEU C 38 8.25 -13.91 9.02
CA LEU C 38 8.43 -12.47 9.21
C LEU C 38 7.20 -11.88 9.91
N GLN C 39 7.40 -11.33 11.10
CA GLN C 39 6.34 -10.58 11.82
C GLN C 39 6.87 -9.18 12.07
N ALA C 40 6.60 -8.28 11.13
CA ALA C 40 7.10 -6.91 11.19
C ALA C 40 6.02 -5.95 10.71
N LYS C 41 5.79 -4.92 11.51
CA LYS C 41 4.70 -4.00 11.26
C LYS C 41 5.13 -2.56 11.46
N ASN C 42 4.83 -1.74 10.45
CA ASN C 42 5.05 -0.31 10.48
C ASN C 42 4.50 0.30 11.77
N GLY C 43 5.37 1.03 12.48
CA GLY C 43 4.96 1.77 13.65
C GLY C 43 4.94 0.98 14.93
N ASN C 44 5.18 -0.32 14.87
CA ASN C 44 4.94 -1.18 16.01
C ASN C 44 6.21 -1.37 16.85
N GLY C 45 6.00 -1.95 18.01
CA GLY C 45 7.01 -2.24 19.02
C GLY C 45 6.38 -3.18 20.02
N LEU C 46 7.21 -3.68 20.95
CA LEU C 46 6.69 -4.65 21.91
C LEU C 46 5.83 -3.97 22.96
N LEU C 47 6.09 -2.69 23.24
CA LEU C 47 5.16 -1.88 24.02
C LEU C 47 4.05 -1.31 23.16
N LYS C 48 4.40 -0.77 21.97
CA LYS C 48 3.37 -0.10 21.18
C LYS C 48 2.27 -1.06 20.75
N GLN C 49 2.59 -2.36 20.59
CA GLN C 49 1.54 -3.31 20.21
C GLN C 49 0.38 -3.31 21.19
N MET C 50 0.60 -2.91 22.45
CA MET C 50 -0.45 -2.95 23.46
C MET C 50 -1.22 -1.65 23.54
N SER C 51 -0.85 -0.66 22.76
CA SER C 51 -1.43 0.67 22.86
C SER C 51 -2.87 0.73 22.41
N GLY C 52 -3.33 -0.24 21.61
CA GLY C 52 -4.60 -0.15 20.88
C GLY C 52 -4.48 0.25 19.43
N ARG C 53 -3.30 0.68 18.96
CA ARG C 53 -3.07 1.02 17.56
C ARG C 53 -2.97 -0.20 16.66
N PHE C 54 -2.73 -1.36 17.24
CA PHE C 54 -2.42 -2.58 16.48
C PHE C 54 -3.31 -3.74 16.89
N PRO C 55 -4.62 -3.61 16.72
CA PRO C 55 -5.51 -4.65 17.28
C PRO C 55 -5.30 -6.01 16.64
N SER C 56 -4.85 -6.07 15.38
CA SER C 56 -4.61 -7.33 14.66
C SER C 56 -3.13 -7.66 14.46
N ASP C 57 -2.22 -6.86 15.00
CA ASP C 57 -0.79 -6.95 14.69
C ASP C 57 0.07 -7.23 15.94
N TRP C 58 -0.46 -7.95 16.91
CA TRP C 58 0.37 -8.41 18.03
C TRP C 58 1.41 -9.43 17.55
N TYR C 59 2.60 -9.40 18.17
CA TYR C 59 3.66 -10.36 17.86
C TYR C 59 3.38 -11.70 18.54
N THR C 60 3.49 -12.78 17.77
CA THR C 60 3.14 -14.10 18.28
C THR C 60 4.12 -15.13 17.74
N PRO C 61 5.41 -14.98 18.01
CA PRO C 61 6.34 -16.02 17.56
C PRO C 61 6.01 -17.36 18.18
N THR C 62 6.14 -18.42 17.39
CA THR C 62 5.98 -19.77 17.89
C THR C 62 7.16 -20.67 17.59
N THR C 63 8.23 -20.12 16.99
CA THR C 63 9.42 -20.85 16.62
C THR C 63 10.46 -20.87 17.73
N LYS C 64 11.35 -21.86 17.66
CA LYS C 64 12.47 -21.96 18.59
C LYS C 64 13.36 -20.71 18.55
N TYR C 65 13.63 -20.16 17.36
CA TYR C 65 14.59 -19.10 17.23
C TYR C 65 13.91 -17.81 16.80
N ARG C 66 14.51 -16.69 17.19
CA ARG C 66 14.01 -15.39 16.82
C ARG C 66 15.18 -14.47 16.52
N ILE C 67 14.93 -13.48 15.65
CA ILE C 67 15.83 -12.35 15.48
C ILE C 67 15.00 -11.08 15.65
N LEU C 68 15.39 -10.23 16.58
CA LEU C 68 14.66 -8.99 16.85
C LEU C 68 15.41 -7.83 16.24
N TYR C 69 14.67 -6.96 15.53
CA TYR C 69 15.19 -5.69 15.04
C TYR C 69 14.09 -4.64 15.26
N LEU C 70 13.86 -4.30 16.52
CA LEU C 70 12.85 -3.31 16.83
C LEU C 70 13.13 -2.68 18.18
N GLY C 71 12.43 -1.56 18.42
CA GLY C 71 12.56 -0.79 19.63
C GLY C 71 12.39 0.69 19.39
N THR C 72 12.80 1.21 18.24
CA THR C 72 12.77 2.65 18.03
C THR C 72 11.37 3.21 18.31
N ASN C 73 10.31 2.51 17.88
CA ASN C 73 8.95 3.02 18.09
C ASN C 73 8.55 2.97 19.56
N ASP C 74 9.11 2.04 20.33
CA ASP C 74 8.75 1.98 21.73
C ASP C 74 9.23 3.20 22.50
N CYS C 75 10.13 4.00 21.93
CA CYS C 75 10.56 5.19 22.62
C CYS C 75 9.52 6.29 22.63
N THR C 76 8.36 6.15 21.98
CA THR C 76 7.31 7.13 22.14
C THR C 76 6.42 6.86 23.35
N ASP C 77 6.52 5.69 23.99
CA ASP C 77 5.93 5.54 25.31
C ASP C 77 6.70 6.44 26.27
N GLY C 78 5.99 7.06 27.19
CA GLY C 78 6.60 8.00 28.11
C GLY C 78 5.91 8.01 29.47
N PRO C 79 6.09 9.09 30.22
CA PRO C 79 5.52 9.17 31.58
C PRO C 79 4.05 8.83 31.66
N THR C 80 3.26 9.20 30.65
CA THR C 80 1.82 8.94 30.74
C THR C 80 1.51 7.47 30.53
N ASP C 81 2.47 6.67 30.07
CA ASP C 81 2.25 5.25 29.94
C ASP C 81 2.63 4.46 31.20
N MET C 82 3.13 5.13 32.24
CA MET C 82 3.43 4.46 33.52
C MET C 82 2.94 5.31 34.69
N ILE C 83 1.84 6.02 34.49
CA ILE C 83 1.34 6.99 35.44
C ILE C 83 0.26 6.44 36.35
N ILE C 84 -0.45 5.37 35.95
CA ILE C 84 -1.41 4.83 36.91
C ILE C 84 -0.65 4.32 38.13
N PRO C 85 -1.06 4.68 39.35
CA PRO C 85 -0.33 4.19 40.53
C PRO C 85 -0.25 2.66 40.54
N THR C 86 0.93 2.17 40.90
CA THR C 86 1.37 0.75 40.98
C THR C 86 1.72 0.17 39.61
N SER C 87 1.65 0.96 38.53
CA SER C 87 2.13 0.52 37.24
C SER C 87 3.60 0.12 37.33
N MET C 88 4.00 -0.83 36.49
CA MET C 88 5.40 -1.08 36.28
C MET C 88 6.06 0.18 35.70
N THR C 89 7.36 0.30 35.91
CA THR C 89 8.09 1.29 35.13
C THR C 89 8.26 0.81 33.69
N LEU C 90 8.45 1.76 32.77
CA LEU C 90 8.72 1.37 31.38
C LEU C 90 10.02 0.57 31.29
N ASP C 91 11.03 0.93 32.09
CA ASP C 91 12.25 0.13 32.07
C ASP C 91 11.92 -1.34 32.34
N ASN C 92 11.12 -1.60 33.38
CA ASN C 92 10.87 -2.98 33.75
C ASN C 92 9.89 -3.64 32.81
N ALA C 93 8.92 -2.90 32.31
CA ALA C 93 7.97 -3.47 31.35
C ALA C 93 8.70 -3.89 30.07
N ALA C 94 9.53 -3.00 29.54
CA ALA C 94 10.26 -3.32 28.32
C ALA C 94 11.21 -4.48 28.52
N ARG C 95 11.89 -4.54 29.68
CA ARG C 95 12.79 -5.67 29.93
C ARG C 95 12.05 -6.98 29.84
N GLU C 96 10.90 -7.06 30.50
CA GLU C 96 10.12 -8.30 30.46
C GLU C 96 9.64 -8.60 29.05
N LEU C 97 9.22 -7.57 28.31
CA LEU C 97 8.70 -7.80 26.96
C LEU C 97 9.81 -8.24 26.01
N TYR C 98 10.97 -7.58 26.03
CA TYR C 98 12.05 -7.99 25.13
C TYR C 98 12.63 -9.34 25.54
N LEU C 99 12.70 -9.63 26.82
CA LEU C 99 13.12 -10.99 27.22
C LEU C 99 12.13 -12.04 26.72
N GLY C 100 10.82 -11.73 26.81
CA GLY C 100 9.83 -12.70 26.36
C GLY C 100 9.85 -12.90 24.85
N ALA C 101 9.97 -11.82 24.08
CA ALA C 101 10.08 -11.99 22.64
C ALA C 101 11.34 -12.76 22.27
N CYS C 102 12.42 -12.51 23.00
CA CYS C 102 13.70 -13.10 22.67
C CYS C 102 13.74 -14.59 23.03
N ARG C 103 13.38 -14.92 24.28
CA ARG C 103 13.58 -16.23 24.87
C ARG C 103 12.31 -16.99 25.17
N GLY C 104 11.17 -16.33 25.07
CA GLY C 104 9.97 -16.81 25.70
C GLY C 104 9.18 -17.78 24.85
N ASP C 105 8.52 -18.69 25.56
CA ASP C 105 7.36 -19.42 25.06
C ASP C 105 6.17 -18.51 25.36
N VAL C 106 5.69 -17.81 24.31
CA VAL C 106 4.78 -16.67 24.50
C VAL C 106 3.45 -16.95 23.82
N ARG C 107 2.42 -16.28 24.34
CA ARG C 107 1.09 -16.25 23.73
C ARG C 107 0.48 -14.87 23.88
N VAL C 108 -0.52 -14.57 23.05
CA VAL C 108 -1.30 -13.34 23.22
C VAL C 108 -2.75 -13.76 23.41
N THR C 109 -3.30 -13.43 24.57
CA THR C 109 -4.61 -13.94 24.95
C THR C 109 -5.43 -12.83 25.57
N PRO C 110 -6.75 -13.00 25.63
CA PRO C 110 -7.61 -11.98 26.23
C PRO C 110 -7.37 -11.84 27.73
N THR C 111 -7.33 -10.60 28.20
CA THR C 111 -7.11 -10.35 29.63
C THR C 111 -8.43 -10.35 30.37
N PHE C 112 -8.48 -11.04 31.50
CA PHE C 112 -9.70 -11.03 32.31
C PHE C 112 -9.98 -9.62 32.82
N VAL C 113 -11.25 -9.22 32.75
CA VAL C 113 -11.75 -7.98 33.34
C VAL C 113 -13.16 -8.23 33.85
N GLY C 114 -13.43 -7.81 35.09
CA GLY C 114 -14.72 -7.93 35.72
C GLY C 114 -14.95 -6.78 36.67
N ALA C 115 -16.10 -6.83 37.35
CA ALA C 115 -16.54 -5.71 38.19
C ALA C 115 -17.70 -6.16 39.06
N ALA C 116 -18.01 -5.34 40.08
CA ALA C 116 -19.13 -5.62 40.97
C ALA C 116 -20.48 -5.27 40.36
N ILE C 117 -20.51 -4.54 39.25
CA ILE C 117 -21.72 -4.29 38.47
C ILE C 117 -21.37 -4.65 37.02
N VAL C 118 -22.40 -4.75 36.18
CA VAL C 118 -22.18 -5.08 34.78
C VAL C 118 -21.61 -3.87 34.06
N GLY C 119 -20.42 -4.02 33.46
CA GLY C 119 -19.85 -2.94 32.69
C GLY C 119 -20.41 -2.98 31.28
N LEU C 120 -20.50 -1.80 30.68
CA LEU C 120 -21.00 -1.62 29.32
C LEU C 120 -19.84 -1.74 28.35
N VAL C 121 -19.91 -2.71 27.44
CA VAL C 121 -18.85 -2.91 26.45
C VAL C 121 -19.13 -2.04 25.24
N GLY C 122 -18.13 -1.25 24.85
CA GLY C 122 -18.22 -0.40 23.69
C GLY C 122 -16.82 -0.12 23.18
N ARG C 123 -16.73 0.84 22.26
CA ARG C 123 -15.45 1.35 21.77
C ARG C 123 -15.48 2.86 21.77
N THR C 124 -14.32 3.48 21.98
CA THR C 124 -14.26 4.94 22.03
C THR C 124 -12.82 5.37 21.80
N ASP C 125 -12.67 6.61 21.35
CA ASP C 125 -11.38 7.26 21.29
C ASP C 125 -11.16 8.22 22.46
N ALA C 126 -12.08 8.23 23.43
CA ALA C 126 -11.98 9.18 24.54
C ALA C 126 -10.89 8.84 25.55
N VAL C 127 -10.46 7.59 25.63
CA VAL C 127 -9.49 7.19 26.67
C VAL C 127 -8.07 7.43 26.20
N THR C 128 -7.77 7.06 24.96
CA THR C 128 -6.42 7.16 24.44
C THR C 128 -6.28 8.17 23.31
N GLY C 129 -7.37 8.69 22.78
CA GLY C 129 -7.34 9.55 21.62
C GLY C 129 -7.60 8.84 20.30
N PHE C 130 -7.64 7.50 20.31
CA PHE C 130 -7.98 6.68 19.16
C PHE C 130 -8.86 5.50 19.61
N SER C 131 -9.61 4.94 18.65
CA SER C 131 -10.68 3.98 18.96
C SER C 131 -10.12 2.68 19.53
N VAL C 132 -10.60 2.32 20.72
CA VAL C 132 -10.31 1.03 21.35
C VAL C 132 -11.52 0.48 22.08
N LYS C 133 -11.45 -0.80 22.40
CA LYS C 133 -12.46 -1.42 23.24
C LYS C 133 -12.40 -0.88 24.68
N VAL C 134 -13.57 -0.54 25.24
CA VAL C 134 -13.63 -0.11 26.64
C VAL C 134 -14.86 -0.69 27.35
N LEU C 135 -14.76 -0.71 28.68
CA LEU C 135 -15.92 -0.82 29.54
C LEU C 135 -16.24 0.56 30.11
N THR C 136 -17.51 0.90 30.13
CA THR C 136 -17.99 2.12 30.78
C THR C 136 -18.76 1.74 32.02
N PHE C 137 -18.39 2.36 33.14
CA PHE C 137 -19.08 2.25 34.41
C PHE C 137 -19.62 3.65 34.73
N SER C 138 -20.93 3.81 34.77
CA SER C 138 -21.54 5.11 34.99
C SER C 138 -21.89 5.35 36.45
N SER C 139 -21.61 4.39 37.32
CA SER C 139 -21.67 4.55 38.77
C SER C 139 -20.43 3.91 39.37
N PRO C 140 -20.05 4.30 40.60
CA PRO C 140 -18.79 3.80 41.16
C PRO C 140 -18.82 2.32 41.53
N THR C 141 -17.73 1.59 41.24
CA THR C 141 -17.76 0.16 41.53
C THR C 141 -16.34 -0.39 41.75
N ILE C 142 -16.28 -1.64 42.15
CA ILE C 142 -15.01 -2.37 42.19
C ILE C 142 -14.75 -2.92 40.80
N VAL C 143 -13.56 -2.64 40.26
CA VAL C 143 -13.12 -3.17 38.97
C VAL C 143 -11.91 -4.07 39.20
N VAL C 144 -11.93 -5.25 38.58
CA VAL C 144 -10.85 -6.23 38.71
C VAL C 144 -10.31 -6.56 37.32
N VAL C 145 -8.99 -6.66 37.24
CA VAL C 145 -8.29 -6.96 35.99
C VAL C 145 -7.23 -8.01 36.28
N GLY C 146 -7.15 -9.02 35.42
CA GLY C 146 -6.17 -10.08 35.61
C GLY C 146 -6.51 -11.09 36.70
N LEU C 147 -5.70 -12.15 36.75
CA LEU C 147 -5.94 -13.27 37.64
C LEU C 147 -4.66 -13.67 38.35
N ASN C 148 -4.78 -14.01 39.65
CA ASN C 148 -3.68 -14.59 40.42
C ASN C 148 -3.05 -15.74 39.66
N GLY C 149 -1.72 -15.78 39.67
CA GLY C 149 -0.99 -16.80 38.99
C GLY C 149 -0.66 -16.48 37.54
N MET C 150 -1.17 -15.39 37.00
CA MET C 150 -0.88 -15.05 35.64
C MET C 150 0.62 -14.83 35.44
N SER C 151 1.04 -14.99 34.20
CA SER C 151 2.44 -14.83 33.82
C SER C 151 2.50 -14.08 32.48
N GLY C 152 2.53 -12.76 32.55
CA GLY C 152 2.57 -11.96 31.35
C GLY C 152 2.33 -10.50 31.69
N ILE C 153 2.21 -9.68 30.66
CA ILE C 153 2.08 -8.25 30.81
C ILE C 153 0.90 -7.76 30.00
N TYR C 154 0.16 -6.81 30.56
CA TYR C 154 -0.96 -6.19 29.88
C TYR C 154 -0.90 -4.69 30.16
N LYS C 155 -1.55 -3.93 29.30
CA LYS C 155 -1.62 -2.47 29.46
C LYS C 155 -3.04 -2.05 29.82
N VAL C 156 -3.16 -1.08 30.72
CA VAL C 156 -4.44 -0.52 31.15
C VAL C 156 -4.37 0.98 30.88
N CYS C 157 -5.44 1.51 30.32
CA CYS C 157 -5.58 2.96 30.20
C CYS C 157 -6.94 3.38 30.74
N ILE C 158 -6.98 4.46 31.52
CA ILE C 158 -8.23 4.88 32.14
C ILE C 158 -8.53 6.34 31.84
N ALA C 159 -9.85 6.62 31.80
CA ALA C 159 -10.42 7.97 31.91
C ALA C 159 -11.47 7.90 33.03
N ALA C 160 -11.04 8.10 34.26
CA ALA C 160 -11.90 7.93 35.43
C ALA C 160 -12.25 9.27 36.04
N THR C 161 -13.46 9.38 36.54
CA THR C 161 -13.85 10.52 37.35
C THR C 161 -13.75 10.23 38.84
N SER C 162 -13.58 8.96 39.21
CA SER C 162 -13.29 8.61 40.59
C SER C 162 -12.62 7.26 40.58
N GLY C 163 -11.92 6.96 41.66
CA GLY C 163 -11.36 5.64 41.88
C GLY C 163 -10.01 5.69 42.55
N ASN C 164 -9.64 4.57 43.15
CA ASN C 164 -8.36 4.43 43.84
C ASN C 164 -7.89 2.98 43.71
N VAL C 165 -6.60 2.79 43.94
CA VAL C 165 -6.00 1.46 43.98
C VAL C 165 -5.37 1.34 45.36
N GLY C 166 -5.95 0.47 46.19
CA GLY C 166 -5.49 0.32 47.56
C GLY C 166 -5.53 1.60 48.35
N GLY C 167 -6.50 2.47 48.11
CA GLY C 167 -6.56 3.75 48.79
C GLY C 167 -5.78 4.87 48.13
N VAL C 168 -4.93 4.58 47.15
CA VAL C 168 -4.20 5.61 46.41
C VAL C 168 -5.07 6.09 45.24
N LYS C 169 -5.32 7.40 45.19
CA LYS C 169 -6.17 7.97 44.15
C LYS C 169 -5.61 7.69 42.77
N LEU C 170 -6.47 7.28 41.86
CA LEU C 170 -6.03 7.01 40.51
C LEU C 170 -5.68 8.31 39.81
N ILE C 171 -4.82 8.19 38.81
CA ILE C 171 -4.40 9.27 37.93
C ILE C 171 -4.69 8.81 36.51
N ASN C 172 -5.34 9.65 35.72
CA ASN C 172 -5.73 9.24 34.38
C ASN C 172 -4.53 9.17 33.45
N GLY C 173 -4.55 8.18 32.56
CA GLY C 173 -3.41 7.80 31.76
C GLY C 173 -3.32 6.29 31.67
N CYS C 174 -2.10 5.77 31.56
CA CYS C 174 -1.89 4.35 31.32
C CYS C 174 -0.88 3.75 32.28
N GLY C 175 -0.86 2.41 32.28
CA GLY C 175 0.11 1.67 33.04
C GLY C 175 0.25 0.28 32.48
N TYR C 176 1.39 -0.32 32.75
CA TYR C 176 1.69 -1.70 32.42
C TYR C 176 1.68 -2.51 33.71
N PHE C 177 1.12 -3.73 33.65
CA PHE C 177 0.94 -4.59 34.79
C PHE C 177 1.29 -6.03 34.42
N ASN C 178 1.83 -6.75 35.39
CA ASN C 178 2.11 -8.16 35.26
C ASN C 178 1.55 -8.93 36.44
N THR C 179 0.60 -8.33 37.14
CA THR C 179 -0.09 -8.92 38.27
C THR C 179 -1.54 -8.49 38.15
N PRO C 180 -2.45 -9.20 38.82
CA PRO C 180 -3.84 -8.74 38.86
C PRO C 180 -3.95 -7.41 39.58
N LEU C 181 -4.98 -6.65 39.25
CA LEU C 181 -5.19 -5.41 39.95
C LEU C 181 -6.65 -5.27 40.35
N ARG C 182 -6.88 -4.39 41.33
CA ARG C 182 -8.21 -4.09 41.83
C ARG C 182 -8.32 -2.58 42.00
N PHE C 183 -9.32 -1.97 41.36
CA PHE C 183 -9.67 -0.57 41.58
C PHE C 183 -10.94 -0.51 42.40
N ASP C 184 -10.97 0.40 43.36
CA ASP C 184 -12.17 0.65 44.15
C ASP C 184 -12.78 2.01 43.80
N ASN C 185 -14.10 2.12 43.95
CA ASN C 185 -14.77 3.40 43.76
C ASN C 185 -14.55 3.95 42.36
N PHE C 186 -14.43 3.04 41.39
CA PHE C 186 -14.08 3.40 40.02
C PHE C 186 -15.32 3.83 39.26
N GLN C 187 -15.25 4.99 38.63
CA GLN C 187 -16.28 5.43 37.72
C GLN C 187 -15.59 6.04 36.51
N GLY C 188 -16.03 5.64 35.31
CA GLY C 188 -15.44 6.13 34.08
C GLY C 188 -15.22 5.00 33.08
N GLN C 189 -14.22 5.11 32.19
CA GLN C 189 -13.96 4.13 31.15
C GLN C 189 -12.60 3.52 31.34
N ILE C 190 -12.49 2.24 30.99
CA ILE C 190 -11.24 1.53 31.16
C ILE C 190 -10.96 0.70 29.91
N TYR C 191 -9.75 0.87 29.38
CA TYR C 191 -9.20 0.04 28.33
C TYR C 191 -8.24 -0.95 28.96
N VAL C 192 -8.35 -2.21 28.57
CA VAL C 192 -7.41 -3.25 28.98
C VAL C 192 -6.96 -3.99 27.70
N SER C 193 -5.64 -3.99 27.45
CA SER C 193 -5.12 -4.76 26.32
C SER C 193 -5.14 -6.26 26.59
N ASP C 194 -4.94 -6.99 25.51
CA ASP C 194 -4.59 -8.40 25.61
C ASP C 194 -3.31 -8.55 26.45
N THR C 195 -3.10 -9.76 26.93
CA THR C 195 -1.94 -10.13 27.72
C THR C 195 -0.89 -10.75 26.78
N PHE C 196 0.31 -10.24 26.85
CA PHE C 196 1.49 -10.88 26.24
C PHE C 196 2.02 -11.85 27.30
N GLU C 197 1.62 -13.10 27.18
CA GLU C 197 2.01 -14.16 28.11
C GLU C 197 3.44 -14.56 27.84
N VAL C 198 4.22 -14.62 28.89
CA VAL C 198 5.59 -15.12 28.83
C VAL C 198 5.70 -16.24 29.85
N ARG C 199 5.89 -17.45 29.36
CA ARG C 199 5.90 -18.62 30.22
C ARG C 199 7.36 -19.05 30.40
N GLY C 200 7.76 -20.23 29.93
CA GLY C 200 9.15 -20.61 29.99
C GLY C 200 10.01 -19.75 29.06
N THR C 201 11.33 -19.82 29.23
CA THR C 201 12.21 -18.92 28.53
C THR C 201 13.44 -19.63 28.00
N LYS C 202 13.23 -20.79 27.35
CA LYS C 202 14.34 -21.50 26.72
C LYS C 202 14.36 -21.43 25.21
N ASN C 203 13.56 -20.57 24.59
CA ASN C 203 13.82 -20.28 23.20
C ASN C 203 15.01 -19.32 23.10
N LYS C 204 15.49 -19.06 21.88
CA LYS C 204 16.74 -18.34 21.69
C LYS C 204 16.62 -17.24 20.65
N CYS C 205 17.36 -16.13 20.84
CA CYS C 205 17.30 -15.05 19.86
C CYS C 205 18.64 -14.33 19.71
N VAL C 206 18.68 -13.50 18.67
CA VAL C 206 19.60 -12.38 18.56
C VAL C 206 18.74 -11.14 18.65
N LEU C 207 19.23 -10.13 19.39
CA LEU C 207 18.57 -8.83 19.57
C LEU C 207 19.46 -7.79 18.90
N LEU C 208 19.07 -7.39 17.70
CA LEU C 208 19.79 -6.38 16.94
C LEU C 208 19.40 -4.99 17.43
N ARG C 209 20.41 -4.14 17.71
CA ARG C 209 20.11 -2.77 18.08
C ARG C 209 19.19 -2.13 17.06
N SER C 210 18.11 -1.50 17.57
CA SER C 210 17.21 -0.64 16.84
C SER C 210 17.47 0.78 17.27
N SER C 211 17.99 1.62 16.36
CA SER C 211 18.33 2.99 16.67
C SER C 211 17.22 3.94 16.26
N SER C 212 17.07 5.01 17.02
CA SER C 212 16.14 6.07 16.65
C SER C 212 16.94 7.20 16.01
N ASP C 213 16.25 8.28 15.63
CA ASP C 213 16.95 9.43 15.09
C ASP C 213 17.38 10.41 16.19
N THR C 214 17.11 10.10 17.45
CA THR C 214 17.71 10.74 18.61
C THR C 214 18.15 9.63 19.53
N PRO C 215 18.94 9.93 20.57
CA PRO C 215 19.38 8.87 21.48
C PRO C 215 18.20 8.13 22.10
N LEU C 216 18.39 6.85 22.30
CA LEU C 216 17.31 5.98 22.74
C LEU C 216 16.83 6.38 24.13
N CYS C 217 15.52 6.26 24.32
CA CYS C 217 14.93 6.31 25.64
C CYS C 217 15.56 5.24 26.54
N SER C 218 15.45 5.45 27.85
CA SER C 218 16.10 4.55 28.81
C SER C 218 15.57 3.13 28.68
N HIS C 219 14.26 2.99 28.48
CA HIS C 219 13.73 1.65 28.54
C HIS C 219 14.14 0.80 27.34
N ILE C 220 14.51 1.38 26.20
CA ILE C 220 15.05 0.62 25.08
C ILE C 220 16.58 0.60 25.08
N MET C 221 17.21 1.70 25.51
CA MET C 221 18.67 1.70 25.65
C MET C 221 19.14 0.51 26.48
N ARG C 222 18.38 0.16 27.53
CA ARG C 222 18.79 -0.89 28.44
C ARG C 222 18.80 -2.28 27.80
N ASN C 223 18.31 -2.44 26.57
CA ASN C 223 18.44 -3.74 25.93
C ASN C 223 19.90 -4.10 25.68
N VAL C 224 20.80 -3.12 25.72
CA VAL C 224 22.23 -3.39 25.60
C VAL C 224 22.71 -4.32 26.71
N GLU C 225 21.97 -4.43 27.80
CA GLU C 225 22.38 -5.27 28.92
C GLU C 225 22.08 -6.74 28.70
N LEU C 226 21.31 -7.08 27.68
CA LEU C 226 20.97 -8.47 27.42
C LEU C 226 22.10 -9.16 26.68
N ASP C 227 22.36 -10.41 27.05
CA ASP C 227 23.43 -11.18 26.40
C ASP C 227 23.26 -11.21 24.90
N GLU C 228 22.02 -11.23 24.42
CA GLU C 228 21.75 -11.38 22.99
C GLU C 228 21.94 -10.09 22.18
N TYR C 229 22.21 -8.96 22.83
CA TYR C 229 22.32 -7.71 22.10
C TYR C 229 23.48 -7.75 21.11
N VAL C 230 23.24 -7.25 19.90
CA VAL C 230 24.25 -7.11 18.88
C VAL C 230 24.11 -5.71 18.27
N ASP C 231 25.22 -4.97 18.24
CA ASP C 231 25.21 -3.64 17.66
C ASP C 231 24.91 -3.70 16.16
N THR C 232 24.21 -2.69 15.68
CA THR C 232 23.97 -2.45 14.26
C THR C 232 24.53 -1.07 13.91
N PRO C 233 24.83 -0.80 12.63
CA PRO C 233 25.47 0.48 12.28
C PRO C 233 24.73 1.68 12.82
N ASN C 234 25.48 2.59 13.44
CA ASN C 234 24.88 3.77 14.07
C ASN C 234 25.95 4.86 14.16
N THR C 235 25.49 6.08 14.39
CA THR C 235 26.36 7.27 14.49
C THR C 235 26.13 7.85 15.87
N GLY C 236 27.09 7.63 16.76
CA GLY C 236 26.91 8.06 18.14
C GLY C 236 25.63 7.52 18.74
N GLY C 237 25.22 6.32 18.35
CA GLY C 237 24.01 5.73 18.89
C GLY C 237 22.74 6.06 18.13
N VAL C 238 22.83 6.91 17.12
CA VAL C 238 21.69 7.39 16.36
C VAL C 238 21.65 6.72 15.00
N TYR C 239 20.46 6.60 14.45
CA TYR C 239 20.29 5.98 13.14
C TYR C 239 21.17 6.68 12.09
N PRO C 240 21.88 5.93 11.24
CA PRO C 240 22.80 6.59 10.29
C PRO C 240 22.06 7.48 9.30
N SER C 241 22.79 8.45 8.76
CA SER C 241 22.24 9.44 7.85
C SER C 241 22.36 9.04 6.38
N ASP C 242 22.54 7.76 6.09
CA ASP C 242 22.80 7.28 4.74
C ASP C 242 21.60 6.51 4.18
N GLY C 243 20.39 6.89 4.61
CA GLY C 243 19.17 6.20 4.24
C GLY C 243 18.22 7.03 3.40
N PHE C 244 17.01 6.50 3.27
CA PHE C 244 15.95 7.20 2.54
C PHE C 244 15.48 8.43 3.32
N ASP C 245 15.26 8.27 4.62
CA ASP C 245 15.00 9.41 5.49
C ASP C 245 15.77 9.14 6.78
N SER C 246 15.52 9.97 7.78
CA SER C 246 16.31 9.96 9.00
C SER C 246 16.08 8.72 9.84
N LEU C 247 15.06 7.90 9.48
CA LEU C 247 14.71 6.70 10.24
C LEU C 247 14.67 5.41 9.43
N HIS C 248 14.89 5.45 8.12
CA HIS C 248 14.65 4.26 7.31
C HIS C 248 15.63 4.15 6.17
N GLY C 249 15.96 2.91 5.82
CA GLY C 249 16.61 2.65 4.54
C GLY C 249 18.11 2.86 4.53
N SER C 250 18.74 2.85 5.70
CA SER C 250 20.19 3.07 5.78
C SER C 250 20.95 2.10 4.88
N ALA C 251 21.79 2.65 4.00
CA ALA C 251 22.62 1.79 3.17
C ALA C 251 23.52 0.88 4.02
N SER C 252 24.12 1.41 5.08
CA SER C 252 25.04 0.62 5.88
C SER C 252 24.30 -0.41 6.74
N VAL C 253 23.10 -0.07 7.24
CA VAL C 253 22.34 -1.08 7.96
C VAL C 253 21.92 -2.19 7.01
N ARG C 254 21.46 -1.82 5.81
CA ARG C 254 21.07 -2.84 4.83
C ARG C 254 22.22 -3.80 4.56
N THR C 255 23.41 -3.26 4.30
CA THR C 255 24.54 -4.12 3.97
C THR C 255 24.87 -5.03 5.14
N PHE C 256 24.81 -4.50 6.35
CA PHE C 256 25.08 -5.29 7.54
C PHE C 256 24.12 -6.49 7.64
N LEU C 257 22.80 -6.24 7.48
CA LEU C 257 21.82 -7.32 7.60
C LEU C 257 21.89 -8.29 6.43
N THR C 258 22.01 -7.78 5.20
CA THR C 258 22.09 -8.67 4.06
C THR C 258 23.32 -9.58 4.16
N ASP C 259 24.47 -9.01 4.49
CA ASP C 259 25.66 -9.82 4.62
C ASP C 259 25.46 -10.92 5.66
N ALA C 260 24.90 -10.57 6.82
CA ALA C 260 24.73 -11.55 7.90
C ALA C 260 23.67 -12.61 7.57
N LEU C 261 22.73 -12.31 6.68
CA LEU C 261 21.69 -13.26 6.32
C LEU C 261 22.04 -14.09 5.09
N THR C 262 23.18 -13.84 4.45
CA THR C 262 23.55 -14.54 3.22
C THR C 262 24.90 -15.22 3.33
N CYS C 263 25.30 -15.60 4.53
CA CYS C 263 26.47 -16.45 4.65
C CYS C 263 26.25 -17.72 3.83
N PRO C 264 27.18 -18.11 2.95
CA PRO C 264 26.95 -19.26 2.08
C PRO C 264 27.09 -20.59 2.79
N ASP C 265 26.15 -21.50 2.48
CA ASP C 265 26.29 -22.92 2.76
C ASP C 265 26.42 -23.19 4.27
N ILE C 266 25.62 -22.50 5.07
CA ILE C 266 25.54 -22.78 6.49
C ILE C 266 24.50 -23.87 6.69
N ASP C 267 24.86 -24.93 7.40
CA ASP C 267 23.91 -25.99 7.74
C ASP C 267 23.32 -25.67 9.11
N TRP C 268 22.30 -24.80 9.11
CA TRP C 268 21.68 -24.36 10.36
C TRP C 268 21.08 -25.53 11.13
N SER C 269 20.77 -26.64 10.46
CA SER C 269 20.18 -27.75 11.18
C SER C 269 21.15 -28.33 12.21
N ARG C 270 22.44 -28.04 12.10
CA ARG C 270 23.44 -28.62 12.98
C ARG C 270 23.87 -27.68 14.10
N ILE C 271 23.25 -26.52 14.25
CA ILE C 271 23.63 -25.62 15.34
C ILE C 271 22.38 -25.12 16.06
N ASP C 272 22.41 -25.23 17.39
CA ASP C 272 21.32 -24.75 18.24
C ASP C 272 21.62 -23.31 18.66
N ALA C 273 21.44 -22.42 17.71
CA ALA C 273 21.72 -21.02 17.96
C ALA C 273 21.07 -20.19 16.88
N ALA C 274 20.77 -18.95 17.22
CA ALA C 274 20.21 -18.00 16.27
C ALA C 274 21.29 -17.28 15.47
N SER C 275 22.56 -17.53 15.77
CA SER C 275 23.65 -16.95 14.99
C SER C 275 24.94 -17.71 15.30
N CYS C 276 25.95 -17.45 14.47
CA CYS C 276 27.31 -17.97 14.65
C CYS C 276 28.28 -17.11 13.84
N GLU C 277 29.54 -17.14 14.27
CA GLU C 277 30.62 -16.54 13.50
C GLU C 277 30.99 -17.48 12.37
N TYR C 278 31.19 -16.90 11.18
CA TYR C 278 31.25 -17.69 9.95
C TYR C 278 32.19 -18.88 10.09
N ASP C 279 33.42 -18.64 10.55
CA ASP C 279 34.39 -19.73 10.57
C ASP C 279 33.95 -20.87 11.48
N SER C 280 33.22 -20.57 12.54
CA SER C 280 32.71 -21.59 13.45
C SER C 280 31.36 -22.19 13.05
N CYS C 281 30.64 -21.60 12.10
CA CYS C 281 29.35 -22.15 11.69
C CYS C 281 29.55 -23.52 11.02
N PRO C 282 28.66 -24.48 11.26
CA PRO C 282 28.72 -25.73 10.49
C PRO C 282 28.37 -25.47 9.04
N LYS C 283 29.13 -26.08 8.13
CA LYS C 283 28.94 -25.89 6.70
C LYS C 283 28.20 -27.08 6.11
N MET C 284 27.41 -26.82 5.06
CA MET C 284 26.73 -27.87 4.34
C MET C 284 27.75 -28.88 3.82
N VAL C 285 27.41 -30.16 3.91
CA VAL C 285 28.26 -31.19 3.33
C VAL C 285 27.99 -31.26 1.83
N LYS C 286 29.07 -31.37 1.06
CA LYS C 286 29.00 -31.48 -0.38
C LYS C 286 29.45 -32.87 -0.81
N ASP C 287 29.02 -33.29 -2.01
CA ASP C 287 29.47 -34.56 -2.55
C ASP C 287 30.98 -34.52 -2.73
N PHE C 288 31.66 -35.60 -2.32
CA PHE C 288 33.11 -35.67 -2.51
C PHE C 288 33.43 -36.00 -3.97
N ASP C 289 34.36 -35.24 -4.55
CA ASP C 289 34.84 -35.47 -5.91
C ASP C 289 36.17 -36.21 -5.81
N GLN C 290 36.17 -37.47 -6.25
CA GLN C 290 37.33 -38.33 -6.16
C GLN C 290 38.23 -38.27 -7.39
N THR C 291 38.03 -37.28 -8.27
CA THR C 291 38.77 -37.24 -9.53
C THR C 291 40.27 -37.19 -9.31
N SER C 292 40.74 -36.34 -8.39
CA SER C 292 42.18 -36.22 -8.19
C SER C 292 42.77 -37.50 -7.60
N LEU C 293 42.06 -38.12 -6.65
CA LEU C 293 42.55 -39.38 -6.09
C LEU C 293 42.61 -40.45 -7.17
N GLY C 294 41.63 -40.46 -8.08
CA GLY C 294 41.64 -41.43 -9.17
C GLY C 294 42.79 -41.18 -10.15
N ASN C 295 43.02 -39.91 -10.48
CA ASN C 295 44.14 -39.55 -11.36
C ASN C 295 45.47 -40.00 -10.77
N THR C 296 45.61 -39.86 -9.45
CA THR C 296 46.84 -40.30 -8.80
C THR C 296 47.02 -41.80 -8.93
N ASP C 297 45.95 -42.57 -8.68
CA ASP C 297 46.01 -44.02 -8.84
C ASP C 297 46.47 -44.38 -10.25
N THR C 298 45.91 -43.70 -11.25
CA THR C 298 46.23 -43.99 -12.65
C THR C 298 47.69 -43.72 -12.95
N LEU C 299 48.19 -42.56 -12.50
CA LEU C 299 49.60 -42.25 -12.70
C LEU C 299 50.49 -43.31 -12.07
N ILE C 300 50.10 -43.79 -10.90
CA ILE C 300 50.88 -44.83 -10.22
C ILE C 300 50.82 -46.12 -11.01
N MET C 301 49.61 -46.51 -11.43
CA MET C 301 49.42 -47.73 -12.16
C MET C 301 50.21 -47.73 -13.46
N ARG C 302 50.29 -46.59 -14.12
CA ARG C 302 51.12 -46.47 -15.32
C ARG C 302 52.57 -46.80 -15.00
N GLU C 303 53.12 -46.17 -13.95
CA GLU C 303 54.52 -46.38 -13.62
C GLU C 303 54.76 -47.82 -13.22
N VAL C 304 53.84 -48.43 -12.47
CA VAL C 304 54.00 -49.82 -12.05
C VAL C 304 53.97 -50.74 -13.28
N ALA C 305 53.09 -50.44 -14.24
CA ALA C 305 53.09 -51.19 -15.51
C ALA C 305 54.46 -51.12 -16.18
N LEU C 306 55.04 -49.92 -16.23
CA LEU C 306 56.37 -49.76 -16.82
C LEU C 306 57.39 -50.62 -16.07
N HIS C 307 57.34 -50.58 -14.73
CA HIS C 307 58.27 -51.38 -13.93
C HIS C 307 58.10 -52.87 -14.22
N LYS C 308 56.86 -53.33 -14.38
CA LYS C 308 56.64 -54.72 -14.76
C LYS C 308 57.33 -55.03 -16.08
N GLU C 309 57.21 -54.15 -17.07
CA GLU C 309 57.90 -54.37 -18.35
C GLU C 309 59.42 -54.39 -18.17
N MET C 310 59.95 -53.44 -17.42
CA MET C 310 61.39 -53.35 -17.24
C MET C 310 61.91 -54.55 -16.45
N ILE C 311 61.14 -55.02 -15.46
CA ILE C 311 61.57 -56.20 -14.72
C ILE C 311 61.58 -57.42 -15.62
N SER C 312 60.57 -57.55 -16.49
CA SER C 312 60.54 -58.64 -17.45
C SER C 312 61.79 -58.65 -18.32
N LYS C 313 62.15 -57.50 -18.89
CA LYS C 313 63.36 -57.42 -19.70
C LYS C 313 64.60 -57.81 -18.90
N LEU C 314 64.72 -57.28 -17.67
CA LEU C 314 65.81 -57.68 -16.78
C LEU C 314 65.87 -59.21 -16.62
N GLN C 315 64.70 -59.85 -16.45
CA GLN C 315 64.65 -61.30 -16.29
C GLN C 315 65.09 -62.01 -17.56
N ARG C 316 64.61 -61.55 -18.71
CA ARG C 316 65.05 -62.11 -19.98
C ARG C 316 66.57 -61.99 -20.12
N ASP C 317 67.10 -60.81 -19.81
CA ASP C 317 68.53 -60.58 -20.03
C ASP C 317 69.37 -61.44 -19.10
N ILE C 318 68.96 -61.60 -17.84
CA ILE C 318 69.75 -62.44 -16.92
C ILE C 318 69.69 -63.91 -17.37
N THR C 319 68.51 -64.37 -17.81
CA THR C 319 68.38 -65.74 -18.30
C THR C 319 69.28 -65.98 -19.51
N ASP C 320 69.29 -65.03 -20.45
CA ASP C 320 70.14 -65.18 -21.64
C ASP C 320 71.59 -65.36 -21.25
N VAL C 321 72.09 -64.49 -20.38
CA VAL C 321 73.49 -64.55 -19.96
C VAL C 321 73.76 -65.87 -19.25
N LYS C 322 72.86 -66.30 -18.36
CA LYS C 322 73.05 -67.59 -17.70
C LYS C 322 73.05 -68.73 -18.71
N ILE C 323 72.14 -68.68 -19.68
CA ILE C 323 72.13 -69.69 -20.74
C ILE C 323 73.54 -69.85 -21.31
N ARG C 324 74.19 -68.72 -21.59
CA ARG C 324 75.53 -68.77 -22.17
C ARG C 324 76.55 -69.34 -21.18
N VAL C 325 76.51 -68.88 -19.93
CA VAL C 325 77.41 -69.41 -18.91
C VAL C 325 76.94 -70.81 -18.52
N ARG D 1 -34.41 11.17 -12.57
CA ARG D 1 -33.77 11.96 -13.62
C ARG D 1 -32.28 12.19 -13.32
N LEU D 2 -31.44 11.65 -14.19
CA LEU D 2 -29.99 11.87 -14.11
C LEU D 2 -29.63 13.30 -14.49
N CYS D 3 -28.79 13.94 -13.67
CA CYS D 3 -28.22 15.24 -13.97
C CYS D 3 -26.71 15.08 -13.94
N LEU D 4 -26.07 15.37 -15.07
CA LEU D 4 -24.63 15.36 -15.18
C LEU D 4 -24.08 16.75 -14.89
N ARG D 5 -22.94 16.79 -14.23
CA ARG D 5 -22.34 18.07 -13.87
C ARG D 5 -21.94 18.80 -15.14
N ASN D 6 -22.55 19.96 -15.37
CA ASN D 6 -22.30 20.74 -16.58
C ASN D 6 -21.75 22.07 -16.11
N TYR D 7 -20.43 22.17 -15.95
CA TYR D 7 -19.86 23.23 -15.13
C TYR D 7 -18.37 23.36 -15.45
N PRO D 8 -17.80 24.56 -15.29
CA PRO D 8 -16.42 24.78 -15.78
C PRO D 8 -15.35 23.97 -15.03
N ASP D 9 -15.67 23.29 -13.94
CA ASP D 9 -14.68 22.48 -13.23
C ASP D 9 -14.73 21.01 -13.65
N THR D 10 -15.31 20.74 -14.81
CA THR D 10 -15.57 19.38 -15.29
C THR D 10 -14.97 19.23 -16.68
N THR D 11 -14.35 18.07 -16.93
CA THR D 11 -13.86 17.76 -18.26
C THR D 11 -14.63 16.62 -18.88
N TRP D 12 -15.11 16.85 -20.09
CA TRP D 12 -15.80 15.84 -20.88
C TRP D 12 -14.76 15.13 -21.75
N ILE D 13 -14.62 13.82 -21.57
CA ILE D 13 -13.55 13.06 -22.21
C ILE D 13 -14.22 12.12 -23.20
N GLY D 14 -14.03 12.38 -24.50
CA GLY D 14 -14.78 11.70 -25.52
C GLY D 14 -14.01 11.35 -26.78
N ASP D 15 -14.74 10.84 -27.76
CA ASP D 15 -14.26 10.45 -29.09
C ASP D 15 -15.03 11.25 -30.15
N SER D 16 -15.24 10.69 -31.35
CA SER D 16 -15.86 11.50 -32.39
C SER D 16 -17.26 11.97 -32.00
N ARG D 17 -18.01 11.19 -31.24
CA ARG D 17 -19.39 11.55 -30.93
C ARG D 17 -19.47 12.82 -30.09
N SER D 18 -18.37 13.25 -29.48
CA SER D 18 -18.31 14.44 -28.66
C SER D 18 -17.34 15.47 -29.22
N ASP D 19 -16.76 15.22 -30.41
CA ASP D 19 -15.68 16.05 -30.95
C ASP D 19 -16.30 17.23 -31.70
N GLN D 20 -16.94 18.10 -30.91
CA GLN D 20 -17.77 19.15 -31.49
C GLN D 20 -16.97 20.08 -32.39
N SER D 21 -15.67 20.26 -32.14
CA SER D 21 -14.96 21.24 -32.96
C SER D 21 -14.49 20.69 -34.29
N ARG D 22 -14.45 19.39 -34.47
CA ARG D 22 -13.77 18.81 -35.62
C ARG D 22 -14.60 17.79 -36.38
N VAL D 23 -15.80 17.49 -35.91
CA VAL D 23 -16.66 16.46 -36.50
C VAL D 23 -17.96 17.12 -36.93
N ASN D 24 -18.45 16.73 -38.11
CA ASN D 24 -19.71 17.23 -38.62
C ASN D 24 -20.82 16.93 -37.60
N PRO D 25 -21.69 17.90 -37.31
CA PRO D 25 -22.74 17.67 -36.32
C PRO D 25 -23.60 16.43 -36.56
N GLN D 26 -23.76 15.99 -37.80
CA GLN D 26 -24.63 14.83 -38.05
C GLN D 26 -24.12 13.59 -37.32
N SER D 27 -22.83 13.55 -36.99
CA SER D 27 -22.21 12.41 -36.34
C SER D 27 -22.01 12.63 -34.84
N LEU D 28 -22.41 13.78 -34.31
CA LEU D 28 -22.28 14.07 -32.89
C LEU D 28 -23.43 13.45 -32.10
N ASP D 29 -23.10 12.97 -30.90
CA ASP D 29 -24.09 12.63 -29.88
C ASP D 29 -24.21 13.71 -28.82
N LEU D 30 -23.11 14.38 -28.52
CA LEU D 30 -23.10 15.53 -27.61
C LEU D 30 -23.47 16.77 -28.45
N VAL D 31 -24.74 17.15 -28.43
CA VAL D 31 -25.20 18.20 -29.31
C VAL D 31 -25.69 19.41 -28.51
N THR D 32 -25.31 19.47 -27.25
CA THR D 32 -25.58 20.64 -26.43
C THR D 32 -24.24 21.20 -25.95
N GLU D 33 -24.24 22.48 -25.58
CA GLU D 33 -23.00 23.13 -25.17
C GLU D 33 -22.53 22.55 -23.83
N PHE D 34 -21.25 22.24 -23.73
CA PHE D 34 -20.71 21.75 -22.47
C PHE D 34 -19.97 22.90 -21.81
N LYS D 35 -20.42 23.27 -20.61
CA LYS D 35 -19.84 24.43 -19.93
C LYS D 35 -18.46 24.14 -19.39
N GLY D 36 -18.04 22.89 -19.36
CA GLY D 36 -16.70 22.55 -18.95
C GLY D 36 -15.75 22.44 -20.13
N VAL D 37 -14.60 21.85 -19.86
CA VAL D 37 -13.55 21.64 -20.86
C VAL D 37 -13.85 20.37 -21.65
N LEU D 38 -13.84 20.49 -22.98
CA LEU D 38 -14.11 19.37 -23.86
C LEU D 38 -12.81 18.85 -24.43
N GLN D 39 -12.49 17.59 -24.14
CA GLN D 39 -11.35 16.85 -24.73
C GLN D 39 -11.88 15.62 -25.43
N ALA D 40 -12.18 15.75 -26.72
CA ALA D 40 -12.79 14.68 -27.48
C ALA D 40 -12.22 14.72 -28.89
N LYS D 41 -11.76 13.56 -29.34
CA LYS D 41 -11.03 13.41 -30.60
C LYS D 41 -11.57 12.22 -31.39
N ASN D 42 -11.94 12.49 -32.63
CA ASN D 42 -12.42 11.47 -33.56
C ASN D 42 -11.41 10.33 -33.70
N GLY D 43 -11.88 9.10 -33.44
CA GLY D 43 -11.06 7.91 -33.55
C GLY D 43 -10.24 7.57 -32.32
N ASN D 44 -10.24 8.40 -31.28
CA ASN D 44 -9.30 8.18 -30.18
C ASN D 44 -9.95 7.44 -29.02
N GLY D 45 -9.10 7.05 -28.07
CA GLY D 45 -9.51 6.30 -26.89
C GLY D 45 -8.38 6.34 -25.89
N LEU D 46 -8.62 5.78 -24.72
CA LEU D 46 -7.56 5.83 -23.71
C LEU D 46 -6.41 4.89 -24.03
N LEU D 47 -6.66 3.82 -24.80
CA LEU D 47 -5.55 3.02 -25.34
C LEU D 47 -5.04 3.62 -26.64
N LYS D 48 -5.95 3.97 -27.55
CA LYS D 48 -5.52 4.44 -28.85
C LYS D 48 -4.68 5.71 -28.72
N GLN D 49 -4.88 6.52 -27.66
CA GLN D 49 -4.08 7.74 -27.52
C GLN D 49 -2.59 7.44 -27.45
N MET D 50 -2.22 6.23 -27.09
CA MET D 50 -0.83 5.84 -26.98
C MET D 50 -0.28 5.22 -28.24
N SER D 51 -1.11 5.05 -29.29
CA SER D 51 -0.67 4.32 -30.48
C SER D 51 0.29 5.12 -31.33
N GLY D 52 0.20 6.44 -31.27
CA GLY D 52 0.86 7.31 -32.21
C GLY D 52 0.01 7.76 -33.37
N ARG D 53 -1.23 7.26 -33.50
CA ARG D 53 -2.06 7.73 -34.60
C ARG D 53 -2.41 9.19 -34.43
N PHE D 54 -2.53 9.68 -33.19
CA PHE D 54 -3.03 11.03 -32.90
C PHE D 54 -2.02 11.68 -31.96
N PRO D 55 -0.81 11.97 -32.45
CA PRO D 55 0.30 12.30 -31.53
C PRO D 55 0.12 13.57 -30.71
N SER D 56 -0.79 14.47 -31.09
CA SER D 56 -1.03 15.71 -30.36
C SER D 56 -2.32 15.68 -29.54
N ASP D 57 -3.02 14.54 -29.49
CA ASP D 57 -4.37 14.47 -28.92
C ASP D 57 -4.45 13.59 -27.68
N TRP D 58 -3.38 13.54 -26.90
CA TRP D 58 -3.46 12.83 -25.61
C TRP D 58 -4.49 13.51 -24.71
N TYR D 59 -5.17 12.70 -23.90
CA TYR D 59 -6.13 13.22 -22.92
C TYR D 59 -5.40 13.68 -21.66
N THR D 60 -5.67 14.92 -21.23
CA THR D 60 -4.94 15.52 -20.10
C THR D 60 -5.90 16.32 -19.22
N PRO D 61 -6.91 15.68 -18.65
CA PRO D 61 -7.79 16.43 -17.74
C PRO D 61 -6.99 16.96 -16.57
N THR D 62 -7.30 18.19 -16.16
CA THR D 62 -6.72 18.76 -14.96
C THR D 62 -7.76 19.21 -13.96
N THR D 63 -9.04 18.94 -14.21
CA THR D 63 -10.12 19.36 -13.34
C THR D 63 -10.48 18.28 -12.32
N LYS D 64 -11.18 18.73 -11.27
CA LYS D 64 -11.68 17.83 -10.24
C LYS D 64 -12.64 16.78 -10.80
N TYR D 65 -13.52 17.17 -11.72
CA TYR D 65 -14.58 16.29 -12.21
C TYR D 65 -14.36 15.97 -13.67
N ARG D 66 -14.82 14.77 -14.06
CA ARG D 66 -14.75 14.31 -15.44
C ARG D 66 -16.05 13.59 -15.77
N ILE D 67 -16.43 13.63 -17.04
CA ILE D 67 -17.45 12.76 -17.59
C ILE D 67 -16.84 12.06 -18.80
N LEU D 68 -16.83 10.73 -18.79
CA LEU D 68 -16.28 9.95 -19.88
C LEU D 68 -17.39 9.40 -20.78
N TYR D 69 -17.20 9.52 -22.07
CA TYR D 69 -18.08 8.89 -23.06
C TYR D 69 -17.18 8.41 -24.20
N LEU D 70 -16.41 7.36 -23.93
CA LEU D 70 -15.51 6.80 -24.93
C LEU D 70 -15.17 5.36 -24.59
N GLY D 71 -14.61 4.67 -25.59
CA GLY D 71 -14.23 3.28 -25.44
C GLY D 71 -14.37 2.47 -26.70
N THR D 72 -15.39 2.79 -27.51
CA THR D 72 -15.63 2.01 -28.71
C THR D 72 -14.35 1.89 -29.56
N ASN D 73 -13.55 2.95 -29.66
CA ASN D 73 -12.35 2.90 -30.50
C ASN D 73 -11.26 2.01 -29.90
N ASP D 74 -11.23 1.88 -28.58
CA ASP D 74 -10.22 1.06 -27.95
C ASP D 74 -10.43 -0.40 -28.25
N CYS D 75 -11.58 -0.78 -28.79
CA CYS D 75 -11.69 -2.18 -29.18
C CYS D 75 -10.89 -2.51 -30.45
N THR D 76 -10.22 -1.56 -31.10
CA THR D 76 -9.33 -1.92 -32.21
C THR D 76 -7.94 -2.35 -31.73
N ASP D 77 -7.62 -2.16 -30.44
CA ASP D 77 -6.48 -2.85 -29.85
C ASP D 77 -6.82 -4.34 -29.73
N GLY D 78 -5.85 -5.18 -30.00
CA GLY D 78 -6.06 -6.62 -29.96
C GLY D 78 -4.82 -7.36 -29.54
N PRO D 79 -4.77 -8.65 -29.85
CA PRO D 79 -3.63 -9.48 -29.43
C PRO D 79 -2.25 -8.93 -29.78
N THR D 80 -2.08 -8.24 -30.92
CA THR D 80 -0.74 -7.76 -31.24
C THR D 80 -0.35 -6.56 -30.40
N ASP D 81 -1.29 -5.99 -29.66
CA ASP D 81 -1.00 -4.89 -28.74
C ASP D 81 -0.63 -5.36 -27.34
N MET D 82 -0.63 -6.66 -27.09
CA MET D 82 -0.18 -7.21 -25.80
C MET D 82 0.68 -8.43 -26.04
N ILE D 83 1.43 -8.43 -27.14
CA ILE D 83 2.18 -9.60 -27.55
C ILE D 83 3.65 -9.57 -27.11
N ILE D 84 4.21 -8.40 -26.82
CA ILE D 84 5.59 -8.40 -26.30
C ILE D 84 5.60 -9.15 -24.98
N PRO D 85 6.47 -10.15 -24.79
CA PRO D 85 6.48 -10.88 -23.51
C PRO D 85 6.63 -9.94 -22.33
N THR D 86 5.85 -10.22 -21.30
CA THR D 86 5.69 -9.52 -20.02
C THR D 86 4.81 -8.30 -20.15
N SER D 87 4.25 -8.01 -21.32
CA SER D 87 3.24 -6.96 -21.47
C SER D 87 2.03 -7.18 -20.55
N MET D 88 1.41 -6.10 -20.13
CA MET D 88 0.13 -6.18 -19.46
C MET D 88 -0.90 -6.76 -20.40
N THR D 89 -1.95 -7.33 -19.83
CA THR D 89 -3.08 -7.63 -20.67
C THR D 89 -3.84 -6.35 -21.01
N LEU D 90 -4.59 -6.44 -22.09
CA LEU D 90 -5.44 -5.32 -22.48
C LEU D 90 -6.49 -5.04 -21.41
N ASP D 91 -7.04 -6.09 -20.80
CA ASP D 91 -7.99 -5.90 -19.70
C ASP D 91 -7.38 -5.04 -18.58
N ASN D 92 -6.16 -5.38 -18.15
CA ASN D 92 -5.59 -4.64 -17.02
C ASN D 92 -5.12 -3.25 -17.44
N ALA D 93 -4.55 -3.11 -18.64
CA ALA D 93 -4.13 -1.80 -19.10
C ALA D 93 -5.31 -0.86 -19.23
N ALA D 94 -6.40 -1.34 -19.81
CA ALA D 94 -7.59 -0.50 -19.93
C ALA D 94 -8.13 -0.16 -18.57
N ARG D 95 -8.15 -1.13 -17.64
CA ARG D 95 -8.66 -0.85 -16.30
C ARG D 95 -7.90 0.30 -15.66
N GLU D 96 -6.57 0.25 -15.75
CA GLU D 96 -5.75 1.30 -15.16
C GLU D 96 -5.98 2.65 -15.84
N LEU D 97 -6.12 2.64 -17.16
CA LEU D 97 -6.32 3.90 -17.90
C LEU D 97 -7.67 4.52 -17.60
N TYR D 98 -8.74 3.70 -17.59
CA TYR D 98 -10.05 4.27 -17.33
C TYR D 98 -10.18 4.72 -15.88
N LEU D 99 -9.60 3.99 -14.94
CA LEU D 99 -9.58 4.48 -13.56
C LEU D 99 -8.82 5.80 -13.47
N GLY D 100 -7.72 5.92 -14.21
CA GLY D 100 -6.94 7.15 -14.13
C GLY D 100 -7.66 8.35 -14.71
N ALA D 101 -8.27 8.19 -15.89
CA ALA D 101 -9.04 9.28 -16.48
C ALA D 101 -10.22 9.65 -15.60
N CYS D 102 -10.84 8.66 -14.95
CA CYS D 102 -12.02 8.90 -14.14
C CYS D 102 -11.66 9.55 -12.82
N ARG D 103 -10.74 8.96 -12.08
CA ARG D 103 -10.43 9.34 -10.71
C ARG D 103 -9.07 10.00 -10.53
N GLY D 104 -8.22 9.94 -11.54
CA GLY D 104 -6.82 10.20 -11.33
C GLY D 104 -6.42 11.66 -11.42
N ASP D 105 -5.41 11.97 -10.64
CA ASP D 105 -4.57 13.14 -10.88
C ASP D 105 -3.49 12.68 -11.86
N VAL D 106 -3.64 13.05 -13.14
CA VAL D 106 -2.88 12.46 -14.23
C VAL D 106 -2.05 13.52 -14.94
N ARG D 107 -1.02 13.04 -15.61
CA ARG D 107 -0.16 13.82 -16.50
C ARG D 107 0.23 12.93 -17.69
N VAL D 108 0.66 13.57 -18.76
CA VAL D 108 1.29 12.87 -19.89
C VAL D 108 2.71 13.43 -20.05
N THR D 109 3.72 12.59 -19.88
CA THR D 109 5.10 13.02 -19.83
C THR D 109 5.97 12.10 -20.67
N PRO D 110 7.17 12.56 -21.04
CA PRO D 110 8.09 11.72 -21.82
C PRO D 110 8.58 10.53 -21.02
N THR D 111 8.63 9.38 -21.67
CA THR D 111 9.06 8.16 -21.03
C THR D 111 10.58 8.03 -21.18
N PHE D 112 11.25 7.68 -20.10
CA PHE D 112 12.69 7.45 -20.19
C PHE D 112 12.97 6.25 -21.11
N VAL D 113 13.89 6.44 -22.04
CA VAL D 113 14.43 5.35 -22.87
C VAL D 113 15.93 5.53 -22.98
N GLY D 114 16.69 4.43 -22.89
CA GLY D 114 18.13 4.50 -22.94
C GLY D 114 18.69 3.19 -23.46
N ALA D 115 20.02 3.11 -23.53
CA ALA D 115 20.68 1.94 -24.09
C ALA D 115 22.17 1.99 -23.80
N ALA D 116 22.83 0.84 -23.98
CA ALA D 116 24.27 0.73 -23.77
C ALA D 116 25.08 1.28 -24.94
N ILE D 117 24.44 1.57 -26.08
CA ILE D 117 25.12 2.21 -27.20
C ILE D 117 24.30 3.43 -27.62
N VAL D 118 24.91 4.27 -28.43
CA VAL D 118 24.19 5.39 -29.01
C VAL D 118 23.34 4.87 -30.16
N GLY D 119 22.01 5.06 -30.04
CA GLY D 119 21.04 4.78 -31.08
C GLY D 119 20.72 6.00 -31.92
N LEU D 120 20.14 5.73 -33.08
CA LEU D 120 19.71 6.74 -34.04
C LEU D 120 18.25 7.13 -33.83
N VAL D 121 17.97 8.41 -33.62
CA VAL D 121 16.59 8.88 -33.50
C VAL D 121 16.06 9.23 -34.88
N GLY D 122 14.89 8.67 -35.20
CA GLY D 122 14.23 8.92 -36.47
C GLY D 122 12.73 8.71 -36.36
N ARG D 123 12.02 8.74 -37.48
CA ARG D 123 10.61 8.40 -37.52
C ARG D 123 10.41 7.39 -38.64
N THR D 124 9.42 6.52 -38.51
CA THR D 124 9.18 5.52 -39.54
C THR D 124 7.76 5.02 -39.42
N ASP D 125 7.22 4.48 -40.52
CA ASP D 125 5.96 3.74 -40.47
C ASP D 125 6.18 2.23 -40.46
N ALA D 126 7.43 1.78 -40.40
CA ALA D 126 7.74 0.35 -40.50
C ALA D 126 7.36 -0.44 -39.24
N VAL D 127 7.25 0.21 -38.09
CA VAL D 127 6.98 -0.54 -36.86
C VAL D 127 5.48 -0.73 -36.62
N THR D 128 4.67 0.31 -36.87
CA THR D 128 3.23 0.31 -36.59
C THR D 128 2.36 0.47 -37.83
N GLY D 129 2.93 0.80 -38.99
CA GLY D 129 2.13 1.11 -40.15
C GLY D 129 1.84 2.57 -40.37
N PHE D 130 2.21 3.43 -39.43
CA PHE D 130 2.06 4.87 -39.55
C PHE D 130 3.23 5.52 -38.80
N SER D 131 3.46 6.80 -39.07
CA SER D 131 4.70 7.44 -38.67
C SER D 131 4.75 7.66 -37.15
N VAL D 132 5.79 7.13 -36.50
CA VAL D 132 6.04 7.40 -35.10
C VAL D 132 7.54 7.58 -34.91
N LYS D 133 7.91 8.17 -33.78
CA LYS D 133 9.30 8.29 -33.39
C LYS D 133 9.87 6.93 -33.03
N VAL D 134 11.08 6.64 -33.49
CA VAL D 134 11.78 5.43 -33.09
C VAL D 134 13.23 5.72 -32.81
N LEU D 135 13.81 4.80 -32.02
CA LEU D 135 15.25 4.57 -31.96
C LEU D 135 15.61 3.35 -32.79
N THR D 136 16.67 3.49 -33.59
CA THR D 136 17.22 2.39 -34.37
C THR D 136 18.55 1.97 -33.75
N PHE D 137 18.67 0.70 -33.44
CA PHE D 137 19.91 0.12 -32.96
C PHE D 137 20.43 -0.85 -34.00
N SER D 138 21.61 -0.55 -34.54
CA SER D 138 22.20 -1.31 -35.63
C SER D 138 23.15 -2.39 -35.15
N SER D 139 23.42 -2.47 -33.87
CA SER D 139 24.18 -3.57 -33.29
C SER D 139 23.49 -3.94 -31.99
N PRO D 140 23.72 -5.16 -31.50
CA PRO D 140 22.94 -5.65 -30.35
C PRO D 140 23.31 -4.92 -29.08
N THR D 141 22.32 -4.61 -28.28
CA THR D 141 22.61 -3.82 -27.09
C THR D 141 21.55 -4.07 -26.02
N ILE D 142 21.83 -3.53 -24.85
CA ILE D 142 20.85 -3.41 -23.78
C ILE D 142 20.00 -2.17 -24.04
N VAL D 143 18.68 -2.32 -23.97
CA VAL D 143 17.74 -1.21 -24.06
C VAL D 143 16.97 -1.13 -22.76
N VAL D 144 16.83 0.08 -22.23
CA VAL D 144 16.09 0.28 -20.99
C VAL D 144 14.96 1.28 -21.23
N VAL D 145 13.80 1.01 -20.63
CA VAL D 145 12.64 1.87 -20.72
C VAL D 145 12.04 1.98 -19.32
N GLY D 146 11.68 3.21 -18.94
CA GLY D 146 11.02 3.47 -17.68
C GLY D 146 11.98 3.44 -16.51
N LEU D 147 11.47 3.84 -15.36
CA LEU D 147 12.30 4.02 -14.18
C LEU D 147 11.58 3.45 -12.98
N ASN D 148 12.35 2.81 -12.09
CA ASN D 148 11.85 2.36 -10.80
C ASN D 148 11.13 3.49 -10.08
N GLY D 149 9.99 3.16 -9.47
CA GLY D 149 9.18 4.14 -8.78
C GLY D 149 8.13 4.85 -9.65
N MET D 150 8.14 4.64 -10.95
CA MET D 150 7.16 5.29 -11.80
C MET D 150 5.74 4.83 -11.46
N SER D 151 4.77 5.65 -11.84
CA SER D 151 3.35 5.40 -11.56
C SER D 151 2.57 5.82 -12.80
N GLY D 152 2.44 4.90 -13.75
CA GLY D 152 1.76 5.19 -14.99
C GLY D 152 1.96 4.09 -15.99
N ILE D 153 1.44 4.32 -17.19
CA ILE D 153 1.46 3.32 -18.23
C ILE D 153 1.98 3.93 -19.53
N TYR D 154 2.80 3.15 -20.25
CA TYR D 154 3.31 3.53 -21.54
C TYR D 154 3.20 2.35 -22.48
N LYS D 155 3.24 2.65 -23.78
CA LYS D 155 3.16 1.63 -24.81
C LYS D 155 4.50 1.49 -25.52
N VAL D 156 4.86 0.25 -25.85
CA VAL D 156 6.07 -0.07 -26.59
C VAL D 156 5.68 -0.85 -27.82
N CYS D 157 6.30 -0.51 -28.94
CA CYS D 157 6.17 -1.31 -30.15
C CYS D 157 7.57 -1.56 -30.71
N ILE D 158 7.84 -2.81 -31.12
CA ILE D 158 9.18 -3.18 -31.61
C ILE D 158 9.12 -3.86 -32.97
N ALA D 159 10.17 -3.63 -33.72
CA ALA D 159 10.51 -4.38 -34.91
C ALA D 159 11.96 -4.79 -34.71
N ALA D 160 12.16 -5.90 -34.00
CA ALA D 160 13.50 -6.33 -33.61
C ALA D 160 13.97 -7.50 -34.47
N THR D 161 15.25 -7.51 -34.81
CA THR D 161 15.84 -8.69 -35.42
C THR D 161 16.51 -9.60 -34.41
N SER D 162 16.74 -9.10 -33.20
CA SER D 162 17.18 -9.96 -32.11
C SER D 162 16.77 -9.28 -30.82
N GLY D 163 16.74 -10.05 -29.76
CA GLY D 163 16.53 -9.53 -28.43
C GLY D 163 15.68 -10.44 -27.57
N ASN D 164 15.78 -10.22 -26.26
CA ASN D 164 15.06 -11.00 -25.27
C ASN D 164 14.78 -10.11 -24.07
N VAL D 165 13.79 -10.53 -23.28
CA VAL D 165 13.48 -9.87 -22.00
C VAL D 165 13.64 -10.95 -20.94
N GLY D 166 14.67 -10.83 -20.11
CA GLY D 166 14.93 -11.84 -19.10
C GLY D 166 15.13 -13.23 -19.65
N GLY D 167 15.69 -13.35 -20.85
CA GLY D 167 15.89 -14.64 -21.48
C GLY D 167 14.73 -15.12 -22.31
N VAL D 168 13.56 -14.49 -22.23
CA VAL D 168 12.44 -14.84 -23.08
C VAL D 168 12.60 -14.09 -24.40
N LYS D 169 12.67 -14.82 -25.51
CA LYS D 169 12.84 -14.18 -26.81
C LYS D 169 11.71 -13.20 -27.07
N LEU D 170 12.06 -12.03 -27.61
CA LEU D 170 11.05 -11.04 -27.92
C LEU D 170 10.19 -11.47 -29.10
N ILE D 171 8.97 -10.92 -29.15
CA ILE D 171 8.02 -11.14 -30.24
C ILE D 171 7.63 -9.78 -30.77
N ASN D 172 7.72 -9.59 -32.08
CA ASN D 172 7.48 -8.27 -32.63
C ASN D 172 5.99 -7.92 -32.55
N GLY D 173 5.73 -6.65 -32.31
CA GLY D 173 4.41 -6.18 -31.99
C GLY D 173 4.50 -5.15 -30.89
N CYS D 174 3.45 -5.05 -30.07
CA CYS D 174 3.37 -4.00 -29.06
C CYS D 174 3.05 -4.60 -27.70
N GLY D 175 3.24 -3.76 -26.67
CA GLY D 175 2.77 -4.13 -25.35
C GLY D 175 2.57 -2.88 -24.51
N TYR D 176 1.80 -3.04 -23.45
CA TYR D 176 1.63 -1.98 -22.47
C TYR D 176 2.38 -2.35 -21.19
N PHE D 177 2.99 -1.34 -20.57
CA PHE D 177 3.80 -1.54 -19.38
C PHE D 177 3.52 -0.44 -18.35
N ASN D 178 3.51 -0.84 -17.07
CA ASN D 178 3.47 0.09 -15.95
C ASN D 178 4.65 -0.08 -15.01
N THR D 179 5.71 -0.70 -15.49
CA THR D 179 6.95 -0.89 -14.76
C THR D 179 8.12 -0.67 -15.71
N PRO D 180 9.31 -0.47 -15.19
CA PRO D 180 10.49 -0.41 -16.06
C PRO D 180 10.74 -1.74 -16.75
N LEU D 181 11.41 -1.65 -17.89
CA LEU D 181 11.79 -2.86 -18.58
C LEU D 181 13.23 -2.76 -19.06
N ARG D 182 13.78 -3.93 -19.33
CA ARG D 182 15.13 -4.08 -19.87
C ARG D 182 15.10 -5.15 -20.94
N PHE D 183 15.55 -4.79 -22.14
CA PHE D 183 15.77 -5.73 -23.22
C PHE D 183 17.26 -5.98 -23.38
N ASP D 184 17.63 -7.25 -23.56
CA ASP D 184 19.01 -7.62 -23.81
C ASP D 184 19.16 -8.11 -25.25
N ASN D 185 20.36 -7.93 -25.80
CA ASN D 185 20.69 -8.42 -27.14
C ASN D 185 19.75 -7.85 -28.22
N PHE D 186 19.27 -6.63 -27.97
CA PHE D 186 18.26 -5.99 -28.82
C PHE D 186 18.93 -5.35 -30.02
N GLN D 187 18.42 -5.65 -31.20
CA GLN D 187 18.79 -4.99 -32.45
C GLN D 187 17.53 -4.78 -33.24
N GLY D 188 17.35 -3.58 -33.80
CA GLY D 188 16.16 -3.19 -34.54
C GLY D 188 15.64 -1.83 -34.13
N GLN D 189 14.32 -1.65 -34.27
CA GLN D 189 13.68 -0.38 -33.97
C GLN D 189 12.69 -0.54 -32.81
N ILE D 190 12.58 0.53 -32.01
CA ILE D 190 11.69 0.55 -30.87
C ILE D 190 10.99 1.90 -30.80
N TYR D 191 9.66 1.86 -30.69
CA TYR D 191 8.81 2.99 -30.36
C TYR D 191 8.41 2.89 -28.90
N VAL D 192 8.45 4.02 -28.20
CA VAL D 192 7.99 4.12 -26.83
C VAL D 192 7.09 5.35 -26.76
N SER D 193 5.84 5.16 -26.36
CA SER D 193 4.96 6.30 -26.18
C SER D 193 5.33 7.07 -24.91
N ASP D 194 4.77 8.27 -24.82
CA ASP D 194 4.73 8.99 -23.56
C ASP D 194 4.00 8.17 -22.51
N THR D 195 4.25 8.52 -21.25
CA THR D 195 3.62 7.87 -20.11
C THR D 195 2.36 8.60 -19.69
N PHE D 196 1.26 7.87 -19.56
CA PHE D 196 0.04 8.38 -18.93
C PHE D 196 0.21 8.17 -17.43
N GLU D 197 0.64 9.21 -16.73
CA GLU D 197 0.90 9.10 -15.29
C GLU D 197 -0.40 9.11 -14.52
N VAL D 198 -0.55 8.19 -13.58
CA VAL D 198 -1.69 8.18 -12.69
C VAL D 198 -1.15 8.19 -11.27
N ARG D 199 -1.40 9.27 -10.55
CA ARG D 199 -0.86 9.43 -9.20
C ARG D 199 -1.97 9.22 -8.17
N GLY D 200 -2.36 10.24 -7.44
CA GLY D 200 -3.48 10.07 -6.53
C GLY D 200 -4.79 9.88 -7.29
N THR D 201 -5.83 9.45 -6.58
CA THR D 201 -7.07 9.07 -7.26
C THR D 201 -8.31 9.56 -6.51
N LYS D 202 -8.32 10.83 -6.11
CA LYS D 202 -9.49 11.42 -5.45
C LYS D 202 -10.26 12.40 -6.32
N ASN D 203 -9.97 12.46 -7.62
CA ASN D 203 -10.87 13.15 -8.51
C ASN D 203 -12.07 12.24 -8.79
N LYS D 204 -13.11 12.78 -9.43
CA LYS D 204 -14.39 12.08 -9.52
C LYS D 204 -14.95 12.16 -10.94
N CYS D 205 -15.63 11.09 -11.36
CA CYS D 205 -16.20 11.06 -12.70
C CYS D 205 -17.54 10.31 -12.75
N VAL D 206 -18.21 10.49 -13.87
CA VAL D 206 -19.20 9.54 -14.38
C VAL D 206 -18.57 8.89 -15.61
N LEU D 207 -18.76 7.59 -15.75
CA LEU D 207 -18.32 6.85 -16.93
C LEU D 207 -19.55 6.37 -17.69
N LEU D 208 -19.87 7.05 -18.78
CA LEU D 208 -21.01 6.67 -19.60
C LEU D 208 -20.60 5.55 -20.56
N ARG D 209 -21.43 4.50 -20.63
CA ARG D 209 -21.19 3.45 -21.61
C ARG D 209 -20.97 4.04 -23.00
N SER D 210 -19.90 3.57 -23.64
CA SER D 210 -19.62 3.80 -25.05
C SER D 210 -19.86 2.46 -25.76
N SER D 211 -20.88 2.42 -26.62
CA SER D 211 -21.22 1.19 -27.34
C SER D 211 -20.58 1.18 -28.74
N SER D 212 -20.27 -0.02 -29.20
CA SER D 212 -19.79 -0.22 -30.56
C SER D 212 -20.95 -0.70 -31.41
N ASP D 213 -20.70 -0.90 -32.70
CA ASP D 213 -21.72 -1.48 -33.58
C ASP D 213 -21.63 -3.00 -33.59
N THR D 214 -20.68 -3.55 -32.86
CA THR D 214 -20.56 -4.97 -32.57
C THR D 214 -20.41 -5.09 -31.05
N PRO D 215 -20.55 -6.29 -30.51
CA PRO D 215 -20.36 -6.44 -29.04
C PRO D 215 -18.99 -5.94 -28.61
N LEU D 216 -18.93 -5.31 -27.43
CA LEU D 216 -17.69 -4.72 -26.97
C LEU D 216 -16.62 -5.77 -26.74
N CYS D 217 -15.38 -5.40 -27.04
CA CYS D 217 -14.24 -6.20 -26.61
C CYS D 217 -14.22 -6.30 -25.09
N SER D 218 -13.54 -7.34 -24.59
CA SER D 218 -13.57 -7.60 -23.15
C SER D 218 -12.98 -6.43 -22.37
N HIS D 219 -11.91 -5.83 -22.87
CA HIS D 219 -11.22 -4.86 -22.05
C HIS D 219 -12.00 -3.57 -21.87
N ILE D 220 -12.96 -3.27 -22.76
CA ILE D 220 -13.85 -2.12 -22.56
C ILE D 220 -15.16 -2.56 -21.92
N MET D 221 -15.62 -3.78 -22.23
CA MET D 221 -16.82 -4.30 -21.60
C MET D 221 -16.70 -4.31 -20.07
N ARG D 222 -15.51 -4.62 -19.57
CA ARG D 222 -15.28 -4.67 -18.13
C ARG D 222 -15.44 -3.33 -17.43
N ASN D 223 -15.55 -2.21 -18.16
CA ASN D 223 -15.80 -0.96 -17.47
C ASN D 223 -17.12 -0.96 -16.74
N VAL D 224 -18.02 -1.89 -17.09
CA VAL D 224 -19.28 -2.04 -16.37
C VAL D 224 -19.04 -2.34 -14.91
N GLU D 225 -17.85 -2.80 -14.55
CA GLU D 225 -17.55 -3.16 -13.17
C GLU D 225 -17.22 -1.96 -12.31
N LEU D 226 -16.98 -0.78 -12.89
CA LEU D 226 -16.65 0.41 -12.11
C LEU D 226 -17.88 1.05 -11.51
N ASP D 227 -17.77 1.51 -10.26
CA ASP D 227 -18.90 2.14 -9.58
C ASP D 227 -19.48 3.29 -10.40
N GLU D 228 -18.63 4.00 -11.15
CA GLU D 228 -19.07 5.17 -11.89
C GLU D 228 -19.82 4.84 -13.18
N TYR D 229 -19.91 3.58 -13.57
CA TYR D 229 -20.51 3.23 -14.85
C TYR D 229 -21.99 3.58 -14.87
N VAL D 230 -22.44 4.20 -15.95
CA VAL D 230 -23.85 4.49 -16.19
C VAL D 230 -24.18 4.04 -17.60
N ASP D 231 -25.22 3.24 -17.74
CA ASP D 231 -25.66 2.72 -19.03
C ASP D 231 -26.13 3.87 -19.91
N THR D 232 -25.86 3.78 -21.21
CA THR D 232 -26.45 4.68 -22.19
C THR D 232 -27.27 3.91 -23.22
N PRO D 233 -28.19 4.57 -23.92
CA PRO D 233 -29.10 3.84 -24.81
C PRO D 233 -28.36 2.90 -25.77
N ASN D 234 -28.87 1.67 -25.84
CA ASN D 234 -28.25 0.65 -26.64
C ASN D 234 -29.27 -0.42 -26.91
N THR D 235 -28.99 -1.23 -27.93
CA THR D 235 -29.84 -2.32 -28.37
C THR D 235 -29.05 -3.61 -28.24
N GLY D 236 -29.36 -4.42 -27.24
CA GLY D 236 -28.56 -5.61 -26.99
C GLY D 236 -27.09 -5.34 -26.79
N GLY D 237 -26.73 -4.19 -26.20
CA GLY D 237 -25.35 -3.84 -25.98
C GLY D 237 -24.71 -3.12 -27.16
N VAL D 238 -25.40 -3.02 -28.29
CA VAL D 238 -24.86 -2.41 -29.50
C VAL D 238 -25.43 -1.01 -29.70
N TYR D 239 -24.65 -0.18 -30.38
CA TYR D 239 -25.06 1.19 -30.65
C TYR D 239 -26.42 1.20 -31.35
N PRO D 240 -27.34 2.08 -30.96
CA PRO D 240 -28.68 2.05 -31.56
C PRO D 240 -28.67 2.35 -33.06
N SER D 241 -29.73 1.91 -33.74
CA SER D 241 -29.88 2.09 -35.18
C SER D 241 -30.68 3.34 -35.56
N ASP D 242 -30.77 4.32 -34.66
CA ASP D 242 -31.55 5.52 -34.90
C ASP D 242 -30.66 6.73 -35.13
N GLY D 243 -29.47 6.50 -35.67
CA GLY D 243 -28.47 7.54 -35.83
C GLY D 243 -28.15 7.85 -37.28
N PHE D 244 -27.08 8.62 -37.45
CA PHE D 244 -26.61 8.97 -38.79
C PHE D 244 -26.07 7.74 -39.51
N ASP D 245 -25.26 6.93 -38.82
CA ASP D 245 -24.80 5.64 -39.29
C ASP D 245 -24.76 4.67 -38.11
N SER D 246 -24.21 3.47 -38.31
CA SER D 246 -24.24 2.44 -37.27
C SER D 246 -23.44 2.82 -36.01
N LEU D 247 -22.69 3.92 -36.05
CA LEU D 247 -21.82 4.27 -34.94
C LEU D 247 -21.98 5.70 -34.43
N HIS D 248 -22.83 6.54 -35.05
CA HIS D 248 -22.84 7.96 -34.71
C HIS D 248 -24.24 8.55 -34.83
N GLY D 249 -24.49 9.55 -33.99
CA GLY D 249 -25.64 10.42 -34.19
C GLY D 249 -26.97 9.90 -33.68
N SER D 250 -26.94 8.90 -32.81
CA SER D 250 -28.17 8.28 -32.32
C SER D 250 -29.12 9.31 -31.70
N ALA D 251 -30.37 9.32 -32.20
CA ALA D 251 -31.36 10.24 -31.65
C ALA D 251 -31.55 9.98 -30.17
N SER D 252 -31.63 8.71 -29.76
CA SER D 252 -31.88 8.42 -28.36
C SER D 252 -30.67 8.71 -27.49
N VAL D 253 -29.44 8.50 -27.99
CA VAL D 253 -28.27 8.88 -27.19
C VAL D 253 -28.22 10.40 -27.03
N ARG D 254 -28.48 11.14 -28.10
CA ARG D 254 -28.51 12.60 -28.01
C ARG D 254 -29.48 13.07 -26.94
N THR D 255 -30.70 12.54 -26.95
CA THR D 255 -31.72 12.99 -26.01
C THR D 255 -31.31 12.65 -24.58
N PHE D 256 -30.79 11.44 -24.37
CA PHE D 256 -30.27 11.03 -23.07
C PHE D 256 -29.23 12.01 -22.56
N LEU D 257 -28.29 12.38 -23.43
CA LEU D 257 -27.20 13.25 -23.01
C LEU D 257 -27.68 14.69 -22.81
N THR D 258 -28.49 15.20 -23.75
CA THR D 258 -28.98 16.56 -23.64
C THR D 258 -29.87 16.72 -22.41
N ASP D 259 -30.81 15.80 -22.19
CA ASP D 259 -31.66 15.89 -21.01
C ASP D 259 -30.81 15.94 -19.74
N ALA D 260 -29.81 15.05 -19.64
CA ALA D 260 -28.98 14.96 -18.46
C ALA D 260 -28.06 16.16 -18.26
N LEU D 261 -27.73 16.89 -19.33
CA LEU D 261 -26.85 18.05 -19.23
C LEU D 261 -27.61 19.37 -19.07
N THR D 262 -28.94 19.36 -19.09
CA THR D 262 -29.72 20.58 -19.03
C THR D 262 -30.71 20.57 -17.88
N CYS D 263 -30.44 19.84 -16.81
CA CYS D 263 -31.27 19.96 -15.63
C CYS D 263 -31.31 21.44 -15.19
N PRO D 264 -32.50 22.00 -14.96
CA PRO D 264 -32.57 23.44 -14.66
C PRO D 264 -32.14 23.81 -13.25
N ASP D 265 -31.42 24.93 -13.15
CA ASP D 265 -31.22 25.61 -11.87
C ASP D 265 -30.53 24.73 -10.84
N ILE D 266 -29.52 23.96 -11.27
CA ILE D 266 -28.68 23.19 -10.35
C ILE D 266 -27.51 24.04 -9.90
N ASP D 267 -27.30 24.12 -8.59
CA ASP D 267 -26.15 24.86 -8.06
C ASP D 267 -25.01 23.86 -7.87
N TRP D 268 -24.30 23.58 -8.96
CA TRP D 268 -23.27 22.57 -8.91
C TRP D 268 -22.19 22.90 -7.90
N SER D 269 -22.02 24.17 -7.55
CA SER D 269 -20.99 24.55 -6.59
C SER D 269 -21.26 23.97 -5.21
N ARG D 270 -22.48 23.49 -4.94
CA ARG D 270 -22.88 23.02 -3.62
C ARG D 270 -22.88 21.50 -3.51
N ILE D 271 -22.50 20.76 -4.54
CA ILE D 271 -22.41 19.31 -4.46
C ILE D 271 -21.04 18.86 -4.98
N ASP D 272 -20.37 18.01 -4.18
CA ASP D 272 -19.07 17.46 -4.58
C ASP D 272 -19.31 16.12 -5.29
N ALA D 273 -19.78 16.23 -6.53
CA ALA D 273 -20.09 15.04 -7.32
C ALA D 273 -20.18 15.45 -8.78
N ALA D 274 -19.91 14.47 -9.65
CA ALA D 274 -20.04 14.69 -11.08
C ALA D 274 -21.46 14.47 -11.60
N SER D 275 -22.39 14.06 -10.74
CA SER D 275 -23.80 13.91 -11.10
C SER D 275 -24.66 13.84 -9.85
N CYS D 276 -25.96 13.96 -10.04
CA CYS D 276 -26.92 13.81 -8.96
C CYS D 276 -28.28 13.54 -9.57
N GLU D 277 -29.15 12.91 -8.79
CA GLU D 277 -30.53 12.74 -9.18
C GLU D 277 -31.27 14.06 -8.97
N TYR D 278 -32.11 14.41 -9.93
CA TYR D 278 -32.64 15.77 -10.00
C TYR D 278 -33.25 16.22 -8.68
N ASP D 279 -34.09 15.37 -8.08
CA ASP D 279 -34.78 15.77 -6.85
C ASP D 279 -33.80 16.00 -5.71
N SER D 280 -32.64 15.33 -5.74
CA SER D 280 -31.62 15.50 -4.72
C SER D 280 -30.61 16.57 -5.06
N CYS D 281 -30.56 17.07 -6.29
CA CYS D 281 -29.56 18.06 -6.63
C CYS D 281 -29.83 19.35 -5.86
N PRO D 282 -28.79 20.02 -5.37
CA PRO D 282 -29.00 21.34 -4.77
C PRO D 282 -29.43 22.34 -5.83
N LYS D 283 -30.44 23.14 -5.49
CA LYS D 283 -31.02 24.07 -6.44
C LYS D 283 -30.50 25.48 -6.21
N MET D 284 -30.42 26.23 -7.30
CA MET D 284 -30.06 27.64 -7.22
C MET D 284 -31.04 28.41 -6.34
N VAL D 285 -30.52 29.33 -5.53
CA VAL D 285 -31.42 30.29 -4.87
C VAL D 285 -31.70 31.41 -5.86
N LYS D 286 -32.96 31.82 -5.96
CA LYS D 286 -33.33 32.86 -6.91
C LYS D 286 -33.64 34.15 -6.17
N ASP D 287 -33.46 35.27 -6.85
CA ASP D 287 -33.83 36.55 -6.28
C ASP D 287 -35.32 36.60 -5.97
N PHE D 288 -35.62 37.15 -4.81
CA PHE D 288 -37.00 37.42 -4.45
C PHE D 288 -37.50 38.63 -5.23
N ASP D 289 -38.67 38.51 -5.84
CA ASP D 289 -39.29 39.64 -6.51
C ASP D 289 -40.29 40.31 -5.57
N GLN D 290 -40.04 41.57 -5.23
CA GLN D 290 -40.88 42.31 -4.31
C GLN D 290 -42.02 43.05 -4.99
N THR D 291 -42.26 42.78 -6.27
CA THR D 291 -43.25 43.58 -7.02
C THR D 291 -44.64 43.38 -6.44
N SER D 292 -45.02 42.12 -6.16
CA SER D 292 -46.35 41.85 -5.64
C SER D 292 -46.57 42.51 -4.28
N LEU D 293 -45.58 42.43 -3.40
CA LEU D 293 -45.69 43.13 -2.12
C LEU D 293 -45.80 44.64 -2.31
N GLY D 294 -45.06 45.20 -3.26
CA GLY D 294 -45.17 46.64 -3.48
C GLY D 294 -46.54 47.01 -3.99
N ASN D 295 -47.07 46.23 -4.92
CA ASN D 295 -48.41 46.50 -5.43
C ASN D 295 -49.45 46.45 -4.30
N THR D 296 -49.33 45.48 -3.41
CA THR D 296 -50.27 45.39 -2.29
C THR D 296 -50.14 46.60 -1.39
N ASP D 297 -48.92 47.05 -1.11
CA ASP D 297 -48.74 48.31 -0.38
C ASP D 297 -49.48 49.44 -1.09
N THR D 298 -49.39 49.50 -2.42
CA THR D 298 -50.06 50.57 -3.16
C THR D 298 -51.57 50.46 -3.03
N LEU D 299 -52.13 49.25 -3.19
CA LEU D 299 -53.57 49.09 -3.05
C LEU D 299 -54.04 49.58 -1.68
N ILE D 300 -53.25 49.33 -0.63
CA ILE D 300 -53.62 49.74 0.72
C ILE D 300 -53.55 51.27 0.85
N MET D 301 -52.45 51.86 0.35
CA MET D 301 -52.28 53.31 0.45
C MET D 301 -53.42 54.08 -0.21
N ARG D 302 -53.92 53.58 -1.35
CA ARG D 302 -55.03 54.24 -2.04
C ARG D 302 -56.24 54.40 -1.13
N GLU D 303 -56.64 53.30 -0.48
CA GLU D 303 -57.78 53.36 0.45
C GLU D 303 -57.49 54.24 1.66
N VAL D 304 -56.26 54.21 2.18
CA VAL D 304 -55.95 54.99 3.38
C VAL D 304 -56.07 56.49 3.08
N ALA D 305 -55.58 56.92 1.92
CA ALA D 305 -55.79 58.31 1.50
C ALA D 305 -57.27 58.62 1.35
N LEU D 306 -58.03 57.69 0.76
CA LEU D 306 -59.48 57.87 0.69
C LEU D 306 -60.07 58.07 2.07
N HIS D 307 -59.72 57.19 3.01
CA HIS D 307 -60.22 57.31 4.37
C HIS D 307 -59.82 58.65 4.98
N LYS D 308 -58.60 59.13 4.72
CA LYS D 308 -58.21 60.46 5.18
C LYS D 308 -59.25 61.49 4.75
N GLU D 309 -59.78 61.37 3.53
CA GLU D 309 -60.77 62.34 3.04
C GLU D 309 -62.06 62.26 3.84
N MET D 310 -62.67 61.08 3.88
CA MET D 310 -63.99 60.95 4.50
C MET D 310 -63.92 61.35 5.97
N ILE D 311 -62.83 61.00 6.66
CA ILE D 311 -62.62 61.49 8.02
C ILE D 311 -62.66 63.01 8.05
N SER D 312 -62.17 63.66 6.99
CA SER D 312 -62.25 65.12 6.93
C SER D 312 -63.69 65.58 6.81
N LYS D 313 -64.36 65.19 5.72
CA LYS D 313 -65.73 65.65 5.47
C LYS D 313 -66.61 65.40 6.68
N LEU D 314 -66.63 64.16 7.18
CA LEU D 314 -67.38 63.86 8.39
C LEU D 314 -66.97 64.79 9.53
N GLN D 315 -65.68 65.08 9.65
CA GLN D 315 -65.19 66.05 10.62
C GLN D 315 -65.82 67.42 10.39
N ARG D 316 -65.48 68.06 9.26
CA ARG D 316 -66.02 69.37 8.91
C ARG D 316 -67.53 69.42 9.16
N ASP D 317 -68.24 68.37 8.78
CA ASP D 317 -69.69 68.34 9.00
C ASP D 317 -70.02 68.43 10.48
N ILE D 318 -69.51 67.47 11.28
CA ILE D 318 -69.77 67.49 12.72
C ILE D 318 -69.51 68.88 13.28
N THR D 319 -68.42 69.51 12.85
CA THR D 319 -68.16 70.89 13.24
C THR D 319 -69.20 71.84 12.65
N ASP D 320 -69.73 71.52 11.47
CA ASP D 320 -70.75 72.37 10.86
C ASP D 320 -72.08 72.25 11.60
N VAL D 321 -72.54 71.02 11.86
CA VAL D 321 -73.82 70.81 12.53
C VAL D 321 -73.78 71.29 13.97
N ARG E 1 -21.95 48.72 -21.44
CA ARG E 1 -21.00 48.56 -20.35
C ARG E 1 -20.43 47.14 -20.30
N LEU E 2 -19.14 47.00 -20.61
CA LEU E 2 -18.51 45.68 -20.70
C LEU E 2 -18.16 45.16 -19.31
N CYS E 3 -18.49 43.89 -19.06
CA CYS E 3 -18.03 43.17 -17.87
C CYS E 3 -17.19 41.98 -18.31
N LEU E 4 -15.92 41.96 -17.90
CA LEU E 4 -15.05 40.83 -18.18
C LEU E 4 -15.09 39.81 -17.04
N ARG E 5 -15.12 38.53 -17.40
CA ARG E 5 -15.15 37.47 -16.40
C ARG E 5 -13.91 37.56 -15.50
N ASN E 6 -14.11 37.90 -14.24
CA ASN E 6 -13.06 38.02 -13.27
C ASN E 6 -13.30 36.90 -12.25
N TYR E 7 -12.67 35.74 -12.48
CA TYR E 7 -13.15 34.54 -11.82
C TYR E 7 -12.09 33.46 -11.91
N PRO E 8 -12.02 32.53 -10.95
CA PRO E 8 -10.91 31.56 -10.91
C PRO E 8 -10.84 30.61 -12.11
N ASP E 9 -11.89 30.51 -12.92
CA ASP E 9 -11.89 29.60 -14.07
C ASP E 9 -11.48 30.32 -15.35
N THR E 10 -10.82 31.47 -15.20
CA THR E 10 -10.43 32.31 -16.31
C THR E 10 -8.93 32.53 -16.24
N THR E 11 -8.27 32.44 -17.39
CA THR E 11 -6.84 32.75 -17.51
C THR E 11 -6.64 34.04 -18.27
N TRP E 12 -5.90 34.98 -17.66
CA TRP E 12 -5.55 36.25 -18.31
C TRP E 12 -4.21 36.05 -19.00
N ILE E 13 -4.18 36.26 -20.32
CA ILE E 13 -3.03 35.91 -21.15
C ILE E 13 -2.44 37.21 -21.68
N GLY E 14 -1.27 37.60 -21.16
CA GLY E 14 -0.80 38.93 -21.41
C GLY E 14 0.70 39.08 -21.58
N ASP E 15 1.12 40.34 -21.58
CA ASP E 15 2.51 40.70 -21.78
C ASP E 15 2.92 41.62 -20.63
N SER E 16 3.87 42.52 -20.85
CA SER E 16 4.39 43.31 -19.73
C SER E 16 3.30 44.12 -19.08
N ARG E 17 2.32 44.59 -19.86
CA ARG E 17 1.28 45.46 -19.32
C ARG E 17 0.40 44.72 -18.31
N SER E 18 0.50 43.39 -18.26
CA SER E 18 -0.24 42.55 -17.34
C SER E 18 0.65 41.73 -16.43
N ASP E 19 1.99 41.90 -16.49
CA ASP E 19 2.93 41.03 -15.77
C ASP E 19 3.11 41.59 -14.34
N GLN E 20 2.03 41.48 -13.57
CA GLN E 20 1.97 42.12 -12.25
C GLN E 20 3.08 41.63 -11.32
N SER E 21 3.53 40.40 -11.48
CA SER E 21 4.47 39.94 -10.46
C SER E 21 5.91 40.30 -10.79
N ARG E 22 6.21 40.79 -12.00
CA ARG E 22 7.60 40.99 -12.41
C ARG E 22 7.89 42.32 -13.08
N VAL E 23 6.87 43.15 -13.28
CA VAL E 23 7.02 44.43 -13.93
C VAL E 23 6.63 45.51 -12.94
N ASN E 24 7.36 46.62 -12.98
CA ASN E 24 7.08 47.72 -12.06
C ASN E 24 5.67 48.26 -12.29
N PRO E 25 4.88 48.49 -11.23
CA PRO E 25 3.49 48.91 -11.44
C PRO E 25 3.33 50.11 -12.36
N GLN E 26 4.31 51.02 -12.40
CA GLN E 26 4.20 52.19 -13.28
C GLN E 26 4.01 51.78 -14.74
N SER E 27 4.39 50.57 -15.11
CA SER E 27 4.29 50.11 -16.48
C SER E 27 3.07 49.21 -16.72
N LEU E 28 2.26 48.96 -15.69
CA LEU E 28 1.13 48.05 -15.83
C LEU E 28 -0.12 48.78 -16.34
N ASP E 29 -0.90 48.05 -17.15
CA ASP E 29 -2.25 48.45 -17.50
C ASP E 29 -3.29 47.66 -16.71
N LEU E 30 -2.98 46.40 -16.38
CA LEU E 30 -3.79 45.59 -15.45
C LEU E 30 -3.34 45.95 -14.05
N VAL E 31 -4.05 46.89 -13.43
CA VAL E 31 -3.69 47.41 -12.10
C VAL E 31 -4.75 47.04 -11.05
N THR E 32 -5.62 46.10 -11.37
CA THR E 32 -6.61 45.58 -10.44
C THR E 32 -6.35 44.08 -10.22
N GLU E 33 -6.83 43.56 -9.11
CA GLU E 33 -6.61 42.15 -8.80
C GLU E 33 -7.42 41.25 -9.74
N PHE E 34 -6.76 40.29 -10.38
CA PHE E 34 -7.44 39.32 -11.22
C PHE E 34 -7.67 38.04 -10.42
N LYS E 35 -8.92 37.61 -10.32
CA LYS E 35 -9.31 36.47 -9.51
C LYS E 35 -9.02 35.15 -10.20
N GLY E 36 -8.71 35.17 -11.49
CA GLY E 36 -8.32 33.99 -12.22
C GLY E 36 -6.81 33.83 -12.23
N VAL E 37 -6.36 32.98 -13.14
CA VAL E 37 -4.94 32.67 -13.34
C VAL E 37 -4.34 33.69 -14.28
N LEU E 38 -3.25 34.33 -13.87
CA LEU E 38 -2.52 35.31 -14.68
C LEU E 38 -1.31 34.68 -15.36
N GLN E 39 -1.30 34.69 -16.70
CA GLN E 39 -0.15 34.21 -17.48
C GLN E 39 0.27 35.39 -18.35
N ALA E 40 1.15 36.23 -17.82
CA ALA E 40 1.56 37.43 -18.53
C ALA E 40 3.05 37.62 -18.33
N LYS E 41 3.76 37.89 -19.43
CA LYS E 41 5.22 37.97 -19.36
C LYS E 41 5.73 39.14 -20.20
N ASN E 42 6.57 39.97 -19.59
CA ASN E 42 7.27 41.06 -20.26
C ASN E 42 7.93 40.60 -21.56
N GLY E 43 7.57 41.27 -22.65
CA GLY E 43 8.19 41.02 -23.92
C GLY E 43 7.60 39.87 -24.72
N ASN E 44 6.66 39.11 -24.15
CA ASN E 44 6.20 37.87 -24.75
C ASN E 44 4.98 38.10 -25.65
N GLY E 45 4.65 37.07 -26.41
CA GLY E 45 3.53 37.04 -27.34
C GLY E 45 3.36 35.61 -27.77
N LEU E 46 2.30 35.35 -28.55
CA LEU E 46 2.01 33.96 -28.90
C LEU E 46 3.00 33.43 -29.93
N LEU E 47 3.56 34.32 -30.76
CA LEU E 47 4.67 33.98 -31.65
C LEU E 47 6.00 34.11 -30.92
N LYS E 48 6.21 35.24 -30.23
CA LYS E 48 7.49 35.46 -29.58
C LYS E 48 7.85 34.33 -28.61
N GLN E 49 6.85 33.70 -27.98
CA GLN E 49 7.14 32.62 -27.05
C GLN E 49 7.93 31.49 -27.70
N MET E 50 7.86 31.36 -29.02
CA MET E 50 8.52 30.26 -29.72
C MET E 50 9.92 30.63 -30.18
N SER E 51 10.33 31.88 -29.96
CA SER E 51 11.57 32.43 -30.51
C SER E 51 12.82 31.88 -29.86
N GLY E 52 12.70 31.37 -28.65
CA GLY E 52 13.85 30.98 -27.86
C GLY E 52 14.13 31.91 -26.69
N ARG E 53 13.58 33.13 -26.73
CA ARG E 53 13.75 34.08 -25.63
C ARG E 53 13.03 33.67 -24.35
N PHE E 54 12.05 32.77 -24.44
CA PHE E 54 11.13 32.49 -23.32
C PHE E 54 11.08 30.99 -23.00
N PRO E 55 12.23 30.37 -22.71
CA PRO E 55 12.23 28.90 -22.53
C PRO E 55 11.27 28.41 -21.47
N SER E 56 11.03 29.18 -20.40
CA SER E 56 10.16 28.77 -19.30
C SER E 56 8.83 29.51 -19.28
N ASP E 57 8.56 30.36 -20.24
CA ASP E 57 7.42 31.27 -20.17
C ASP E 57 6.43 31.02 -21.30
N TRP E 58 6.24 29.77 -21.69
CA TRP E 58 5.18 29.47 -22.65
C TRP E 58 3.81 29.57 -21.99
N TYR E 59 2.83 29.99 -22.79
CA TYR E 59 1.45 30.11 -22.35
C TYR E 59 0.79 28.74 -22.36
N THR E 60 0.15 28.40 -21.27
CA THR E 60 -0.46 27.10 -21.07
C THR E 60 -1.77 27.24 -20.30
N PRO E 61 -2.76 27.96 -20.82
CA PRO E 61 -4.06 27.98 -20.17
C PRO E 61 -4.67 26.58 -20.14
N THR E 62 -5.26 26.24 -19.00
CA THR E 62 -6.03 25.00 -18.87
C THR E 62 -7.45 25.26 -18.40
N THR E 63 -7.87 26.52 -18.30
CA THR E 63 -9.21 26.81 -17.84
C THR E 63 -10.18 26.93 -19.02
N LYS E 64 -11.46 26.86 -18.71
CA LYS E 64 -12.52 26.99 -19.71
C LYS E 64 -12.52 28.36 -20.37
N TYR E 65 -12.25 29.43 -19.60
CA TYR E 65 -12.35 30.80 -20.12
C TYR E 65 -10.98 31.46 -20.15
N ARG E 66 -10.84 32.44 -21.05
CA ARG E 66 -9.62 33.22 -21.16
C ARG E 66 -9.96 34.67 -21.50
N ILE E 67 -9.07 35.57 -21.12
CA ILE E 67 -9.04 36.93 -21.64
C ILE E 67 -7.63 37.17 -22.16
N LEU E 68 -7.52 37.61 -23.43
CA LEU E 68 -6.25 37.93 -24.07
C LEU E 68 -6.06 39.45 -24.13
N TYR E 69 -4.87 39.90 -23.74
CA TYR E 69 -4.51 41.31 -23.94
C TYR E 69 -3.03 41.33 -24.32
N LEU E 70 -2.78 40.85 -25.54
CA LEU E 70 -1.41 40.74 -26.03
C LEU E 70 -1.42 40.74 -27.55
N GLY E 71 -0.23 40.95 -28.12
CA GLY E 71 -0.07 41.05 -29.54
C GLY E 71 0.98 42.05 -29.97
N THR E 72 1.12 43.16 -29.25
CA THR E 72 2.03 44.20 -29.69
C THR E 72 3.44 43.65 -29.89
N ASN E 73 3.88 42.77 -28.99
CA ASN E 73 5.22 42.21 -29.10
C ASN E 73 5.35 41.31 -30.33
N ASP E 74 4.24 40.69 -30.76
CA ASP E 74 4.31 39.80 -31.91
C ASP E 74 4.54 40.56 -33.21
N CYS E 75 4.43 41.89 -33.20
CA CYS E 75 4.72 42.65 -34.41
C CYS E 75 6.21 42.80 -34.70
N THR E 76 7.08 42.29 -33.85
CA THR E 76 8.49 42.27 -34.22
C THR E 76 8.87 41.02 -35.00
N ASP E 77 8.04 39.99 -35.02
CA ASP E 77 8.25 38.93 -36.02
C ASP E 77 8.07 39.56 -37.40
N GLY E 78 8.95 39.19 -38.32
CA GLY E 78 8.99 39.79 -39.63
C GLY E 78 9.31 38.79 -40.72
N PRO E 79 9.74 39.30 -41.88
CA PRO E 79 10.03 38.42 -43.03
C PRO E 79 11.02 37.28 -42.74
N THR E 80 11.99 37.48 -41.86
CA THR E 80 12.95 36.42 -41.57
C THR E 80 12.36 35.33 -40.67
N ASP E 81 11.21 35.56 -40.09
CA ASP E 81 10.50 34.54 -39.34
C ASP E 81 9.55 33.69 -40.17
N MET E 82 9.42 33.97 -41.46
CA MET E 82 8.66 33.12 -42.38
C MET E 82 9.43 32.88 -43.68
N ILE E 83 10.76 32.88 -43.59
CA ILE E 83 11.58 32.82 -44.80
C ILE E 83 12.01 31.41 -45.18
N ILE E 84 11.96 30.45 -44.27
CA ILE E 84 12.31 29.09 -44.70
C ILE E 84 11.26 28.62 -45.70
N PRO E 85 11.63 28.06 -46.84
CA PRO E 85 10.61 27.60 -47.80
C PRO E 85 9.62 26.63 -47.19
N THR E 86 8.36 26.78 -47.61
CA THR E 86 7.19 26.02 -47.14
C THR E 86 6.75 26.48 -45.75
N SER E 87 7.43 27.45 -45.13
CA SER E 87 6.96 28.01 -43.87
C SER E 87 5.54 28.52 -44.02
N MET E 88 4.80 28.53 -42.93
CA MET E 88 3.53 29.26 -42.90
C MET E 88 3.79 30.77 -43.03
N THR E 89 2.78 31.49 -43.52
CA THR E 89 2.86 32.93 -43.41
C THR E 89 2.67 33.35 -41.94
N LEU E 90 3.20 34.53 -41.60
CA LEU E 90 2.94 35.09 -40.27
C LEU E 90 1.44 35.33 -40.06
N ASP E 91 0.74 35.80 -41.09
CA ASP E 91 -0.70 35.97 -40.97
C ASP E 91 -1.35 34.67 -40.51
N ASN E 92 -0.99 33.56 -41.16
CA ASN E 92 -1.65 32.29 -40.86
C ASN E 92 -1.15 31.66 -39.56
N ALA E 93 0.14 31.74 -39.27
CA ALA E 93 0.58 31.21 -37.98
C ALA E 93 -0.07 31.97 -36.83
N ALA E 94 -0.17 33.29 -36.95
CA ALA E 94 -0.74 34.07 -35.85
C ALA E 94 -2.21 33.77 -35.69
N ARG E 95 -2.93 33.61 -36.81
CA ARG E 95 -4.33 33.23 -36.74
C ARG E 95 -4.51 31.94 -35.98
N GLU E 96 -3.68 30.93 -36.28
CA GLU E 96 -3.82 29.65 -35.58
C GLU E 96 -3.43 29.79 -34.11
N LEU E 97 -2.40 30.59 -33.80
CA LEU E 97 -2.02 30.76 -32.41
C LEU E 97 -3.09 31.49 -31.62
N TYR E 98 -3.60 32.62 -32.14
CA TYR E 98 -4.60 33.38 -31.40
C TYR E 98 -5.91 32.61 -31.26
N LEU E 99 -6.28 31.84 -32.29
CA LEU E 99 -7.45 31.00 -32.14
C LEU E 99 -7.22 29.93 -31.07
N GLY E 100 -6.02 29.37 -31.01
CA GLY E 100 -5.76 28.32 -30.04
C GLY E 100 -5.75 28.87 -28.63
N ALA E 101 -5.12 30.02 -28.43
CA ALA E 101 -5.12 30.62 -27.09
C ALA E 101 -6.53 31.00 -26.65
N CYS E 102 -7.34 31.53 -27.58
CA CYS E 102 -8.69 31.98 -27.25
C CYS E 102 -9.63 30.81 -26.97
N ARG E 103 -9.65 29.81 -27.86
CA ARG E 103 -10.67 28.76 -27.88
C ARG E 103 -10.14 27.37 -27.61
N GLY E 104 -8.84 27.19 -27.68
CA GLY E 104 -8.28 25.87 -27.82
C GLY E 104 -8.09 25.14 -26.50
N ASP E 105 -8.26 23.83 -26.60
CA ASP E 105 -7.69 22.87 -25.64
C ASP E 105 -6.23 22.68 -26.03
N VAL E 106 -5.32 23.32 -25.30
CA VAL E 106 -3.94 23.44 -25.77
C VAL E 106 -2.96 22.77 -24.81
N ARG E 107 -1.83 22.36 -25.35
CA ARG E 107 -0.69 21.89 -24.58
C ARG E 107 0.58 22.44 -25.22
N VAL E 108 1.65 22.47 -24.43
CA VAL E 108 2.99 22.73 -24.96
C VAL E 108 3.83 21.50 -24.68
N THR E 109 4.34 20.88 -25.73
CA THR E 109 5.01 19.60 -25.62
C THR E 109 6.28 19.64 -26.46
N PRO E 110 7.21 18.71 -26.23
CA PRO E 110 8.42 18.67 -27.07
C PRO E 110 8.11 18.21 -28.49
N THR E 111 8.73 18.88 -29.45
CA THR E 111 8.54 18.54 -30.85
C THR E 111 9.51 17.44 -31.25
N PHE E 112 9.02 16.44 -31.97
CA PHE E 112 9.91 15.40 -32.49
C PHE E 112 10.93 15.97 -33.46
N VAL E 113 12.21 15.65 -33.24
CA VAL E 113 13.27 15.91 -34.20
C VAL E 113 14.14 14.65 -34.35
N GLY E 114 14.52 14.35 -35.60
CA GLY E 114 15.37 13.21 -35.89
C GLY E 114 16.16 13.42 -37.17
N ALA E 115 16.96 12.40 -37.51
CA ALA E 115 17.88 12.53 -38.64
C ALA E 115 18.42 11.14 -38.98
N ALA E 116 19.01 11.04 -40.18
CA ALA E 116 19.59 9.79 -40.63
C ALA E 116 20.97 9.53 -40.04
N ILE E 117 21.53 10.51 -39.34
CA ILE E 117 22.74 10.33 -38.55
C ILE E 117 22.45 10.94 -37.18
N VAL E 118 23.37 10.68 -36.25
CA VAL E 118 23.24 11.21 -34.90
C VAL E 118 23.66 12.67 -34.88
N GLY E 119 22.75 13.54 -34.47
CA GLY E 119 23.07 14.95 -34.36
C GLY E 119 23.60 15.27 -32.97
N LEU E 120 24.55 16.18 -32.92
CA LEU E 120 25.13 16.64 -31.66
C LEU E 120 24.22 17.67 -31.01
N VAL E 121 23.77 17.38 -29.79
CA VAL E 121 22.93 18.29 -29.00
C VAL E 121 23.82 19.29 -28.24
N GLY E 122 23.55 20.58 -28.45
CA GLY E 122 24.19 21.64 -27.72
C GLY E 122 23.30 22.87 -27.63
N ARG E 123 23.89 23.99 -27.26
CA ARG E 123 23.19 25.26 -27.28
C ARG E 123 24.09 26.28 -27.93
N THR E 124 23.49 27.26 -28.62
CA THR E 124 24.30 28.29 -29.28
C THR E 124 23.44 29.52 -29.49
N ASP E 125 24.12 30.66 -29.65
CA ASP E 125 23.46 31.87 -30.11
C ASP E 125 23.77 32.17 -31.58
N ALA E 126 24.38 31.22 -32.30
CA ALA E 126 24.70 31.44 -33.70
C ALA E 126 23.51 31.33 -34.63
N VAL E 127 22.39 30.74 -34.19
CA VAL E 127 21.26 30.55 -35.11
C VAL E 127 20.30 31.72 -35.05
N THR E 128 19.93 32.16 -33.85
CA THR E 128 19.02 33.29 -33.67
C THR E 128 19.66 34.57 -33.13
N GLY E 129 20.93 34.54 -32.71
CA GLY E 129 21.54 35.69 -32.06
C GLY E 129 21.48 35.67 -30.54
N PHE E 130 20.70 34.75 -29.98
CA PHE E 130 20.60 34.53 -28.55
C PHE E 130 20.52 33.01 -28.29
N SER E 131 20.84 32.60 -27.06
CA SER E 131 21.14 31.19 -26.78
C SER E 131 19.89 30.32 -26.81
N VAL E 132 19.92 29.26 -27.63
CA VAL E 132 18.84 28.27 -27.71
C VAL E 132 19.45 26.88 -27.89
N LYS E 133 18.59 25.86 -27.74
CA LYS E 133 18.96 24.47 -28.00
C LYS E 133 19.04 24.17 -29.50
N VAL E 134 20.11 23.49 -29.92
CA VAL E 134 20.28 23.14 -31.33
C VAL E 134 20.77 21.69 -31.46
N LEU E 135 20.52 21.13 -32.64
CA LEU E 135 21.30 20.01 -33.16
C LEU E 135 22.28 20.54 -34.20
N THR E 136 23.51 20.03 -34.13
CA THR E 136 24.57 20.34 -35.08
C THR E 136 24.84 19.10 -35.92
N PHE E 137 24.79 19.25 -37.23
CA PHE E 137 25.12 18.17 -38.15
C PHE E 137 26.35 18.58 -38.93
N SER E 138 27.42 17.81 -38.77
CA SER E 138 28.69 18.13 -39.42
C SER E 138 28.78 17.61 -40.85
N SER E 139 27.86 16.77 -41.29
CA SER E 139 27.86 16.30 -42.66
C SER E 139 26.42 16.31 -43.17
N PRO E 140 26.21 16.18 -44.48
CA PRO E 140 24.85 16.35 -45.02
C PRO E 140 23.98 15.16 -44.69
N THR E 141 22.74 15.43 -44.29
CA THR E 141 21.88 14.34 -43.91
C THR E 141 20.41 14.70 -44.11
N ILE E 142 19.57 13.69 -43.91
CA ILE E 142 18.13 13.89 -43.81
C ILE E 142 17.79 14.29 -42.39
N VAL E 143 17.05 15.39 -42.24
CA VAL E 143 16.56 15.86 -40.94
C VAL E 143 15.04 15.85 -41.00
N VAL E 144 14.42 15.30 -39.94
CA VAL E 144 12.98 15.16 -39.88
C VAL E 144 12.48 15.89 -38.64
N VAL E 145 11.34 16.58 -38.78
CA VAL E 145 10.76 17.38 -37.71
C VAL E 145 9.26 17.15 -37.70
N GLY E 146 8.70 16.89 -36.51
CA GLY E 146 7.26 16.71 -36.39
C GLY E 146 6.80 15.36 -36.94
N LEU E 147 5.49 15.12 -36.81
CA LEU E 147 4.94 13.81 -37.07
C LEU E 147 3.57 13.93 -37.74
N ASN E 148 3.30 13.01 -38.68
CA ASN E 148 2.01 12.95 -39.33
C ASN E 148 0.90 12.87 -38.30
N GLY E 149 -0.17 13.65 -38.54
CA GLY E 149 -1.33 13.69 -37.67
C GLY E 149 -1.20 14.68 -36.53
N MET E 150 -0.08 15.36 -36.41
CA MET E 150 0.10 16.35 -35.34
C MET E 150 -0.89 17.50 -35.52
N SER E 151 -1.21 18.15 -34.41
CA SER E 151 -2.17 19.25 -34.39
C SER E 151 -1.59 20.39 -33.54
N GLY E 152 -0.88 21.30 -34.19
CA GLY E 152 -0.23 22.39 -33.48
C GLY E 152 0.78 23.09 -34.37
N ILE E 153 1.49 24.04 -33.75
CA ILE E 153 2.45 24.89 -34.46
C ILE E 153 3.77 24.85 -33.73
N TYR E 154 4.86 24.84 -34.49
CA TYR E 154 6.20 24.92 -33.93
C TYR E 154 7.04 25.82 -34.82
N LYS E 155 8.12 26.34 -34.24
CA LYS E 155 9.00 27.25 -34.98
C LYS E 155 10.33 26.56 -35.22
N VAL E 156 10.90 26.78 -36.39
CA VAL E 156 12.19 26.22 -36.79
C VAL E 156 13.07 27.37 -37.22
N CYS E 157 14.31 27.36 -36.74
CA CYS E 157 15.34 28.29 -37.20
C CYS E 157 16.59 27.51 -37.59
N ILE E 158 17.22 27.88 -38.71
CA ILE E 158 18.34 27.14 -39.26
C ILE E 158 19.49 28.07 -39.57
N ALA E 159 20.71 27.59 -39.33
CA ALA E 159 21.93 28.15 -39.91
C ALA E 159 22.57 26.98 -40.65
N ALA E 160 22.23 26.85 -41.94
CA ALA E 160 22.65 25.72 -42.76
C ALA E 160 23.66 26.16 -43.81
N THR E 161 24.63 25.31 -44.07
CA THR E 161 25.50 25.51 -45.22
C THR E 161 25.04 24.74 -46.44
N SER E 162 24.15 23.76 -46.28
CA SER E 162 23.54 23.10 -47.42
C SER E 162 22.23 22.49 -46.95
N GLY E 163 21.36 22.21 -47.91
CA GLY E 163 20.11 21.55 -47.61
C GLY E 163 18.99 22.08 -48.46
N ASN E 164 17.95 21.26 -48.59
CA ASN E 164 16.79 21.62 -49.40
C ASN E 164 15.57 20.94 -48.79
N VAL E 165 14.41 21.49 -49.12
CA VAL E 165 13.13 20.92 -48.73
C VAL E 165 12.40 20.56 -50.01
N GLY E 166 12.13 19.28 -50.22
CA GLY E 166 11.51 18.83 -51.46
C GLY E 166 12.17 19.37 -52.70
N GLY E 167 13.48 19.59 -52.64
CA GLY E 167 14.22 20.10 -53.77
C GLY E 167 14.35 21.60 -53.85
N VAL E 168 13.69 22.34 -52.97
CA VAL E 168 13.80 23.80 -52.94
C VAL E 168 14.90 24.18 -51.97
N LYS E 169 15.85 24.99 -52.42
CA LYS E 169 17.03 25.25 -51.60
C LYS E 169 16.64 26.01 -50.35
N LEU E 170 17.21 25.60 -49.23
CA LEU E 170 16.87 26.21 -47.95
C LEU E 170 17.45 27.62 -47.87
N ILE E 171 16.73 28.49 -47.17
CA ILE E 171 17.14 29.87 -46.91
C ILE E 171 17.23 30.04 -45.40
N ASN E 172 18.37 30.54 -44.92
CA ASN E 172 18.61 30.64 -43.49
C ASN E 172 17.70 31.68 -42.85
N GLY E 173 17.32 31.42 -41.62
CA GLY E 173 16.31 32.22 -40.94
C GLY E 173 15.32 31.26 -40.32
N CYS E 174 14.07 31.66 -40.17
CA CYS E 174 13.09 30.85 -39.46
C CYS E 174 11.84 30.64 -40.29
N GLY E 175 10.99 29.76 -39.77
CA GLY E 175 9.66 29.51 -40.29
C GLY E 175 8.80 28.88 -39.22
N TYR E 176 7.50 29.07 -39.34
CA TYR E 176 6.50 28.38 -38.54
C TYR E 176 5.88 27.23 -39.33
N PHE E 177 5.60 26.12 -38.63
CA PHE E 177 5.06 24.92 -39.29
C PHE E 177 3.99 24.28 -38.42
N ASN E 178 3.00 23.68 -39.08
CA ASN E 178 1.95 22.92 -38.42
C ASN E 178 1.79 21.54 -39.05
N THR E 179 2.80 21.09 -39.76
CA THR E 179 2.85 19.81 -40.44
C THR E 179 4.26 19.29 -40.27
N PRO E 180 4.46 17.98 -40.38
CA PRO E 180 5.82 17.44 -40.36
C PRO E 180 6.62 17.97 -41.53
N LEU E 181 7.94 18.09 -41.34
CA LEU E 181 8.80 18.49 -42.43
C LEU E 181 10.00 17.54 -42.54
N ARG E 182 10.61 17.58 -43.72
CA ARG E 182 11.83 16.82 -44.02
C ARG E 182 12.77 17.71 -44.81
N PHE E 183 14.00 17.88 -44.30
CA PHE E 183 15.09 18.52 -45.03
C PHE E 183 16.05 17.46 -45.55
N ASP E 184 16.45 17.60 -46.81
CA ASP E 184 17.47 16.72 -47.39
C ASP E 184 18.79 17.46 -47.53
N ASN E 185 19.88 16.70 -47.51
CA ASN E 185 21.21 17.25 -47.76
C ASN E 185 21.54 18.36 -46.78
N PHE E 186 21.08 18.20 -45.55
CA PHE E 186 21.17 19.29 -44.58
C PHE E 186 22.47 19.19 -43.83
N GLN E 187 23.21 20.28 -43.82
CA GLN E 187 24.37 20.43 -42.94
C GLN E 187 24.30 21.79 -42.26
N GLY E 188 24.54 21.79 -40.95
CA GLY E 188 24.56 23.02 -40.17
C GLY E 188 23.87 22.82 -38.83
N GLN E 189 23.22 23.86 -38.33
CA GLN E 189 22.55 23.80 -37.04
C GLN E 189 21.07 24.10 -37.20
N ILE E 190 20.25 23.44 -36.38
CA ILE E 190 18.80 23.60 -36.44
C ILE E 190 18.25 23.75 -35.03
N TYR E 191 17.44 24.80 -34.83
CA TYR E 191 16.62 24.99 -33.66
C TYR E 191 15.19 24.58 -33.98
N VAL E 192 14.57 23.79 -33.10
CA VAL E 192 13.16 23.45 -33.20
C VAL E 192 12.50 23.80 -31.87
N SER E 193 11.51 24.70 -31.91
CA SER E 193 10.78 25.03 -30.67
C SER E 193 9.87 23.87 -30.25
N ASP E 194 9.38 23.98 -29.02
CA ASP E 194 8.28 23.13 -28.59
C ASP E 194 7.07 23.40 -29.48
N THR E 195 6.10 22.52 -29.39
CA THR E 195 4.87 22.59 -30.18
C THR E 195 3.79 23.16 -29.29
N PHE E 196 3.15 24.22 -29.75
CA PHE E 196 1.91 24.72 -29.16
C PHE E 196 0.77 23.92 -29.78
N GLU E 197 0.32 22.88 -29.07
CA GLU E 197 -0.72 21.99 -29.57
C GLU E 197 -2.09 22.66 -29.43
N VAL E 198 -2.88 22.58 -30.48
CA VAL E 198 -4.25 23.09 -30.50
C VAL E 198 -5.12 21.92 -30.94
N ARG E 199 -5.91 21.39 -30.01
CA ARG E 199 -6.72 20.22 -30.30
C ARG E 199 -8.16 20.66 -30.55
N GLY E 200 -9.10 20.34 -29.67
CA GLY E 200 -10.45 20.90 -29.82
C GLY E 200 -10.49 22.39 -29.48
N THR E 201 -11.59 23.05 -29.86
CA THR E 201 -11.64 24.50 -29.73
C THR E 201 -12.98 24.97 -29.20
N LYS E 202 -13.43 24.38 -28.10
CA LYS E 202 -14.69 24.78 -27.49
C LYS E 202 -14.53 25.51 -26.16
N ASN E 203 -13.31 25.92 -25.81
CA ASN E 203 -13.15 26.90 -24.75
C ASN E 203 -13.46 28.29 -25.28
N LYS E 204 -13.46 29.29 -24.39
CA LYS E 204 -14.02 30.59 -24.74
C LYS E 204 -13.15 31.74 -24.26
N CYS E 205 -13.16 32.84 -25.03
CA CYS E 205 -12.35 33.98 -24.62
C CYS E 205 -12.99 35.29 -25.06
N VAL E 206 -12.44 36.37 -24.49
CA VAL E 206 -12.45 37.70 -25.05
C VAL E 206 -11.03 38.00 -25.52
N LEU E 207 -10.92 38.64 -26.69
CA LEU E 207 -9.64 39.07 -27.23
C LEU E 207 -9.63 40.60 -27.21
N LEU E 208 -8.94 41.16 -26.24
CA LEU E 208 -8.83 42.62 -26.11
C LEU E 208 -7.72 43.14 -27.03
N ARG E 209 -8.01 44.20 -27.76
CA ARG E 209 -7.02 44.77 -28.66
C ARG E 209 -5.74 45.09 -27.90
N SER E 210 -4.63 44.67 -28.48
CA SER E 210 -3.32 45.04 -28.00
C SER E 210 -2.73 46.00 -29.01
N SER E 211 -2.51 47.25 -28.60
CA SER E 211 -1.98 48.28 -29.48
C SER E 211 -0.48 48.45 -29.31
N SER E 212 0.20 48.71 -30.43
CA SER E 212 1.59 49.15 -30.40
C SER E 212 1.61 50.68 -30.50
N ASP E 213 2.81 51.25 -30.52
CA ASP E 213 2.95 52.70 -30.68
C ASP E 213 3.13 53.12 -32.13
N THR E 214 3.08 52.17 -33.06
CA THR E 214 2.86 52.40 -34.48
C THR E 214 1.75 51.44 -34.89
N PRO E 215 1.20 51.61 -36.10
CA PRO E 215 0.06 50.76 -36.50
C PRO E 215 0.43 49.30 -36.45
N LEU E 216 -0.56 48.46 -36.12
CA LEU E 216 -0.30 47.05 -35.96
C LEU E 216 0.22 46.43 -37.27
N CYS E 217 1.15 45.50 -37.12
CA CYS E 217 1.53 44.65 -38.24
C CYS E 217 0.31 43.87 -38.73
N SER E 218 0.38 43.38 -39.97
CA SER E 218 -0.77 42.72 -40.56
C SER E 218 -1.18 41.48 -39.78
N HIS E 219 -0.22 40.64 -39.36
CA HIS E 219 -0.63 39.39 -38.74
C HIS E 219 -1.30 39.60 -37.38
N ILE E 220 -1.15 40.75 -36.73
CA ILE E 220 -1.87 41.01 -35.49
C ILE E 220 -3.11 41.89 -35.72
N MET E 221 -3.03 42.84 -36.66
CA MET E 221 -4.21 43.59 -37.04
C MET E 221 -5.38 42.66 -37.40
N ARG E 222 -5.08 41.54 -38.04
CA ARG E 222 -6.12 40.61 -38.48
C ARG E 222 -6.92 40.00 -37.32
N ASN E 223 -6.44 40.08 -36.08
CA ASN E 223 -7.27 39.58 -34.98
C ASN E 223 -8.60 40.35 -34.88
N VAL E 224 -8.71 41.50 -35.54
CA VAL E 224 -9.98 42.21 -35.53
C VAL E 224 -11.09 41.40 -36.21
N GLU E 225 -10.73 40.42 -37.04
CA GLU E 225 -11.70 39.59 -37.75
C GLU E 225 -12.26 38.47 -36.89
N LEU E 226 -11.75 38.29 -35.68
CA LEU E 226 -12.25 37.23 -34.81
C LEU E 226 -13.45 37.74 -34.04
N ASP E 227 -14.45 36.88 -33.87
CA ASP E 227 -15.68 37.26 -33.19
C ASP E 227 -15.41 37.76 -31.78
N GLU E 228 -14.32 37.32 -31.16
CA GLU E 228 -14.03 37.67 -29.78
C GLU E 228 -13.32 39.00 -29.63
N TYR E 229 -12.93 39.65 -30.74
CA TYR E 229 -12.22 40.91 -30.68
C TYR E 229 -13.05 41.97 -29.96
N VAL E 230 -12.43 42.64 -28.98
CA VAL E 230 -13.01 43.80 -28.34
C VAL E 230 -12.00 44.94 -28.40
N ASP E 231 -12.46 46.12 -28.82
CA ASP E 231 -11.58 47.28 -28.91
C ASP E 231 -11.16 47.74 -27.51
N THR E 232 -9.95 48.28 -27.42
CA THR E 232 -9.43 48.91 -26.23
C THR E 232 -8.98 50.33 -26.57
N PRO E 233 -8.88 51.22 -25.58
CA PRO E 233 -8.61 52.63 -25.89
C PRO E 233 -7.37 52.81 -26.77
N ASN E 234 -7.51 53.62 -27.82
CA ASN E 234 -6.41 53.84 -28.74
C ASN E 234 -6.69 55.13 -29.51
N THR E 235 -5.64 55.70 -30.09
CA THR E 235 -5.72 56.94 -30.87
C THR E 235 -5.39 56.56 -32.30
N GLY E 236 -6.43 56.40 -33.12
CA GLY E 236 -6.20 55.98 -34.50
C GLY E 236 -5.47 54.66 -34.58
N GLY E 237 -5.80 53.74 -33.67
CA GLY E 237 -5.22 52.42 -33.68
C GLY E 237 -3.93 52.31 -32.92
N VAL E 238 -3.43 53.40 -32.35
CA VAL E 238 -2.13 53.42 -31.70
C VAL E 238 -2.33 53.58 -30.19
N TYR E 239 -1.43 52.97 -29.44
CA TYR E 239 -1.48 53.06 -27.99
C TYR E 239 -1.58 54.52 -27.55
N PRO E 240 -2.48 54.88 -26.64
CA PRO E 240 -2.67 56.30 -26.27
C PRO E 240 -1.43 56.93 -25.66
N SER E 241 -1.43 58.26 -25.64
CA SER E 241 -0.28 59.04 -25.19
C SER E 241 -0.34 59.43 -23.72
N ASP E 242 -1.11 58.71 -22.91
CA ASP E 242 -1.38 59.07 -21.53
C ASP E 242 -0.74 58.10 -20.53
N GLY E 243 0.35 57.44 -20.90
CA GLY E 243 0.94 56.40 -20.07
C GLY E 243 2.22 56.84 -19.38
N PHE E 244 2.90 55.84 -18.80
CA PHE E 244 4.25 56.03 -18.30
C PHE E 244 5.22 56.26 -19.45
N ASP E 245 5.09 55.49 -20.52
CA ASP E 245 5.82 55.76 -21.76
C ASP E 245 4.89 55.48 -22.94
N SER E 246 5.47 55.49 -24.15
CA SER E 246 4.73 55.30 -25.37
C SER E 246 4.06 53.93 -25.47
N LEU E 247 4.35 53.00 -24.56
CA LEU E 247 3.84 51.65 -24.65
C LEU E 247 3.25 51.08 -23.37
N HIS E 248 3.28 51.81 -22.25
CA HIS E 248 2.84 51.22 -21.00
C HIS E 248 2.13 52.23 -20.12
N GLY E 249 1.21 51.72 -19.31
CA GLY E 249 0.67 52.51 -18.22
C GLY E 249 -0.37 53.51 -18.61
N SER E 250 -1.04 53.31 -19.74
CA SER E 250 -2.03 54.27 -20.20
C SER E 250 -3.12 54.47 -19.16
N ALA E 251 -3.39 55.74 -18.85
CA ALA E 251 -4.47 56.09 -17.95
C ALA E 251 -5.80 55.53 -18.44
N SER E 252 -6.10 55.70 -19.72
CA SER E 252 -7.41 55.31 -20.23
C SER E 252 -7.52 53.81 -20.45
N VAL E 253 -6.43 53.14 -20.79
CA VAL E 253 -6.48 51.69 -20.84
C VAL E 253 -6.73 51.16 -19.44
N ARG E 254 -6.02 51.68 -18.44
CA ARG E 254 -6.18 51.19 -17.07
C ARG E 254 -7.63 51.32 -16.62
N THR E 255 -8.25 52.48 -16.86
CA THR E 255 -9.64 52.69 -16.46
C THR E 255 -10.58 51.75 -17.21
N PHE E 256 -10.36 51.58 -18.52
CA PHE E 256 -11.18 50.65 -19.26
C PHE E 256 -11.09 49.25 -18.67
N LEU E 257 -9.87 48.78 -18.41
CA LEU E 257 -9.71 47.42 -17.90
C LEU E 257 -10.25 47.28 -16.49
N THR E 258 -9.96 48.25 -15.62
CA THR E 258 -10.37 48.15 -14.22
C THR E 258 -11.90 48.18 -14.12
N ASP E 259 -12.53 49.10 -14.82
CA ASP E 259 -13.99 49.20 -14.79
C ASP E 259 -14.61 47.88 -15.24
N ALA E 260 -14.08 47.31 -16.32
CA ALA E 260 -14.66 46.07 -16.86
C ALA E 260 -14.40 44.87 -15.96
N LEU E 261 -13.36 44.89 -15.14
CA LEU E 261 -13.07 43.79 -14.24
C LEU E 261 -13.70 43.94 -12.86
N THR E 262 -14.36 45.05 -12.58
CA THR E 262 -14.92 45.29 -11.25
C THR E 262 -16.42 45.58 -11.29
N CYS E 263 -17.12 45.08 -12.31
CA CYS E 263 -18.58 45.14 -12.30
C CYS E 263 -19.11 44.53 -11.01
N PRO E 264 -19.96 45.24 -10.27
CA PRO E 264 -20.41 44.69 -8.98
C PRO E 264 -21.37 43.52 -9.16
N ASP E 265 -21.19 42.50 -8.32
CA ASP E 265 -22.22 41.50 -8.07
C ASP E 265 -22.61 40.73 -9.33
N ILE E 266 -21.64 40.40 -10.16
CA ILE E 266 -21.89 39.54 -11.32
C ILE E 266 -21.73 38.09 -10.90
N ASP E 267 -22.72 37.26 -11.20
CA ASP E 267 -22.65 35.84 -10.84
C ASP E 267 -22.12 35.08 -12.06
N TRP E 268 -20.78 35.03 -12.17
CA TRP E 268 -20.14 34.43 -13.34
C TRP E 268 -20.49 32.97 -13.49
N SER E 269 -20.82 32.30 -12.38
CA SER E 269 -21.13 30.87 -12.43
C SER E 269 -22.41 30.59 -13.21
N ARG E 270 -23.20 31.60 -13.53
CA ARG E 270 -24.46 31.36 -14.21
C ARG E 270 -24.44 31.79 -15.66
N ILE E 271 -23.27 32.11 -16.21
CA ILE E 271 -23.17 32.50 -17.61
C ILE E 271 -21.96 31.79 -18.22
N ASP E 272 -22.18 31.16 -19.38
CA ASP E 272 -21.11 30.44 -20.08
C ASP E 272 -20.50 31.37 -21.12
N ALA E 273 -19.73 32.33 -20.60
CA ALA E 273 -19.18 33.39 -21.45
C ALA E 273 -18.03 34.04 -20.70
N ALA E 274 -17.08 34.56 -21.46
CA ALA E 274 -15.95 35.27 -20.88
C ALA E 274 -16.27 36.74 -20.60
N SER E 275 -17.43 37.22 -21.06
CA SER E 275 -17.86 38.58 -20.78
C SER E 275 -19.37 38.69 -20.93
N CYS E 276 -19.91 39.84 -20.54
CA CYS E 276 -21.30 40.19 -20.77
C CYS E 276 -21.45 41.70 -20.60
N GLU E 277 -22.48 42.24 -21.26
CA GLU E 277 -22.89 43.61 -21.00
C GLU E 277 -23.61 43.67 -19.66
N TYR E 278 -23.31 44.70 -18.87
CA TYR E 278 -23.72 44.72 -17.47
C TYR E 278 -25.20 44.39 -17.30
N ASP E 279 -26.08 45.12 -18.01
CA ASP E 279 -27.50 44.94 -17.79
C ASP E 279 -27.95 43.51 -18.04
N SER E 280 -27.27 42.81 -18.96
CA SER E 280 -27.61 41.42 -19.27
C SER E 280 -26.88 40.41 -18.38
N CYS E 281 -25.84 40.82 -17.66
CA CYS E 281 -25.09 39.88 -16.83
C CYS E 281 -26.01 39.31 -15.75
N PRO E 282 -25.90 38.02 -15.43
CA PRO E 282 -26.60 37.53 -14.23
C PRO E 282 -26.00 38.11 -12.96
N LYS E 283 -26.86 38.44 -12.01
CA LYS E 283 -26.46 39.15 -10.79
C LYS E 283 -26.50 38.22 -9.59
N MET E 284 -25.55 38.43 -8.67
CA MET E 284 -25.52 37.70 -7.41
C MET E 284 -26.82 37.88 -6.65
N VAL E 285 -27.38 36.76 -6.20
CA VAL E 285 -28.55 36.79 -5.34
C VAL E 285 -28.08 37.08 -3.92
N LYS E 286 -28.63 38.11 -3.32
CA LYS E 286 -28.23 38.54 -1.99
C LYS E 286 -29.37 38.33 -1.02
N ASP E 287 -29.04 38.28 0.27
CA ASP E 287 -30.09 38.27 1.27
C ASP E 287 -30.99 39.46 1.02
N PHE E 288 -32.28 39.22 0.92
CA PHE E 288 -33.22 40.28 0.59
C PHE E 288 -33.25 41.31 1.71
N ASP E 289 -33.21 42.58 1.32
CA ASP E 289 -33.27 43.70 2.27
C ASP E 289 -34.71 44.19 2.32
N GLN E 290 -35.34 44.03 3.49
CA GLN E 290 -36.71 44.48 3.71
C GLN E 290 -36.83 45.95 4.05
N THR E 291 -35.73 46.72 4.04
CA THR E 291 -35.75 48.08 4.55
C THR E 291 -36.81 48.93 3.86
N SER E 292 -36.84 48.88 2.52
CA SER E 292 -37.81 49.68 1.78
C SER E 292 -39.24 49.28 2.11
N LEU E 293 -39.51 47.97 2.04
CA LEU E 293 -40.86 47.47 2.33
C LEU E 293 -41.23 47.72 3.78
N GLY E 294 -40.27 47.62 4.69
CA GLY E 294 -40.56 47.87 6.09
C GLY E 294 -40.93 49.31 6.35
N ASN E 295 -40.18 50.24 5.75
CA ASN E 295 -40.51 51.65 5.90
C ASN E 295 -41.92 51.93 5.40
N THR E 296 -42.32 51.28 4.30
CA THR E 296 -43.65 51.52 3.75
C THR E 296 -44.74 51.02 4.70
N ASP E 297 -44.63 49.77 5.17
CA ASP E 297 -45.58 49.29 6.18
C ASP E 297 -45.63 50.25 7.38
N THR E 298 -44.46 50.62 7.91
CA THR E 298 -44.42 51.52 9.07
C THR E 298 -45.13 52.83 8.77
N LEU E 299 -44.89 53.41 7.59
CA LEU E 299 -45.58 54.62 7.20
C LEU E 299 -47.08 54.41 7.26
N ILE E 300 -47.58 53.38 6.58
CA ILE E 300 -49.00 53.07 6.58
C ILE E 300 -49.49 52.86 8.01
N MET E 301 -48.72 52.13 8.83
CA MET E 301 -49.16 51.79 10.18
C MET E 301 -49.38 53.04 11.02
N ARG E 302 -48.41 53.96 11.01
CA ARG E 302 -48.56 55.19 11.78
C ARG E 302 -49.86 55.90 11.42
N GLU E 303 -50.21 55.96 10.13
CA GLU E 303 -51.38 56.73 9.72
C GLU E 303 -52.70 56.02 10.04
N VAL E 304 -52.78 54.70 9.84
CA VAL E 304 -53.96 53.98 10.30
C VAL E 304 -54.16 54.23 11.79
N ALA E 305 -53.08 54.23 12.58
CA ALA E 305 -53.20 54.57 14.00
C ALA E 305 -53.72 55.99 14.19
N LEU E 306 -53.34 56.91 13.31
CA LEU E 306 -53.89 58.27 13.36
C LEU E 306 -55.39 58.23 13.14
N HIS E 307 -55.84 57.41 12.19
CA HIS E 307 -57.28 57.31 11.92
C HIS E 307 -58.01 56.63 13.08
N LYS E 308 -57.40 55.61 13.71
CA LYS E 308 -57.99 55.02 14.92
C LYS E 308 -58.41 56.10 15.90
N GLU E 309 -57.46 56.95 16.29
CA GLU E 309 -57.76 57.98 17.27
C GLU E 309 -58.82 58.94 16.75
N MET E 310 -58.71 59.37 15.48
CA MET E 310 -59.61 60.38 14.95
C MET E 310 -61.05 59.88 14.92
N ILE E 311 -61.26 58.61 14.58
CA ILE E 311 -62.61 58.06 14.54
C ILE E 311 -63.17 57.92 15.96
N SER E 312 -62.33 57.47 16.90
CA SER E 312 -62.75 57.45 18.29
C SER E 312 -63.17 58.84 18.75
N LYS E 313 -62.48 59.88 18.25
CA LYS E 313 -62.83 61.26 18.61
C LYS E 313 -64.04 61.76 17.84
N LEU E 314 -64.13 61.47 16.55
CA LEU E 314 -65.34 61.81 15.81
C LEU E 314 -66.56 61.14 16.45
N GLN E 315 -66.41 59.89 16.91
CA GLN E 315 -67.51 59.25 17.62
C GLN E 315 -67.90 60.08 18.85
N ARG E 316 -66.91 60.68 19.52
CA ARG E 316 -67.21 61.54 20.66
C ARG E 316 -67.98 62.78 20.23
N ASP E 317 -67.58 63.41 19.12
CA ASP E 317 -68.31 64.58 18.65
C ASP E 317 -69.77 64.26 18.35
N ILE E 318 -70.03 63.15 17.67
CA ILE E 318 -71.40 62.75 17.38
C ILE E 318 -72.16 62.48 18.68
N THR E 319 -71.51 61.77 19.61
CA THR E 319 -72.17 61.46 20.87
C THR E 319 -72.52 62.73 21.64
N ASP E 320 -71.62 63.71 21.64
CA ASP E 320 -71.87 64.95 22.38
C ASP E 320 -72.99 65.75 21.74
N VAL E 321 -73.06 65.76 20.41
CA VAL E 321 -74.14 66.47 19.73
C VAL E 321 -75.47 65.75 19.95
N LYS E 322 -75.52 64.45 19.61
CA LYS E 322 -76.73 63.66 19.86
C LYS E 322 -77.21 63.85 21.29
N ILE E 323 -76.29 63.75 22.25
CA ILE E 323 -76.63 63.99 23.65
C ILE E 323 -77.41 65.30 23.77
N ARG E 324 -76.80 66.40 23.33
CA ARG E 324 -77.46 67.70 23.38
C ARG E 324 -78.86 67.63 22.78
N VAL E 325 -79.01 66.89 21.67
CA VAL E 325 -80.31 66.76 21.02
C VAL E 325 -81.06 65.55 21.54
N ARG F 1 -11.67 31.43 14.15
CA ARG F 1 -12.05 30.14 13.62
C ARG F 1 -11.61 30.11 12.16
N LEU F 2 -10.62 29.30 11.88
CA LEU F 2 -10.08 29.25 10.55
C LEU F 2 -10.97 28.40 9.64
N CYS F 3 -11.25 28.93 8.45
CA CYS F 3 -11.92 28.18 7.40
C CYS F 3 -10.96 28.13 6.21
N LEU F 4 -10.57 26.92 5.82
CA LEU F 4 -9.76 26.70 4.63
C LEU F 4 -10.65 26.49 3.41
N ARG F 5 -10.22 27.02 2.26
CA ARG F 5 -11.04 26.93 1.05
C ARG F 5 -11.13 25.47 0.60
N ASN F 6 -12.32 24.90 0.69
CA ASN F 6 -12.54 23.50 0.35
C ASN F 6 -13.45 23.53 -0.88
N TYR F 7 -12.86 23.55 -2.07
CA TYR F 7 -13.59 23.93 -3.28
C TYR F 7 -12.83 23.44 -4.52
N PRO F 8 -13.52 23.20 -5.64
CA PRO F 8 -12.82 22.56 -6.77
C PRO F 8 -11.75 23.40 -7.43
N ASP F 9 -11.63 24.70 -7.12
CA ASP F 9 -10.59 25.54 -7.68
C ASP F 9 -9.35 25.59 -6.79
N THR F 10 -9.17 24.61 -5.88
CA THR F 10 -8.10 24.59 -4.89
C THR F 10 -7.38 23.25 -5.00
N THR F 11 -6.04 23.29 -4.95
CA THR F 11 -5.20 22.10 -4.96
C THR F 11 -4.55 21.95 -3.59
N TRP F 12 -4.71 20.79 -2.99
CA TRP F 12 -4.07 20.47 -1.72
C TRP F 12 -2.73 19.80 -2.02
N ILE F 13 -1.65 20.38 -1.57
CA ILE F 13 -0.30 19.94 -1.91
C ILE F 13 0.31 19.32 -0.65
N GLY F 14 0.49 17.98 -0.66
CA GLY F 14 0.80 17.25 0.56
C GLY F 14 1.79 16.12 0.40
N ASP F 15 2.02 15.44 1.51
CA ASP F 15 2.90 14.30 1.62
C ASP F 15 2.11 13.10 2.13
N SER F 16 2.73 12.14 2.82
CA SER F 16 2.00 10.93 3.22
C SER F 16 0.78 11.27 4.05
N ARG F 17 0.87 12.33 4.87
CA ARG F 17 -0.20 12.69 5.78
C ARG F 17 -1.45 13.11 5.04
N SER F 18 -1.36 13.39 3.74
CA SER F 18 -2.52 13.75 2.94
C SER F 18 -2.74 12.83 1.75
N ASP F 19 -1.94 11.76 1.62
CA ASP F 19 -1.95 10.86 0.44
C ASP F 19 -3.06 9.83 0.62
N GLN F 20 -4.30 10.35 0.57
CA GLN F 20 -5.47 9.54 0.89
C GLN F 20 -5.58 8.31 0.01
N SER F 21 -5.09 8.40 -1.24
CA SER F 21 -5.30 7.31 -2.17
C SER F 21 -4.35 6.15 -1.94
N ARG F 22 -3.23 6.36 -1.26
CA ARG F 22 -2.17 5.37 -1.30
C ARG F 22 -1.57 5.05 0.08
N VAL F 23 -2.06 5.67 1.14
CA VAL F 23 -1.48 5.52 2.48
C VAL F 23 -2.54 4.93 3.41
N ASN F 24 -2.11 4.01 4.28
CA ASN F 24 -3.00 3.42 5.26
C ASN F 24 -3.65 4.55 6.07
N PRO F 25 -4.99 4.55 6.21
CA PRO F 25 -5.66 5.67 6.90
C PRO F 25 -5.12 5.99 8.30
N GLN F 26 -4.55 5.00 9.01
CA GLN F 26 -4.01 5.27 10.34
C GLN F 26 -2.88 6.31 10.30
N SER F 27 -2.18 6.46 9.16
CA SER F 27 -1.11 7.47 9.05
C SER F 27 -1.55 8.81 8.43
N LEU F 28 -2.84 8.96 8.12
CA LEU F 28 -3.31 10.21 7.52
C LEU F 28 -3.61 11.25 8.59
N ASP F 29 -3.33 12.51 8.25
CA ASP F 29 -3.82 13.67 8.97
C ASP F 29 -5.03 14.33 8.30
N LEU F 30 -5.07 14.29 6.97
CA LEU F 30 -6.21 14.76 6.19
C LEU F 30 -7.19 13.61 6.07
N VAL F 31 -8.21 13.60 6.94
CA VAL F 31 -9.15 12.51 7.03
C VAL F 31 -10.58 12.96 6.69
N THR F 32 -10.73 14.10 6.04
CA THR F 32 -12.02 14.56 5.53
C THR F 32 -11.87 14.69 4.02
N GLU F 33 -13.00 14.63 3.31
CA GLU F 33 -12.94 14.71 1.85
C GLU F 33 -12.55 16.13 1.45
N PHE F 34 -11.64 16.22 0.50
CA PHE F 34 -11.22 17.50 -0.04
C PHE F 34 -11.90 17.66 -1.39
N LYS F 35 -12.69 18.72 -1.53
CA LYS F 35 -13.47 18.96 -2.74
C LYS F 35 -12.62 19.47 -3.89
N GLY F 36 -11.38 19.86 -3.63
CA GLY F 36 -10.48 20.27 -4.67
C GLY F 36 -9.62 19.11 -5.16
N VAL F 37 -8.59 19.46 -5.90
CA VAL F 37 -7.65 18.49 -6.43
C VAL F 37 -6.62 18.16 -5.36
N LEU F 38 -6.39 16.87 -5.13
CA LEU F 38 -5.44 16.41 -4.12
C LEU F 38 -4.14 15.95 -4.80
N GLN F 39 -3.04 16.61 -4.50
CA GLN F 39 -1.72 16.17 -4.99
C GLN F 39 -0.84 15.92 -3.77
N ALA F 40 -0.85 14.69 -3.27
CA ALA F 40 -0.10 14.36 -2.07
C ALA F 40 0.52 12.97 -2.21
N LYS F 41 1.82 12.87 -1.95
CA LYS F 41 2.61 11.66 -2.17
C LYS F 41 3.45 11.34 -0.93
N ASN F 42 3.28 10.13 -0.43
CA ASN F 42 4.07 9.61 0.65
C ASN F 42 5.57 9.78 0.35
N GLY F 43 6.28 10.43 1.27
CA GLY F 43 7.71 10.63 1.15
C GLY F 43 8.15 11.87 0.36
N ASN F 44 7.24 12.58 -0.29
CA ASN F 44 7.63 13.61 -1.22
C ASN F 44 7.66 14.98 -0.54
N GLY F 45 8.20 15.95 -1.28
CA GLY F 45 8.36 17.33 -0.84
C GLY F 45 8.67 18.17 -2.07
N LEU F 46 8.74 19.49 -1.86
CA LEU F 46 9.00 20.35 -3.02
C LEU F 46 10.44 20.27 -3.47
N LEU F 47 11.36 19.93 -2.57
CA LEU F 47 12.72 19.60 -2.96
C LEU F 47 12.85 18.13 -3.35
N LYS F 48 12.27 17.24 -2.55
CA LYS F 48 12.43 15.80 -2.79
C LYS F 48 11.82 15.39 -4.11
N GLN F 49 10.83 16.14 -4.61
CA GLN F 49 10.26 15.80 -5.90
C GLN F 49 11.29 15.81 -7.01
N MET F 50 12.41 16.52 -6.81
CA MET F 50 13.48 16.62 -7.81
C MET F 50 14.54 15.55 -7.65
N SER F 51 14.45 14.70 -6.62
CA SER F 51 15.50 13.74 -6.33
C SER F 51 15.52 12.61 -7.35
N GLY F 52 14.40 12.29 -7.96
CA GLY F 52 14.27 11.09 -8.74
C GLY F 52 13.67 9.91 -8.01
N ARG F 53 13.42 10.04 -6.70
CA ARG F 53 12.80 8.95 -5.97
C ARG F 53 11.38 8.70 -6.42
N PHE F 54 10.70 9.72 -6.92
CA PHE F 54 9.27 9.64 -7.24
C PHE F 54 9.09 10.20 -8.65
N PRO F 55 9.56 9.48 -9.66
CA PRO F 55 9.68 10.08 -11.01
C PRO F 55 8.36 10.46 -11.63
N SER F 56 7.24 9.90 -11.19
CA SER F 56 5.93 10.26 -11.73
C SER F 56 5.12 11.17 -10.81
N ASP F 57 5.68 11.65 -9.69
CA ASP F 57 4.86 12.31 -8.68
C ASP F 57 5.24 13.79 -8.47
N TRP F 58 5.67 14.46 -9.54
CA TRP F 58 5.91 15.90 -9.46
C TRP F 58 4.61 16.64 -9.16
N TYR F 59 4.72 17.71 -8.38
CA TYR F 59 3.58 18.56 -8.07
C TYR F 59 3.33 19.53 -9.20
N THR F 60 2.10 19.58 -9.69
CA THR F 60 1.77 20.40 -10.86
C THR F 60 0.41 21.05 -10.66
N PRO F 61 0.26 21.86 -9.63
CA PRO F 61 -1.01 22.58 -9.47
C PRO F 61 -1.29 23.46 -10.70
N THR F 62 -2.56 23.50 -11.12
CA THR F 62 -2.97 24.40 -12.18
C THR F 62 -4.13 25.29 -11.74
N THR F 63 -4.53 25.24 -10.48
CA THR F 63 -5.66 26.03 -9.97
C THR F 63 -5.18 27.37 -9.41
N LYS F 64 -6.14 28.27 -9.31
CA LYS F 64 -5.91 29.57 -8.70
C LYS F 64 -5.42 29.44 -7.25
N TYR F 65 -6.03 28.54 -6.47
CA TYR F 65 -5.77 28.45 -5.03
C TYR F 65 -5.07 27.15 -4.69
N ARG F 66 -4.29 27.20 -3.61
CA ARG F 66 -3.58 26.06 -3.09
C ARG F 66 -3.59 26.09 -1.57
N ILE F 67 -3.54 24.90 -0.98
CA ILE F 67 -3.25 24.72 0.43
C ILE F 67 -2.07 23.76 0.51
N LEU F 68 -0.99 24.18 1.16
CA LEU F 68 0.22 23.39 1.34
C LEU F 68 0.26 22.82 2.75
N TYR F 69 0.56 21.53 2.86
CA TYR F 69 0.80 20.88 4.13
C TYR F 69 1.93 19.88 3.90
N LEU F 70 3.15 20.41 3.72
CA LEU F 70 4.31 19.58 3.48
C LEU F 70 5.57 20.36 3.85
N GLY F 71 6.67 19.62 4.00
CA GLY F 71 7.94 20.22 4.35
C GLY F 71 8.81 19.28 5.14
N THR F 72 8.20 18.46 6.00
CA THR F 72 8.98 17.58 6.85
C THR F 72 9.96 16.72 6.02
N ASN F 73 9.53 16.24 4.83
CA ASN F 73 10.38 15.37 4.04
C ASN F 73 11.52 16.14 3.39
N ASP F 74 11.34 17.44 3.15
CA ASP F 74 12.40 18.24 2.56
C ASP F 74 13.56 18.39 3.51
N CYS F 75 13.36 18.07 4.77
CA CYS F 75 14.48 18.12 5.70
C CYS F 75 15.45 16.95 5.53
N THR F 76 15.20 16.00 4.64
CA THR F 76 16.24 15.02 4.36
C THR F 76 17.24 15.51 3.33
N ASP F 77 16.96 16.61 2.65
CA ASP F 77 18.00 17.30 1.90
C ASP F 77 19.00 17.90 2.87
N GLY F 78 20.30 17.82 2.53
CA GLY F 78 21.36 18.31 3.40
C GLY F 78 22.54 18.86 2.63
N PRO F 79 23.71 18.90 3.29
CA PRO F 79 24.90 19.44 2.62
C PRO F 79 25.22 18.84 1.27
N THR F 80 25.03 17.53 1.06
CA THR F 80 25.38 16.95 -0.23
C THR F 80 24.41 17.36 -1.32
N ASP F 81 23.29 17.99 -0.96
CA ASP F 81 22.35 18.50 -1.94
C ASP F 81 22.64 19.94 -2.33
N MET F 82 23.66 20.56 -1.75
CA MET F 82 24.03 21.88 -2.23
C MET F 82 25.54 22.00 -2.34
N ILE F 83 26.21 20.89 -2.64
CA ILE F 83 27.66 20.83 -2.64
C ILE F 83 28.28 21.11 -4.01
N ILE F 84 27.53 20.95 -5.09
CA ILE F 84 28.17 21.30 -6.36
C ILE F 84 28.50 22.78 -6.36
N PRO F 85 29.74 23.19 -6.65
CA PRO F 85 30.07 24.63 -6.65
C PRO F 85 29.13 25.41 -7.54
N THR F 86 28.73 26.58 -7.02
CA THR F 86 27.77 27.54 -7.57
C THR F 86 26.31 27.08 -7.38
N SER F 87 26.04 25.94 -6.75
CA SER F 87 24.66 25.57 -6.49
C SER F 87 24.00 26.60 -5.57
N MET F 88 22.68 26.68 -5.65
CA MET F 88 21.91 27.48 -4.70
C MET F 88 22.07 26.91 -3.31
N THR F 89 21.88 27.76 -2.30
CA THR F 89 21.70 27.20 -0.97
C THR F 89 20.34 26.53 -0.86
N LEU F 90 20.23 25.58 0.08
CA LEU F 90 18.94 24.97 0.32
C LEU F 90 17.94 25.99 0.83
N ASP F 91 18.39 26.94 1.65
CA ASP F 91 17.49 28.03 2.06
C ASP F 91 16.87 28.70 0.84
N ASN F 92 17.71 29.10 -0.14
CA ASN F 92 17.18 29.85 -1.27
C ASN F 92 16.39 28.96 -2.21
N ALA F 93 16.84 27.73 -2.41
CA ALA F 93 16.08 26.82 -3.27
C ALA F 93 14.71 26.53 -2.67
N ALA F 94 14.67 26.27 -1.36
CA ALA F 94 13.40 25.99 -0.73
C ALA F 94 12.46 27.20 -0.77
N ARG F 95 13.00 28.41 -0.56
CA ARG F 95 12.17 29.61 -0.61
C ARG F 95 11.52 29.77 -1.99
N GLU F 96 12.31 29.62 -3.06
CA GLU F 96 11.74 29.77 -4.41
C GLU F 96 10.71 28.68 -4.70
N LEU F 97 10.96 27.45 -4.24
CA LEU F 97 10.05 26.35 -4.50
C LEU F 97 8.75 26.52 -3.73
N TYR F 98 8.83 26.86 -2.45
CA TYR F 98 7.60 27.03 -1.69
C TYR F 98 6.84 28.26 -2.17
N LEU F 99 7.54 29.32 -2.54
CA LEU F 99 6.85 30.45 -3.15
C LEU F 99 6.15 30.03 -4.42
N GLY F 100 6.82 29.19 -5.21
CA GLY F 100 6.25 28.78 -6.49
C GLY F 100 5.00 27.92 -6.34
N ALA F 101 5.04 26.93 -5.44
CA ALA F 101 3.86 26.11 -5.20
C ALA F 101 2.73 26.94 -4.60
N CYS F 102 3.08 27.89 -3.76
CA CYS F 102 2.06 28.70 -3.09
C CYS F 102 1.42 29.68 -4.05
N ARG F 103 2.23 30.50 -4.71
CA ARG F 103 1.77 31.64 -5.49
C ARG F 103 1.93 31.47 -6.99
N GLY F 104 2.68 30.48 -7.43
CA GLY F 104 3.23 30.51 -8.77
C GLY F 104 2.29 29.94 -9.80
N ASP F 105 2.43 30.46 -11.00
CA ASP F 105 1.98 29.80 -12.21
C ASP F 105 3.14 28.91 -12.66
N VAL F 106 3.03 27.60 -12.39
CA VAL F 106 4.16 26.69 -12.49
C VAL F 106 3.88 25.63 -13.56
N ARG F 107 4.98 25.05 -14.03
CA ARG F 107 4.96 23.88 -14.91
C ARG F 107 6.12 22.97 -14.51
N VAL F 108 6.06 21.71 -14.93
CA VAL F 108 7.20 20.79 -14.81
C VAL F 108 7.55 20.32 -16.22
N THR F 109 8.76 20.63 -16.67
CA THR F 109 9.15 20.43 -18.05
C THR F 109 10.56 19.87 -18.13
N PRO F 110 10.91 19.28 -19.28
CA PRO F 110 12.27 18.76 -19.48
C PRO F 110 13.32 19.86 -19.46
N THR F 111 14.44 19.56 -18.81
CA THR F 111 15.56 20.47 -18.75
C THR F 111 16.53 20.16 -19.88
N PHE F 112 16.96 21.22 -20.58
CA PHE F 112 17.96 21.06 -21.63
C PHE F 112 19.28 20.54 -21.06
N VAL F 113 19.85 19.52 -21.70
CA VAL F 113 21.24 19.09 -21.48
C VAL F 113 21.91 18.82 -22.83
N GLY F 114 23.10 19.36 -23.02
CA GLY F 114 23.89 19.12 -24.21
C GLY F 114 25.36 19.03 -23.83
N ALA F 115 26.19 18.83 -24.85
CA ALA F 115 27.63 18.64 -24.65
C ALA F 115 28.35 18.70 -25.99
N ALA F 116 29.67 18.86 -25.93
CA ALA F 116 30.49 18.97 -27.12
C ALA F 116 30.70 17.63 -27.81
N ILE F 117 30.34 16.54 -27.15
CA ILE F 117 30.33 15.20 -27.74
C ILE F 117 28.98 14.57 -27.46
N VAL F 118 28.73 13.46 -28.15
CA VAL F 118 27.51 12.70 -27.94
C VAL F 118 27.67 11.88 -26.66
N GLY F 119 26.81 12.12 -25.72
CA GLY F 119 26.79 11.32 -24.52
C GLY F 119 25.88 10.11 -24.67
N LEU F 120 26.18 9.09 -23.87
CA LEU F 120 25.42 7.86 -23.84
C LEU F 120 24.27 8.00 -22.82
N VAL F 121 23.03 7.79 -23.28
CA VAL F 121 21.85 7.90 -22.41
C VAL F 121 21.54 6.54 -21.76
N GLY F 122 21.41 6.53 -20.44
CA GLY F 122 21.09 5.31 -19.71
C GLY F 122 20.44 5.61 -18.37
N ARG F 123 20.27 4.56 -17.54
CA ARG F 123 19.80 4.75 -16.17
C ARG F 123 20.75 4.02 -15.24
N THR F 124 20.88 4.51 -14.01
CA THR F 124 21.76 3.88 -13.03
C THR F 124 21.35 4.28 -11.62
N ASP F 125 21.71 3.44 -10.65
CA ASP F 125 21.61 3.83 -9.24
C ASP F 125 22.95 4.24 -8.67
N ALA F 126 23.98 4.33 -9.50
CA ALA F 126 25.31 4.66 -9.02
C ALA F 126 25.48 6.13 -8.62
N VAL F 127 24.65 7.04 -9.11
CA VAL F 127 24.87 8.44 -8.77
C VAL F 127 24.22 8.81 -7.44
N THR F 128 22.98 8.35 -7.22
CA THR F 128 22.19 8.75 -6.06
C THR F 128 21.84 7.61 -5.12
N GLY F 129 22.09 6.35 -5.49
CA GLY F 129 21.63 5.22 -4.72
C GLY F 129 20.32 4.61 -5.21
N PHE F 130 19.61 5.28 -6.11
CA PHE F 130 18.38 4.74 -6.68
C PHE F 130 18.34 5.12 -8.16
N SER F 131 17.46 4.46 -8.91
CA SER F 131 17.57 4.48 -10.37
C SER F 131 17.10 5.82 -10.93
N VAL F 132 17.97 6.49 -11.70
CA VAL F 132 17.60 7.72 -12.41
C VAL F 132 18.22 7.72 -13.80
N LYS F 133 17.67 8.56 -14.66
CA LYS F 133 18.29 8.80 -15.96
C LYS F 133 19.62 9.51 -15.81
N VAL F 134 20.62 9.06 -16.57
CA VAL F 134 21.87 9.76 -16.63
C VAL F 134 22.37 9.82 -18.06
N LEU F 135 23.20 10.82 -18.31
CA LEU F 135 24.13 10.84 -19.43
C LEU F 135 25.52 10.42 -18.94
N THR F 136 26.18 9.58 -19.73
CA THR F 136 27.57 9.20 -19.48
C THR F 136 28.42 9.88 -20.55
N PHE F 137 29.42 10.64 -20.11
CA PHE F 137 30.35 11.28 -21.03
C PHE F 137 31.67 10.62 -20.71
N SER F 138 32.19 9.88 -21.68
CA SER F 138 33.34 9.03 -21.45
C SER F 138 34.65 9.71 -21.80
N SER F 139 34.61 10.91 -22.34
CA SER F 139 35.85 11.67 -22.42
C SER F 139 35.57 13.07 -21.90
N PRO F 140 36.56 13.77 -21.35
CA PRO F 140 36.23 15.03 -20.70
C PRO F 140 35.78 16.03 -21.74
N THR F 141 34.66 16.71 -21.44
CA THR F 141 34.01 17.50 -22.45
C THR F 141 33.31 18.67 -21.80
N ILE F 142 32.79 19.54 -22.65
CA ILE F 142 31.93 20.62 -22.21
C ILE F 142 30.52 20.06 -22.09
N VAL F 143 29.91 20.24 -20.92
CA VAL F 143 28.52 19.87 -20.66
C VAL F 143 27.76 21.15 -20.32
N VAL F 144 26.61 21.32 -20.93
CA VAL F 144 25.77 22.49 -20.74
C VAL F 144 24.40 22.01 -20.26
N VAL F 145 23.85 22.74 -19.30
CA VAL F 145 22.54 22.43 -18.71
C VAL F 145 21.73 23.72 -18.60
N GLY F 146 20.46 23.63 -18.92
CA GLY F 146 19.60 24.79 -18.84
C GLY F 146 19.84 25.79 -19.95
N LEU F 147 18.98 26.80 -20.01
CA LEU F 147 18.98 27.77 -21.09
C LEU F 147 18.85 29.18 -20.53
N ASN F 148 19.63 30.12 -21.11
CA ASN F 148 19.49 31.53 -20.80
C ASN F 148 18.03 31.94 -20.87
N GLY F 149 17.59 32.73 -19.90
CA GLY F 149 16.22 33.19 -19.82
C GLY F 149 15.29 32.27 -19.08
N MET F 150 15.74 31.08 -18.66
CA MET F 150 14.86 30.17 -17.93
C MET F 150 14.37 30.80 -16.63
N SER F 151 13.24 30.28 -16.15
CA SER F 151 12.62 30.80 -14.93
C SER F 151 12.14 29.59 -14.14
N GLY F 152 13.00 29.07 -13.28
CA GLY F 152 12.65 27.86 -12.55
C GLY F 152 13.86 27.25 -11.88
N ILE F 153 13.64 26.07 -11.31
CA ILE F 153 14.69 25.38 -10.57
C ILE F 153 14.77 23.95 -11.05
N TYR F 154 16.00 23.44 -11.19
CA TYR F 154 16.29 22.06 -11.51
C TYR F 154 17.39 21.55 -10.59
N LYS F 155 17.47 20.22 -10.46
CA LYS F 155 18.47 19.57 -9.61
C LYS F 155 19.46 18.81 -10.49
N VAL F 156 20.74 18.89 -10.13
CA VAL F 156 21.81 18.18 -10.82
C VAL F 156 22.52 17.33 -9.80
N CYS F 157 22.81 16.08 -10.18
CA CYS F 157 23.65 15.20 -9.37
C CYS F 157 24.72 14.61 -10.29
N ILE F 158 25.96 14.60 -9.83
CA ILE F 158 27.09 14.17 -10.65
C ILE F 158 27.87 13.09 -9.94
N ALA F 159 28.42 12.16 -10.75
CA ALA F 159 29.47 11.24 -10.34
C ALA F 159 30.56 11.42 -11.39
N ALA F 160 31.42 12.40 -11.15
CA ALA F 160 32.40 12.82 -12.13
C ALA F 160 33.79 12.40 -11.67
N THR F 161 34.65 12.04 -12.62
CA THR F 161 36.05 11.85 -12.30
C THR F 161 36.90 13.07 -12.65
N SER F 162 36.38 14.01 -13.42
CA SER F 162 37.07 15.28 -13.61
C SER F 162 36.01 16.28 -14.02
N GLY F 163 36.35 17.55 -13.88
CA GLY F 163 35.50 18.63 -14.34
C GLY F 163 35.56 19.82 -13.42
N ASN F 164 35.15 20.99 -13.95
CA ASN F 164 35.11 22.22 -13.18
C ASN F 164 33.98 23.10 -13.70
N VAL F 165 33.60 24.08 -12.88
CA VAL F 165 32.65 25.11 -13.26
C VAL F 165 33.38 26.45 -13.14
N GLY F 166 33.61 27.09 -14.27
CA GLY F 166 34.34 28.35 -14.30
C GLY F 166 35.71 28.24 -13.67
N GLY F 167 36.38 27.09 -13.79
CA GLY F 167 37.66 26.88 -13.15
C GLY F 167 37.61 26.38 -11.73
N VAL F 168 36.43 26.34 -11.10
CA VAL F 168 36.32 25.77 -9.77
C VAL F 168 36.06 24.28 -9.91
N LYS F 169 36.95 23.49 -9.31
CA LYS F 169 36.83 22.04 -9.38
C LYS F 169 35.49 21.57 -8.87
N LEU F 170 34.86 20.67 -9.62
CA LEU F 170 33.56 20.17 -9.17
C LEU F 170 33.77 19.23 -7.98
N ILE F 171 32.72 19.11 -7.17
CA ILE F 171 32.66 18.20 -6.02
C ILE F 171 31.46 17.29 -6.25
N ASN F 172 31.65 15.99 -6.09
CA ASN F 172 30.57 15.05 -6.39
C ASN F 172 29.46 15.14 -5.33
N GLY F 173 28.23 15.00 -5.80
CA GLY F 173 27.07 15.30 -5.00
C GLY F 173 26.03 15.95 -5.89
N CYS F 174 25.19 16.79 -5.31
CA CYS F 174 24.07 17.43 -6.01
C CYS F 174 24.09 18.94 -5.75
N GLY F 175 23.27 19.63 -6.54
CA GLY F 175 23.03 21.04 -6.37
C GLY F 175 21.72 21.42 -7.03
N TYR F 176 21.17 22.53 -6.58
CA TYR F 176 20.00 23.14 -7.17
C TYR F 176 20.43 24.37 -7.96
N PHE F 177 19.82 24.56 -9.12
CA PHE F 177 20.16 25.66 -10.00
C PHE F 177 18.92 26.32 -10.57
N ASN F 178 18.97 27.65 -10.69
CA ASN F 178 17.90 28.41 -11.36
C ASN F 178 18.47 29.25 -12.50
N THR F 179 19.65 28.90 -12.99
CA THR F 179 20.29 29.53 -14.13
C THR F 179 20.95 28.42 -14.96
N PRO F 180 21.29 28.71 -16.22
CA PRO F 180 22.05 27.73 -17.00
C PRO F 180 23.43 27.51 -16.40
N LEU F 181 24.01 26.36 -16.68
CA LEU F 181 25.35 26.09 -16.20
C LEU F 181 26.18 25.45 -17.31
N ARG F 182 27.50 25.54 -17.13
CA ARG F 182 28.46 24.95 -18.03
C ARG F 182 29.54 24.29 -17.19
N PHE F 183 29.74 22.99 -17.41
CA PHE F 183 30.86 22.27 -16.86
C PHE F 183 31.92 22.09 -17.95
N ASP F 184 33.17 22.31 -17.59
CA ASP F 184 34.30 22.06 -18.47
C ASP F 184 35.09 20.87 -17.95
N ASN F 185 35.71 20.15 -18.88
CA ASN F 185 36.59 19.03 -18.55
C ASN F 185 35.84 17.94 -17.77
N PHE F 186 34.54 17.81 -18.05
CA PHE F 186 33.65 16.91 -17.33
C PHE F 186 33.74 15.51 -17.92
N GLN F 187 33.96 14.54 -17.05
CA GLN F 187 33.92 13.14 -17.45
C GLN F 187 33.24 12.39 -16.32
N GLY F 188 32.28 11.53 -16.66
CA GLY F 188 31.55 10.78 -15.67
C GLY F 188 30.09 10.79 -15.97
N GLN F 189 29.23 10.71 -14.95
CA GLN F 189 27.80 10.60 -15.13
C GLN F 189 27.13 11.81 -14.54
N ILE F 190 26.04 12.24 -15.21
CA ILE F 190 25.29 13.40 -14.75
C ILE F 190 23.79 13.10 -14.82
N TYR F 191 23.11 13.35 -13.72
CA TYR F 191 21.66 13.37 -13.65
C TYR F 191 21.19 14.83 -13.60
N VAL F 192 20.16 15.13 -14.38
CA VAL F 192 19.54 16.44 -14.40
C VAL F 192 18.04 16.20 -14.27
N SER F 193 17.43 16.78 -13.25
CA SER F 193 15.98 16.65 -13.09
C SER F 193 15.25 17.54 -14.08
N ASP F 194 13.95 17.28 -14.22
CA ASP F 194 13.06 18.23 -14.87
C ASP F 194 13.11 19.57 -14.13
N THR F 195 12.64 20.62 -14.82
CA THR F 195 12.59 21.95 -14.27
C THR F 195 11.20 22.21 -13.68
N PHE F 196 11.19 22.67 -12.44
CA PHE F 196 9.99 23.23 -11.78
C PHE F 196 9.98 24.70 -12.15
N GLU F 197 9.22 25.03 -13.20
CA GLU F 197 9.16 26.36 -13.74
C GLU F 197 8.28 27.21 -12.84
N VAL F 198 8.77 28.40 -12.50
CA VAL F 198 8.00 29.36 -11.75
C VAL F 198 7.96 30.65 -12.57
N ARG F 199 6.77 30.99 -13.05
CA ARG F 199 6.63 32.16 -13.92
C ARG F 199 5.98 33.28 -13.10
N GLY F 200 4.76 33.67 -13.41
CA GLY F 200 4.08 34.66 -12.57
C GLY F 200 3.79 34.10 -11.20
N THR F 201 3.42 34.98 -10.27
CA THR F 201 3.17 34.59 -8.89
C THR F 201 1.94 35.28 -8.32
N LYS F 202 0.83 35.30 -9.04
CA LYS F 202 -0.39 35.91 -8.51
C LYS F 202 -1.46 34.87 -8.13
N ASN F 203 -1.11 33.60 -8.07
CA ASN F 203 -2.00 32.64 -7.46
C ASN F 203 -1.88 32.76 -5.94
N LYS F 204 -2.73 32.05 -5.21
CA LYS F 204 -2.85 32.28 -3.78
C LYS F 204 -2.89 30.97 -3.01
N CYS F 205 -2.36 30.99 -1.78
CA CYS F 205 -2.33 29.79 -0.98
C CYS F 205 -2.42 30.09 0.51
N VAL F 206 -2.66 29.03 1.27
CA VAL F 206 -2.30 28.91 2.68
C VAL F 206 -1.15 27.93 2.77
N LEU F 207 -0.18 28.24 3.63
CA LEU F 207 0.94 27.34 3.87
C LEU F 207 0.82 26.87 5.32
N LEU F 208 0.33 25.64 5.49
CA LEU F 208 0.19 25.05 6.82
C LEU F 208 1.51 24.48 7.29
N ARG F 209 1.89 24.83 8.52
CA ARG F 209 3.12 24.29 9.10
C ARG F 209 3.15 22.79 8.94
N SER F 210 4.29 22.30 8.45
CA SER F 210 4.60 20.87 8.40
C SER F 210 5.71 20.61 9.43
N SER F 211 5.38 19.88 10.49
CA SER F 211 6.34 19.58 11.54
C SER F 211 6.97 18.21 11.37
N SER F 212 8.20 18.09 11.83
CA SER F 212 8.95 16.86 11.89
C SER F 212 8.98 16.32 13.33
N ASP F 213 9.63 15.18 13.50
CA ASP F 213 9.74 14.61 14.84
C ASP F 213 10.92 15.19 15.63
N THR F 214 11.74 16.00 15.00
CA THR F 214 12.81 16.77 15.61
C THR F 214 12.62 18.17 15.05
N PRO F 215 13.32 19.16 15.58
CA PRO F 215 13.15 20.52 15.07
C PRO F 215 13.45 20.57 13.58
N LEU F 216 12.74 21.45 12.90
CA LEU F 216 12.88 21.55 11.46
C LEU F 216 14.28 21.97 11.05
N CYS F 217 14.72 21.45 9.92
CA CYS F 217 15.92 21.95 9.27
C CYS F 217 15.71 23.43 8.92
N SER F 218 16.82 24.14 8.74
CA SER F 218 16.76 25.59 8.58
C SER F 218 16.00 25.96 7.31
N HIS F 219 16.17 25.21 6.24
CA HIS F 219 15.56 25.68 5.01
C HIS F 219 14.05 25.54 5.01
N ILE F 220 13.48 24.63 5.81
CA ILE F 220 12.02 24.58 5.95
C ILE F 220 11.55 25.44 7.11
N MET F 221 12.35 25.59 8.16
CA MET F 221 11.99 26.47 9.25
C MET F 221 11.67 27.87 8.76
N ARG F 222 12.41 28.34 7.75
CA ARG F 222 12.21 29.69 7.22
C ARG F 222 10.85 29.91 6.55
N ASN F 223 10.07 28.86 6.27
CA ASN F 223 8.75 29.08 5.68
C ASN F 223 7.85 29.87 6.62
N VAL F 224 8.20 29.96 7.91
CA VAL F 224 7.46 30.78 8.85
C VAL F 224 7.50 32.24 8.47
N GLU F 225 8.46 32.64 7.62
CA GLU F 225 8.60 34.03 7.22
C GLU F 225 7.60 34.43 6.15
N LEU F 226 6.94 33.49 5.50
CA LEU F 226 6.02 33.80 4.42
C LEU F 226 4.67 34.23 4.99
N ASP F 227 4.06 35.25 4.36
CA ASP F 227 2.78 35.80 4.81
C ASP F 227 1.72 34.73 4.95
N GLU F 228 1.78 33.70 4.11
CA GLU F 228 0.77 32.65 4.07
C GLU F 228 0.94 31.58 5.15
N TYR F 229 2.01 31.64 5.92
CA TYR F 229 2.24 30.62 6.94
C TYR F 229 1.14 30.64 7.98
N VAL F 230 0.66 29.45 8.31
CA VAL F 230 -0.33 29.25 9.36
C VAL F 230 0.13 28.08 10.20
N ASP F 231 0.16 28.30 11.51
CA ASP F 231 0.59 27.28 12.46
C ASP F 231 -0.40 26.11 12.48
N THR F 232 0.11 24.90 12.64
CA THR F 232 -0.65 23.69 12.88
C THR F 232 -0.23 23.11 14.23
N PRO F 233 -1.07 22.28 14.84
CA PRO F 233 -0.74 21.77 16.19
C PRO F 233 0.65 21.17 16.26
N ASN F 234 1.39 21.61 17.27
CA ASN F 234 2.77 21.16 17.45
C ASN F 234 3.12 21.35 18.92
N THR F 235 4.19 20.68 19.34
CA THR F 235 4.68 20.77 20.73
C THR F 235 6.13 21.27 20.67
N GLY F 236 6.32 22.56 20.98
CA GLY F 236 7.62 23.19 20.82
C GLY F 236 8.17 23.11 19.42
N GLY F 237 7.30 23.09 18.42
CA GLY F 237 7.74 23.02 17.05
C GLY F 237 7.83 21.60 16.50
N VAL F 238 7.66 20.59 17.32
CA VAL F 238 7.78 19.21 16.87
C VAL F 238 6.38 18.64 16.71
N TYR F 239 6.25 17.69 15.79
CA TYR F 239 4.99 17.00 15.58
C TYR F 239 4.46 16.44 16.89
N PRO F 240 3.15 16.58 17.17
CA PRO F 240 2.62 16.13 18.46
C PRO F 240 2.74 14.63 18.67
N SER F 241 2.73 14.26 19.95
CA SER F 241 2.88 12.88 20.40
C SER F 241 1.57 12.13 20.50
N ASP F 242 0.54 12.56 19.79
CA ASP F 242 -0.79 11.96 19.86
C ASP F 242 -1.21 11.26 18.57
N GLY F 243 -0.26 10.73 17.81
CA GLY F 243 -0.56 10.14 16.52
C GLY F 243 -0.29 8.64 16.49
N PHE F 244 -0.38 8.10 15.29
CA PHE F 244 -0.11 6.69 15.08
C PHE F 244 1.36 6.38 15.34
N ASP F 245 2.26 7.23 14.87
CA ASP F 245 3.67 7.16 15.23
C ASP F 245 4.14 8.59 15.43
N SER F 246 5.46 8.77 15.60
CA SER F 246 6.03 10.08 15.92
C SER F 246 5.83 11.11 14.79
N LEU F 247 5.42 10.67 13.59
CA LEU F 247 5.33 11.54 12.43
C LEU F 247 3.97 11.56 11.71
N HIS F 248 2.99 10.76 12.12
CA HIS F 248 1.76 10.61 11.35
C HIS F 248 0.53 10.41 12.25
N GLY F 249 -0.61 10.88 11.77
CA GLY F 249 -1.86 10.50 12.38
C GLY F 249 -2.25 11.26 13.63
N SER F 250 -1.65 12.44 13.86
CA SER F 250 -1.88 13.20 15.10
C SER F 250 -3.38 13.46 15.29
N ALA F 251 -3.91 13.10 16.47
CA ALA F 251 -5.32 13.39 16.73
C ALA F 251 -5.60 14.89 16.65
N SER F 252 -4.70 15.71 17.24
CA SER F 252 -4.93 17.14 17.27
C SER F 252 -4.78 17.78 15.90
N VAL F 253 -3.84 17.29 15.07
CA VAL F 253 -3.75 17.86 13.72
C VAL F 253 -5.00 17.48 12.91
N ARG F 254 -5.45 16.24 13.02
CA ARG F 254 -6.64 15.81 12.29
C ARG F 254 -7.82 16.72 12.60
N THR F 255 -8.04 17.00 13.88
CA THR F 255 -9.18 17.83 14.28
C THR F 255 -9.05 19.26 13.76
N PHE F 256 -7.85 19.84 13.84
CA PHE F 256 -7.59 21.17 13.32
C PHE F 256 -7.91 21.26 11.83
N LEU F 257 -7.46 20.26 11.05
CA LEU F 257 -7.68 20.27 9.61
C LEU F 257 -9.15 20.02 9.27
N THR F 258 -9.77 19.01 9.91
CA THR F 258 -11.17 18.72 9.63
C THR F 258 -12.05 19.91 9.96
N ASP F 259 -11.81 20.52 11.11
CA ASP F 259 -12.61 21.69 11.51
C ASP F 259 -12.51 22.79 10.46
N ALA F 260 -11.29 23.07 10.02
CA ALA F 260 -11.03 24.15 9.09
C ALA F 260 -11.60 23.86 7.70
N LEU F 261 -11.74 22.59 7.36
CA LEU F 261 -12.22 22.21 6.05
C LEU F 261 -13.72 21.97 6.00
N THR F 262 -14.40 22.05 7.14
CA THR F 262 -15.84 21.76 7.19
C THR F 262 -16.64 22.92 7.78
N CYS F 263 -16.17 24.15 7.63
CA CYS F 263 -16.99 25.29 7.97
C CYS F 263 -18.32 25.25 7.18
N PRO F 264 -19.47 25.40 7.84
CA PRO F 264 -20.76 25.24 7.14
C PRO F 264 -21.13 26.46 6.30
N ASP F 265 -21.66 26.16 5.10
CA ASP F 265 -22.41 27.14 4.29
C ASP F 265 -21.56 28.35 3.94
N ILE F 266 -20.29 28.12 3.66
CA ILE F 266 -19.42 29.17 3.17
C ILE F 266 -19.55 29.23 1.66
N ASP F 267 -19.80 30.43 1.12
CA ASP F 267 -19.91 30.61 -0.32
C ASP F 267 -18.55 31.03 -0.87
N TRP F 268 -17.71 30.02 -1.14
CA TRP F 268 -16.35 30.28 -1.60
C TRP F 268 -16.31 31.07 -2.91
N SER F 269 -17.35 31.01 -3.71
CA SER F 269 -17.34 31.75 -4.96
C SER F 269 -17.23 33.25 -4.72
N ARG F 270 -17.56 33.73 -3.52
CA ARG F 270 -17.63 35.17 -3.26
C ARG F 270 -16.41 35.73 -2.57
N ILE F 271 -15.33 34.96 -2.44
CA ILE F 271 -14.13 35.50 -1.82
C ILE F 271 -12.90 35.04 -2.59
N ASP F 272 -12.02 35.99 -2.89
CA ASP F 272 -10.76 35.70 -3.60
C ASP F 272 -9.64 35.47 -2.58
N ALA F 273 -9.71 34.30 -1.95
CA ALA F 273 -8.77 33.93 -0.91
C ALA F 273 -8.84 32.44 -0.69
N ALA F 274 -7.74 31.87 -0.23
CA ALA F 274 -7.65 30.46 0.10
C ALA F 274 -8.10 30.17 1.52
N SER F 275 -8.49 31.19 2.30
CA SER F 275 -9.02 31.00 3.64
C SER F 275 -9.71 32.29 4.07
N CYS F 276 -10.45 32.20 5.17
CA CYS F 276 -11.07 33.34 5.84
C CYS F 276 -11.42 32.91 7.25
N GLU F 277 -11.68 33.89 8.08
CA GLU F 277 -12.10 33.67 9.49
C GLU F 277 -13.62 33.49 9.39
N TYR F 278 -14.17 32.54 10.11
CA TYR F 278 -15.56 32.12 9.89
C TYR F 278 -16.52 33.32 9.87
N ASP F 279 -16.44 34.20 10.87
CA ASP F 279 -17.42 35.28 10.95
C ASP F 279 -17.33 36.22 9.75
N SER F 280 -16.15 36.34 9.15
CA SER F 280 -15.92 37.19 7.99
C SER F 280 -16.12 36.46 6.65
N CYS F 281 -16.22 35.14 6.65
CA CYS F 281 -16.42 34.43 5.39
C CYS F 281 -17.80 34.76 4.80
N PRO F 282 -17.90 34.87 3.48
CA PRO F 282 -19.23 35.02 2.89
C PRO F 282 -20.04 33.76 3.08
N LYS F 283 -21.31 33.95 3.43
CA LYS F 283 -22.23 32.86 3.72
C LYS F 283 -23.15 32.64 2.52
N MET F 284 -23.53 31.38 2.32
CA MET F 284 -24.51 31.05 1.30
C MET F 284 -25.79 31.84 1.56
N VAL F 285 -26.39 32.38 0.51
CA VAL F 285 -27.68 33.06 0.61
C VAL F 285 -28.81 32.04 0.55
N LYS F 286 -29.82 32.23 1.39
CA LYS F 286 -30.97 31.34 1.45
C LYS F 286 -32.19 32.07 0.91
N ASP F 287 -33.20 31.29 0.54
CA ASP F 287 -34.44 31.86 0.02
C ASP F 287 -35.04 32.81 1.05
N PHE F 288 -35.50 33.97 0.60
CA PHE F 288 -36.16 34.90 1.50
C PHE F 288 -37.56 34.40 1.84
N ASP F 289 -37.86 34.43 3.14
CA ASP F 289 -39.18 34.07 3.66
C ASP F 289 -39.96 35.37 3.81
N GLN F 290 -40.98 35.54 2.99
CA GLN F 290 -41.78 36.75 3.01
C GLN F 290 -42.96 36.66 3.95
N THR F 291 -42.99 35.65 4.83
CA THR F 291 -44.18 35.43 5.63
C THR F 291 -44.50 36.63 6.51
N SER F 292 -43.48 37.20 7.16
CA SER F 292 -43.73 38.33 8.05
C SER F 292 -44.23 39.55 7.29
N LEU F 293 -43.65 39.81 6.12
CA LEU F 293 -44.14 40.93 5.31
C LEU F 293 -45.60 40.70 4.89
N GLY F 294 -45.95 39.46 4.55
CA GLY F 294 -47.32 39.17 4.17
C GLY F 294 -48.29 39.32 5.32
N ASN F 295 -47.90 38.82 6.51
CA ASN F 295 -48.73 38.98 7.70
C ASN F 295 -48.94 40.46 8.03
N THR F 296 -47.89 41.26 7.87
CA THR F 296 -48.02 42.70 8.08
C THR F 296 -49.04 43.31 7.13
N ASP F 297 -48.93 42.98 5.83
CA ASP F 297 -49.93 43.46 4.86
C ASP F 297 -51.33 43.02 5.28
N THR F 298 -51.49 41.74 5.64
CA THR F 298 -52.83 41.25 5.97
C THR F 298 -53.38 41.91 7.21
N LEU F 299 -52.52 42.24 8.17
CA LEU F 299 -52.99 42.91 9.38
C LEU F 299 -53.46 44.33 9.07
N ILE F 300 -52.69 45.06 8.26
CA ILE F 300 -53.08 46.42 7.92
C ILE F 300 -54.39 46.42 7.16
N MET F 301 -54.53 45.52 6.19
CA MET F 301 -55.77 45.48 5.41
C MET F 301 -56.97 45.28 6.31
N ARG F 302 -56.83 44.48 7.36
CA ARG F 302 -57.92 44.23 8.28
C ARG F 302 -58.35 45.52 9.00
N GLU F 303 -57.38 46.27 9.53
CA GLU F 303 -57.71 47.53 10.19
C GLU F 303 -58.32 48.52 9.20
N VAL F 304 -57.84 48.53 7.97
CA VAL F 304 -58.37 49.47 6.98
C VAL F 304 -59.80 49.10 6.61
N ALA F 305 -60.05 47.80 6.40
CA ALA F 305 -61.41 47.35 6.16
C ALA F 305 -62.32 47.72 7.33
N LEU F 306 -61.80 47.58 8.55
CA LEU F 306 -62.58 47.95 9.73
C LEU F 306 -62.90 49.44 9.71
N HIS F 307 -61.87 50.29 9.53
CA HIS F 307 -62.08 51.73 9.48
C HIS F 307 -63.19 52.07 8.49
N LYS F 308 -63.22 51.38 7.35
CA LYS F 308 -64.28 51.58 6.37
C LYS F 308 -65.65 51.44 7.01
N GLU F 309 -65.87 50.34 7.73
CA GLU F 309 -67.16 50.11 8.36
C GLU F 309 -67.49 51.21 9.37
N MET F 310 -66.54 51.54 10.23
CA MET F 310 -66.77 52.58 11.23
C MET F 310 -67.07 53.92 10.57
N ILE F 311 -66.27 54.31 9.57
CA ILE F 311 -66.55 55.53 8.82
C ILE F 311 -67.98 55.50 8.27
N SER F 312 -68.37 54.36 7.70
CA SER F 312 -69.73 54.20 7.20
C SER F 312 -70.77 54.48 8.28
N LYS F 313 -70.69 53.75 9.40
CA LYS F 313 -71.67 53.92 10.48
C LYS F 313 -71.58 55.32 11.08
N LEU F 314 -70.35 55.85 11.24
CA LEU F 314 -70.21 57.23 11.67
C LEU F 314 -70.89 58.17 10.68
N GLN F 315 -70.69 57.94 9.38
CA GLN F 315 -71.29 58.81 8.38
C GLN F 315 -72.81 58.81 8.49
N ARG F 316 -73.41 57.66 8.80
CA ARG F 316 -74.84 57.59 8.98
C ARG F 316 -75.28 58.45 10.16
MG MG G . 44.87 -44.21 -4.11
MG MG H . -0.15 -16.82 -13.03
C1 79J I . -30.16 -24.23 23.51
C10 79J I . -32.00 -18.08 23.45
C11 79J I . -31.43 -16.79 22.85
O1A 79J I . -29.49 -23.70 22.60
C2 79J I . -31.48 -23.62 23.86
C3 79J I . -31.28 -22.62 25.01
C4 79J I . -30.90 -21.21 24.58
O4 79J I . -30.94 -20.38 25.70
C5 79J I . -31.90 -20.65 23.58
C6 79J I . -31.90 -21.62 22.40
C7 79J I . -33.03 -21.22 21.42
C8 79J I . -33.38 -22.36 20.46
C9 79J I . -32.16 -23.09 19.95
O10 79J I . -32.86 -18.02 24.25
N5 79J I . -31.45 -19.36 23.06
C 79J I . -29.94 -19.43 25.82
O 79J I . -29.13 -19.28 24.95
CH3 79J I . -29.91 -18.61 27.09
O1B 79J I . -29.81 -25.28 24.16
O2 79J I . -32.17 -24.81 24.21
O6 79J I . -32.06 -22.98 22.75
O7 79J I . -34.21 -20.84 22.08
O8 79J I . -33.95 -21.76 19.32
O9 79J I . -31.67 -22.11 19.12
H111 79J I . -31.87 -16.02 23.24
H113 79J I . -31.57 -16.78 21.89
H112 79J I . -30.48 -16.73 23.04
H32 79J I . -32.10 -22.58 25.53
H31 79J I . -30.57 -22.96 25.59
H4 79J I . -30.02 -21.21 24.19
H5 79J I . -32.78 -20.59 23.98
H6 79J I . -31.05 -21.53 21.95
H7 79J I . -32.71 -20.47 20.90
H8 79J I . -34.00 -22.97 20.88
H92 79J I . -31.53 -23.28 20.67
H91 79J I . -32.40 -23.89 19.46
HN5 79J I . -30.82 -19.36 22.48
H14 79J I . -30.80 -18.57 27.48
H15 79J I . -29.29 -19.02 27.73
H16 79J I . -29.60 -17.71 26.90
HO2 79J I . -32.98 -24.76 23.93
HO7 79J I . -34.70 -20.41 21.53
HO8 79J I . -34.54 -22.29 18.99
HO9 79J I . -30.83 -22.19 19.07
C1 GOL J . -18.41 -12.50 19.67
O1 GOL J . -18.58 -12.14 21.01
C2 GOL J . -17.01 -13.08 19.57
O2 GOL J . -16.97 -14.33 20.26
C3 GOL J . -16.60 -13.22 18.09
O3 GOL J . -15.21 -13.40 18.05
H11 GOL J . -18.50 -11.63 19.02
H12 GOL J . -19.15 -13.24 19.38
HO1 GOL J . -19.45 -11.69 21.11
H2 GOL J . -16.32 -12.39 20.05
HO2 GOL J . -17.57 -14.96 19.81
H31 GOL J . -16.87 -12.32 17.55
H32 GOL J . -17.10 -14.07 17.65
HO3 GOL J . -14.98 -14.26 18.46
C FMT K . -36.69 6.31 15.60
O1 FMT K . -36.90 6.72 14.45
O2 FMT K . -35.67 6.60 16.25
H FMT K . -37.44 5.66 16.05
C FMT L . -29.40 4.48 17.79
O1 FMT L . -29.06 4.90 16.68
O2 FMT L . -30.26 3.62 17.94
H FMT L . -28.89 4.91 18.66
C FMT M . -15.77 -31.93 1.52
O1 FMT M . -15.19 -32.41 0.54
O2 FMT M . -15.15 -31.42 2.45
H FMT M . -16.86 -31.97 1.53
C FMT N . -16.03 -4.05 4.23
O1 FMT N . -15.28 -3.76 3.29
O2 FMT N . -15.58 -4.33 5.34
H FMT N . -17.11 -4.07 4.04
MG MG O . 0.96 -50.75 23.75
C1 79J P . -10.40 -9.92 44.31
C10 79J P . -16.71 -10.98 43.81
C11 79J P . -17.58 -11.93 42.99
O1A 79J P . -10.49 -10.89 43.53
C2 79J P . -11.59 -9.61 45.20
C3 79J P . -12.53 -8.75 44.32
C4 79J P . -13.66 -9.50 43.60
O4 79J P . -14.58 -8.55 43.13
C5 79J P . -14.34 -10.45 44.58
C6 79J P . -13.33 -11.42 45.19
C7 79J P . -14.12 -12.16 46.30
C8 79J P . -13.60 -13.58 46.64
C9 79J P . -13.90 -13.96 48.09
O10 79J P . -17.17 -10.04 44.33
N5 79J P . -15.30 -11.27 43.87
C 79J P . -15.03 -8.65 41.82
O 79J P . -14.76 -9.59 41.14
CH3 79J P . -15.92 -7.52 41.33
O1B 79J P . -9.38 -9.17 44.42
O2 79J P . -10.99 -8.87 46.24
O6 79J P . -12.15 -10.80 45.70
O7 79J P . -14.15 -11.29 47.40
O8 79J P . -12.24 -13.80 46.30
O9 79J P . -12.73 -14.49 48.69
H111 79J P . -18.49 -11.61 43.00
H113 79J P . -17.54 -12.82 43.38
H112 79J P . -17.25 -11.97 42.08
H32 79J P . -11.99 -8.30 43.65
H31 79J P . -12.94 -8.08 44.89
H4 79J P . -13.28 -10.01 42.86
H5 79J P . -14.78 -9.95 45.28
H6 79J P . -13.07 -12.06 44.51
H7 79J P . -15.02 -12.26 45.99
H8 79J P . -14.11 -14.19 46.09
H92 79J P . -14.17 -13.17 48.58
H91 79J P . -14.60 -14.62 48.12
HN5 79J P . -15.01 -11.97 43.46
H14 79J P . -16.58 -7.87 40.72
H15 79J P . -16.37 -7.10 42.08
H16 79J P . -15.38 -6.86 40.88
HO2 79J P . -11.50 -8.88 46.92
HO7 79J P . -14.97 -11.20 47.65
HO8 79J P . -12.18 -13.97 45.46
HO9 79J P . -12.90 -14.70 49.50
C1 GOL Q . -15.60 -17.90 30.28
O1 GOL Q . -16.10 -16.58 30.35
C2 GOL Q . -14.45 -17.93 29.28
O2 GOL Q . -13.46 -17.00 29.66
C3 GOL Q . -13.87 -19.35 29.24
O3 GOL Q . -13.16 -19.58 28.05
H11 GOL Q . -16.39 -18.58 29.95
H12 GOL Q . -15.26 -18.21 31.26
HO1 GOL Q . -16.89 -16.56 30.94
H2 GOL Q . -14.84 -17.68 28.29
HO2 GOL Q . -13.11 -17.23 30.55
H31 GOL Q . -14.68 -20.07 29.32
H32 GOL Q . -13.21 -19.49 30.09
HO3 GOL Q . -12.40 -18.95 28.00
C1 GOL R . -14.72 -23.08 22.12
O1 GOL R . -15.33 -24.15 22.82
C2 GOL R . -14.54 -23.39 20.63
O2 GOL R . -14.11 -24.72 20.40
C3 GOL R . -15.82 -23.11 19.86
O3 GOL R . -16.95 -23.69 20.47
H11 GOL R . -13.74 -22.88 22.57
H12 GOL R . -15.33 -22.18 22.24
HO1 GOL R . -15.36 -23.94 23.77
H2 GOL R . -13.78 -22.71 20.25
HO2 GOL R . -14.81 -25.34 20.68
H31 GOL R . -15.72 -23.49 18.86
H32 GOL R . -15.97 -22.03 19.80
HO3 GOL R . -17.35 -23.05 21.09
C FMT S . 5.59 -31.44 39.37
O1 FMT S . 5.32 -30.48 38.63
O2 FMT S . 6.61 -32.11 39.25
H FMT S . 4.90 -31.71 40.17
C FMT T . -6.33 -24.67 48.50
O1 FMT T . -6.88 -24.09 47.55
O2 FMT T . -6.78 -24.64 49.66
H FMT T . -5.42 -25.22 48.29
C FMT U . -27.68 -27.48 44.06
O1 FMT U . -28.47 -27.76 43.15
O2 FMT U . -27.98 -26.69 44.95
H FMT U . -26.69 -27.93 44.09
C FMT V . -26.56 -8.63 37.75
O1 FMT V . -26.71 -8.80 36.53
O2 FMT V . -26.71 -9.55 38.55
H FMT V . -26.29 -7.64 38.09
C FMT W . 18.35 -25.27 47.56
O1 FMT W . 18.03 -24.09 47.44
O2 FMT W . 19.50 -25.67 47.43
H FMT W . 17.56 -25.99 47.79
C FMT X . 9.54 -39.54 51.48
O1 FMT X . 9.49 -38.32 51.30
O2 FMT X . 10.55 -40.21 51.26
H FMT X . 8.64 -40.03 51.84
C FMT Y . 14.11 -26.87 11.81
O1 FMT Y . 13.11 -27.51 12.16
O2 FMT Y . 15.22 -27.01 12.32
H FMT Y . 13.97 -26.13 11.01
C1 79J Z . -18.00 4.60 16.72
C10 79J Z . -19.54 5.14 23.00
C11 79J Z . -19.01 4.62 24.34
O1A 79J Z . -18.30 4.45 15.47
C2 79J Z . -18.90 5.50 17.50
C3 79J Z . -19.85 4.50 18.19
C4 79J Z . -19.48 4.08 19.63
O4 79J Z . -20.62 3.47 20.15
C5 79J Z . -19.14 5.32 20.47
C6 79J Z . -17.92 5.94 19.76
C7 79J Z . -17.51 7.17 20.61
C8 79J Z . -16.16 7.85 20.26
C9 79J Z . -16.33 9.28 19.76
O10 79J Z . -20.59 5.69 22.94
N5 79J Z . -18.76 4.93 21.82
C 79J Z . -20.48 2.37 20.98
O 79J Z . -19.41 1.90 21.18
CH3 79J Z . -21.74 1.81 21.64
O1B 79J Z . -17.05 4.07 17.35
O2 79J Z . -19.42 6.26 16.39
O6 79J Z . -18.18 6.29 18.41
O7 79J Z . -18.56 8.06 20.53
O8 79J Z . -15.38 7.17 19.31
O9 79J Z . -15.43 10.10 20.46
H111 79J Z . -18.18 5.07 24.54
H113 79J Z . -19.67 4.82 25.03
H112 79J Z . -18.87 3.67 24.28
H32 79J Z . -19.89 3.69 17.65
H31 79J Z . -20.73 4.90 18.20
H4 79J Z . -18.74 3.47 19.62
H5 79J Z . -19.88 5.95 20.49
H6 79J Z . -17.20 5.29 19.78
H7 79J Z . -17.45 6.87 21.54
H8 79J Z . -15.64 7.89 21.08
H92 79J Z . -17.24 9.58 19.93
H91 79J Z . -16.14 9.32 18.81
HN5 79J Z . -18.02 4.52 21.91
H14 79J Z . -22.11 1.09 21.10
H15 79J Z . -21.52 1.47 22.53
H16 79J Z . -22.40 2.52 21.73
HO2 79J Z . -18.81 6.74 16.05
HO7 79J Z . -18.84 8.09 19.73
HO8 79J Z . -14.58 7.43 19.37
HO9 79J Z . -15.42 10.87 20.12
C1 GOL AA . -8.31 -7.49 26.60
O1 GOL AA . -7.98 -8.80 26.30
C2 GOL AA . -9.85 -7.27 26.47
O2 GOL AA . -10.43 -7.93 25.34
C3 GOL AA . -10.58 -7.63 27.75
O3 GOL AA . -11.85 -6.99 27.78
H11 GOL AA . -7.79 -6.82 25.92
H12 GOL AA . -8.00 -7.25 27.61
HO1 GOL AA . -7.02 -8.90 26.32
H2 GOL AA . -9.99 -6.20 26.32
HO2 GOL AA . -10.39 -8.91 25.47
H31 GOL AA . -9.99 -7.31 28.61
H32 GOL AA . -10.70 -8.71 27.81
HO3 GOL AA . -12.31 -7.23 28.61
C FMT BA . 19.37 4.55 -0.20
O1 FMT BA . 18.58 4.28 -1.11
O2 FMT BA . 19.68 3.73 0.69
H FMT BA . 19.84 5.54 -0.15
C FMT CA . -10.02 10.54 39.68
O1 FMT CA . -9.41 11.10 38.76
O2 FMT CA . -9.48 9.71 40.42
H FMT CA . -11.07 10.77 39.87
C FMT DA . 20.38 -0.32 35.13
O1 FMT DA . 20.18 -0.20 33.92
O2 FMT DA . 19.90 -1.25 35.79
H FMT DA . 20.98 0.42 35.68
C FMT EA . 25.78 1.32 20.94
O1 FMT EA . 26.48 2.04 20.22
O2 FMT EA . 25.99 0.11 21.10
H FMT EA . 24.94 1.75 21.49
C FMT FA . 21.18 -11.49 30.71
O1 FMT FA . 21.28 -11.39 29.49
O2 FMT FA . 20.82 -10.56 31.43
H FMT FA . 21.41 -12.44 31.20
MG MG GA . -46.01 45.78 2.89
MG MG HA . -21.33 -1.99 -9.81
C1 79J IA . 9.83 10.44 -43.60
C10 79J IA . 14.17 6.27 -41.34
C11 79J IA . 14.43 5.50 -40.06
O1A 79J IA . 9.42 11.42 -44.31
C2 79J IA . 10.85 9.53 -44.22
C3 79J IA . 12.17 9.99 -43.61
C4 79J IA . 12.64 9.23 -42.38
O4 79J IA . 14.00 9.54 -42.20
C5 79J IA . 12.52 7.73 -42.64
C6 79J IA . 11.07 7.38 -42.99
C7 79J IA . 11.10 5.91 -43.42
C8 79J IA . 9.77 5.11 -43.19
C9 79J IA . 9.69 3.86 -44.12
O10 79J IA . 14.96 6.30 -42.21
N5 79J IA . 12.91 6.95 -41.47
C 79J IA . 14.47 9.68 -40.91
O 79J IA . 13.73 9.57 -39.99
CH3 79J IA . 15.95 9.99 -40.71
O1B 79J IA . 9.47 10.16 -42.42
O2 79J IA . 10.75 9.86 -45.58
O6 79J IA . 10.52 8.17 -44.03
O7 79J IA . 11.53 5.92 -44.74
O8 79J IA . 8.63 5.90 -43.32
O9 79J IA . 8.47 3.84 -44.79
H111 79J IA . 13.76 4.79 -39.96
H113 79J IA . 14.39 6.10 -39.31
H112 79J IA . 15.32 5.09 -40.11
H32 79J IA . 12.09 10.93 -43.35
H31 79J IA . 12.87 9.93 -44.28
H4 79J IA . 12.13 9.48 -41.60
H5 79J IA . 13.09 7.50 -43.38
H6 79J IA . 10.51 7.47 -42.18
H7 79J IA . 11.78 5.46 -42.89
H8 79J IA . 9.80 4.78 -42.29
H92 79J IA . 9.77 3.06 -43.58
H91 79J IA . 10.41 3.89 -44.76
HN5 79J IA . 12.36 6.90 -40.81
H14 79J IA . 16.25 9.57 -39.89
H15 79J IA . 16.44 9.65 -41.46
H16 79J IA . 16.06 10.95 -40.64
HO2 79J IA . 10.99 9.20 -46.06
HO7 79J IA . 12.17 5.38 -44.83
HO8 79J IA . 7.96 5.48 -43.01
HO9 79J IA . 8.31 3.06 -45.08
C1 GOL JA . 8.45 8.62 -25.35
O1 GOL JA . 8.05 9.54 -24.41
C2 GOL JA . 9.57 9.17 -26.23
O2 GOL JA . 9.43 10.56 -26.50
C3 GOL JA . 10.91 8.92 -25.57
O3 GOL JA . 11.83 8.77 -26.63
H11 GOL JA . 7.60 8.35 -25.97
H12 GOL JA . 8.79 7.72 -24.84
HO1 GOL JA . 7.29 9.20 -23.90
H2 GOL JA . 9.55 8.63 -27.18
HO2 GOL JA . 9.49 11.06 -25.66
H31 GOL JA . 10.87 8.00 -24.98
H32 GOL JA . 11.19 9.75 -24.94
HO3 GOL JA . 12.71 8.53 -26.26
C1 GOL KA . 3.79 -7.22 -16.23
O1 GOL KA . 2.65 -7.88 -15.74
C2 GOL KA . 3.47 -5.75 -16.50
O2 GOL KA . 2.70 -5.23 -15.43
C3 GOL KA . 4.77 -4.98 -16.66
O3 GOL KA . 4.54 -3.59 -16.74
H11 GOL KA . 4.12 -7.70 -17.16
H12 GOL KA . 4.60 -7.29 -15.51
HO1 GOL KA . 2.85 -8.83 -15.63
H2 GOL KA . 2.90 -5.68 -17.43
HO2 GOL KA . 3.22 -5.28 -14.60
H31 GOL KA . 5.27 -5.31 -17.57
H32 GOL KA . 5.43 -5.20 -15.82
HO3 GOL KA . 5.41 -3.12 -16.77
C FMT LA . 18.05 -12.97 -29.05
O1 FMT LA . 17.04 -13.17 -29.72
O2 FMT LA . 18.02 -12.80 -27.81
H FMT LA . 19.02 -12.92 -29.52
C FMT MA . 13.50 -11.33 -31.71
O1 FMT MA . 13.25 -11.60 -32.90
O2 FMT MA . 14.32 -11.97 -31.04
H FMT MA . 12.97 -10.49 -31.27
C FMT NA . 20.64 8.27 -28.27
O1 FMT NA . 20.60 8.99 -29.28
O2 FMT NA . 20.68 7.02 -28.31
H FMT NA . 20.66 8.77 -27.30
C FMT OA . -15.29 25.55 -9.47
O1 FMT OA . -16.22 24.97 -8.90
O2 FMT OA . -15.22 26.78 -9.55
H FMT OA . -14.51 24.92 -9.90
C FMT PA . -13.21 10.35 -40.20
O1 FMT PA . -14.37 10.59 -39.84
O2 FMT PA . -12.53 9.43 -39.71
H FMT PA . -12.74 10.95 -40.98
C FMT QA . -15.38 -0.31 -8.47
O1 FMT QA . -15.46 0.86 -8.84
O2 FMT QA . -14.30 -0.88 -8.34
H FMT QA . -16.32 -0.83 -8.25
C FMT RA . -15.47 7.38 -32.42
O1 FMT RA . -16.63 7.56 -32.80
O2 FMT RA . -14.57 8.20 -32.59
H FMT RA . -15.26 6.42 -31.93
C1 79J SA . 27.47 28.25 -23.72
C10 79J SA . 28.48 24.83 -29.11
C11 79J SA . 27.63 24.16 -30.24
O1A 79J SA . 26.37 28.17 -24.25
C2 79J SA . 28.74 28.09 -24.59
C3 79J SA . 29.13 26.56 -24.67
C4 79J SA . 28.33 25.81 -25.76
O4 79J SA . 28.69 24.44 -25.88
C5 79J SA . 28.57 26.51 -27.11
C6 79J SA . 28.10 28.00 -27.02
C7 79J SA . 28.41 28.70 -28.38
C8 79J SA . 27.71 30.03 -28.68
C9 79J SA . 28.67 31.06 -29.28
O10 79J SA . 29.61 24.55 -28.96
N5 79J SA . 27.89 25.81 -28.20
C 79J SA . 27.85 23.36 -26.04
O 79J SA . 26.75 23.59 -26.33
CH3 79J SA . 28.50 21.96 -25.85
O1B 79J SA . 27.58 28.40 -22.44
O2 79J SA . 29.69 28.98 -23.97
O6 79J SA . 28.61 28.64 -25.89
O7 79J SA . 29.79 28.77 -28.40
O8 79J SA . 27.08 30.47 -27.56
O9 79J SA . 28.06 32.30 -29.33
H111 79J SA . 28.02 24.34 -31.12
H113 79J SA . 26.72 24.49 -30.24
H112 79J SA . 27.59 23.19 -30.11
H32 79J SA . 29.07 26.10 -23.80
H31 79J SA . 30.10 26.50 -24.90
H4 79J SA . 27.39 25.93 -25.49
H5 79J SA . 29.54 26.52 -27.32
H6 79J SA . 27.13 28.03 -26.91
H7 79J SA . 28.15 28.16 -29.16
H8 79J SA . 27.02 29.83 -29.35
H92 79J SA . 28.91 30.79 -30.17
H91 79J SA . 29.47 31.15 -28.74
HN5 79J SA . 27.03 25.95 -28.34
H14 79J SA . 27.89 21.20 -25.98
H15 79J SA . 29.23 21.86 -26.48
H16 79J SA . 28.85 21.91 -24.95
HO2 79J SA . 30.10 28.66 -23.30
HO7 79J SA . 30.09 28.27 -29.02
HO8 79J SA . 26.39 30.91 -27.78
HO9 79J SA . 28.65 32.90 -29.47
C1 GOL TA . 11.88 20.38 -29.34
O1 GOL TA . 11.03 21.14 -28.51
C2 GOL TA . 13.27 20.27 -28.74
O2 GOL TA . 13.29 20.33 -27.32
C3 GOL TA . 13.87 18.96 -29.25
O3 GOL TA . 15.23 19.16 -29.60
H11 GOL TA . 11.94 20.85 -30.32
H12 GOL TA . 11.46 19.38 -29.47
HO1 GOL TA . 10.15 21.24 -28.95
H2 GOL TA . 13.87 21.09 -29.14
HO2 GOL TA . 12.78 19.58 -26.95
H31 GOL TA . 13.32 18.62 -30.11
H32 GOL TA . 13.80 18.21 -28.46
HO3 GOL TA . 15.58 18.34 -30.00
C FMT UA . 3.11 24.27 -43.02
O1 FMT UA . 1.94 24.49 -43.33
O2 FMT UA . 3.44 23.63 -42.01
H FMT UA . 3.89 24.64 -43.70
C FMT VA . 5.30 44.60 -23.52
O1 FMT VA . 4.20 45.15 -23.56
O2 FMT VA . 5.44 43.41 -23.25
H FMT VA . 6.17 45.22 -23.76
MG MG WA . 4.46 37.18 8.70
C1 79J XA . 19.01 -1.73 -15.23
C10 79J XA . 24.28 1.50 -17.13
C11 79J XA . 24.65 2.98 -17.31
O1A 79J XA . 18.19 -2.72 -15.36
C2 79J XA . 20.45 -2.06 -15.37
C3 79J XA . 20.72 -1.68 -16.84
C4 79J XA . 21.32 -0.29 -17.08
O4 79J XA . 21.76 -0.21 -18.42
C5 79J XA . 22.53 -0.13 -16.17
C6 79J XA . 22.06 -0.22 -14.71
C7 79J XA . 23.30 -0.20 -13.77
C8 79J XA . 23.07 -0.70 -12.33
C9 79J XA . 21.74 -0.21 -11.80
O10 79J XA . 24.98 0.65 -17.55
N5 79J XA . 23.06 1.19 -16.42
C 79J XA . 21.57 0.92 -19.20
O 79J XA . 21.15 1.96 -18.79
CH3 79J XA . 21.97 0.78 -20.68
O1B 79J XA . 18.76 -0.50 -15.04
O2 79J XA . 20.28 -3.42 -15.04
O6 79J XA . 21.27 -1.37 -14.45
O7 79J XA . 24.26 -1.05 -14.28
O8 79J XA . 24.07 -0.20 -11.43
O9 79J XA . 21.96 1.14 -11.79
H111 79J XA . 24.76 3.40 -16.43
H113 79J XA . 25.49 3.06 -17.80
H112 79J XA . 23.95 3.43 -17.79
H32 79J XA . 19.89 -1.75 -17.33
H31 79J XA . 21.34 -2.35 -17.21
H4 79J XA . 20.66 0.40 -16.89
H5 79J XA . 23.20 -0.80 -16.36
H6 79J XA . 21.53 0.57 -14.53
H7 79J XA . 23.65 0.71 -13.74
H8 79J XA . 23.08 -1.66 -12.32
H92 79J XA . 21.02 -0.44 -12.40
H91 79J XA . 21.58 -0.54 -10.90
HN5 79J XA . 22.59 1.85 -16.14
H14 79J XA . 22.65 0.10 -20.77
H15 79J XA . 22.33 1.62 -21.00
H16 79J XA . 21.19 0.54 -21.20
HO2 79J XA . 21.03 -3.78 -14.88
HO7 79J XA . 25.02 -0.81 -14.01
HO8 79J XA . 24.35 -0.85 -10.95
HO9 79J XA . 21.22 1.54 -11.89
C1 GOL YA . 15.85 16.36 -17.43
O1 GOL YA . 14.60 16.91 -17.77
C2 GOL YA . 16.24 15.15 -18.31
O2 GOL YA . 15.14 14.59 -19.01
C3 GOL YA . 17.29 15.56 -19.31
O3 GOL YA . 17.88 14.42 -19.88
H11 GOL YA . 15.82 16.05 -16.39
H12 GOL YA . 16.61 17.13 -17.53
HO1 GOL YA . 14.38 17.63 -17.14
H2 GOL YA . 16.66 14.39 -17.66
HO2 GOL YA . 14.79 15.27 -19.63
H31 GOL YA . 18.06 16.16 -18.80
H32 GOL YA . 16.85 16.18 -20.08
HO3 GOL YA . 18.50 14.69 -20.59
C FMT ZA . -4.54 2.06 0.94
O1 FMT ZA . -5.34 2.86 0.44
O2 FMT ZA . -3.54 1.69 0.33
H FMT ZA . -4.69 1.68 1.95
C FMT AB . 5.75 11.44 4.80
O1 FMT AB . 5.37 11.74 3.68
O2 FMT AB . 5.12 11.82 5.79
H FMT AB . 6.65 10.83 4.90
C FMT BB . 11.10 12.39 -14.21
O1 FMT BB . 11.04 12.98 -15.30
O2 FMT BB . 11.06 11.17 -14.15
H FMT BB . 11.18 13.00 -13.32
#